data_7PDI
# 
_entry.id   7PDI 
# 
_audit_conform.dict_name       mmcif_pdbx.dic 
_audit_conform.dict_version    5.384 
_audit_conform.dict_location   http://mmcif.pdb.org/dictionaries/ascii/mmcif_pdbx.dic 
# 
loop_
_database_2.database_id 
_database_2.database_code 
_database_2.pdbx_database_accession 
_database_2.pdbx_DOI 
PDB   7PDI         pdb_00007pdi 10.2210/pdb7pdi/pdb 
WWPDB D_1292117456 ?            ?                   
# 
loop_
_pdbx_audit_revision_history.ordinal 
_pdbx_audit_revision_history.data_content_type 
_pdbx_audit_revision_history.major_revision 
_pdbx_audit_revision_history.minor_revision 
_pdbx_audit_revision_history.revision_date 
1 'Structure model' 1 0 2021-08-18 
2 'Structure model' 1 1 2024-01-31 
# 
_pdbx_audit_revision_details.ordinal             1 
_pdbx_audit_revision_details.revision_ordinal    1 
_pdbx_audit_revision_details.data_content_type   'Structure model' 
_pdbx_audit_revision_details.provider            repository 
_pdbx_audit_revision_details.type                'Initial release' 
_pdbx_audit_revision_details.description         ? 
_pdbx_audit_revision_details.details             ? 
# 
loop_
_pdbx_audit_revision_group.ordinal 
_pdbx_audit_revision_group.revision_ordinal 
_pdbx_audit_revision_group.data_content_type 
_pdbx_audit_revision_group.group 
1 2 'Structure model' 'Data collection'        
2 2 'Structure model' 'Derived calculations'   
3 2 'Structure model' 'Refinement description' 
4 2 'Structure model' 'Structure summary'      
# 
loop_
_pdbx_audit_revision_category.ordinal 
_pdbx_audit_revision_category.revision_ordinal 
_pdbx_audit_revision_category.data_content_type 
_pdbx_audit_revision_category.category 
1 2 'Structure model' atom_type                     
2 2 'Structure model' chem_comp                     
3 2 'Structure model' chem_comp_atom                
4 2 'Structure model' chem_comp_bond                
5 2 'Structure model' pdbx_initial_refinement_model 
# 
loop_
_pdbx_audit_revision_item.ordinal 
_pdbx_audit_revision_item.revision_ordinal 
_pdbx_audit_revision_item.data_content_type 
_pdbx_audit_revision_item.item 
1 2 'Structure model' '_atom_type.pdbx_N_electrons' 
2 2 'Structure model' '_atom_type.pdbx_scat_Z'      
3 2 'Structure model' '_chem_comp.name'             
4 2 'Structure model' '_chem_comp.pdbx_synonyms'    
# 
_pdbx_database_status.status_code                     REL 
_pdbx_database_status.status_code_sf                  REL 
_pdbx_database_status.status_code_mr                  ? 
_pdbx_database_status.entry_id                        7PDI 
_pdbx_database_status.recvd_initial_deposition_date   2021-08-05 
_pdbx_database_status.SG_entry                        N 
_pdbx_database_status.deposit_site                    PDBE 
_pdbx_database_status.process_site                    PDBE 
_pdbx_database_status.status_code_cs                  ? 
_pdbx_database_status.status_code_nmr_data            ? 
_pdbx_database_status.methods_development_category    ? 
_pdbx_database_status.pdb_format_compatible           Y 
# 
loop_
_audit_author.name 
_audit_author.pdbx_ordinal 
_audit_author.identifier_ORCID 
'Venter, P.'   1 0000-0001-5566-9914 
'Sewell, B.T.' 2 0000-0002-6701-2394 
'Trindade, M.' 3 0000-0002-2478-0270 
'Mandyoli, L.' 4 0000-0002-1761-0580 
'van Zyl, L.'  5 0000-0001-9364-8671 
# 
_citation.abstract                  ? 
_citation.abstract_id_CAS           ? 
_citation.book_id_ISBN              ? 
_citation.book_publisher            ? 
_citation.book_publisher_city       ? 
_citation.book_title                ? 
_citation.coordinate_linkage        ? 
_citation.country                   ? 
_citation.database_id_Medline       ? 
_citation.details                   ? 
_citation.id                        primary 
_citation.journal_abbrev            'To Be Published' 
_citation.journal_id_ASTM           ? 
_citation.journal_id_CSD            0353 
_citation.journal_id_ISSN           ? 
_citation.journal_full              ? 
_citation.journal_issue             ? 
_citation.journal_volume            ? 
_citation.language                  ? 
_citation.page_first                ? 
_citation.page_last                 ? 
_citation.title                     
'Crystal structure of the holo-acyl carrier protein (holo-AcpP) from Pseudomonas putida. Produced as an apo/holo mixture.' 
_citation.year                      ? 
_citation.database_id_CSD           ? 
_citation.pdbx_database_id_DOI      ? 
_citation.pdbx_database_id_PubMed   ? 
_citation.pdbx_database_id_patent   ? 
_citation.unpublished_flag          ? 
# 
_citation_author.citation_id        primary 
_citation_author.name               'Venter, P.' 
_citation_author.ordinal            1 
_citation_author.identifier_ORCID   0000-0001-5566-9914 
# 
loop_
_entity.id 
_entity.type 
_entity.src_method 
_entity.pdbx_description 
_entity.formula_weight 
_entity.pdbx_number_of_molecules 
_entity.pdbx_ec 
_entity.pdbx_mutation 
_entity.pdbx_fragment 
_entity.details 
1 polymer man 'Acyl carrier protein' 9340.253 1  ? ? ? 
;holo-acyl carrier protein (holo-AcpP). The protein was produced and crystallized as an apo/holo-AcpP mixture and therefore has lower occupancy of the posttranslationally attached ligand (phosphopantetheine (4HH))
;
2 water   nat water                  18.015   37 ? ? ? ? 
# 
_entity_name_com.entity_id   1 
_entity_name_com.name        ACP 
# 
_entity_poly.entity_id                      1 
_entity_poly.type                           'polypeptide(L)' 
_entity_poly.nstd_linkage                   no 
_entity_poly.nstd_monomer                   yes 
_entity_poly.pdbx_seq_one_letter_code       
;GPLGSSTIEERVKKIVAEQLGVKEEEVTVEKSFVDDLGAD(4HH)LDTVELVMALEEEFETEIPDEEAEKITTVQAAIDY
VKAHQA
;
_entity_poly.pdbx_seq_one_letter_code_can   
;GPLGSSTIEERVKKIVAEQLGVKEEEVTVEKSFVDDLGADXLDTVELVMALEEEFETEIPDEEAEKITTVQAAIDYVKAH
QA
;
_entity_poly.pdbx_strand_id                 A 
_entity_poly.pdbx_target_identifier         ? 
# 
_pdbx_entity_nonpoly.entity_id   2 
_pdbx_entity_nonpoly.name        water 
_pdbx_entity_nonpoly.comp_id     HOH 
# 
loop_
_entity_poly_seq.entity_id 
_entity_poly_seq.num 
_entity_poly_seq.mon_id 
_entity_poly_seq.hetero 
1 1  GLY n 
1 2  PRO n 
1 3  LEU n 
1 4  GLY n 
1 5  SER n 
1 6  SER n 
1 7  THR n 
1 8  ILE n 
1 9  GLU n 
1 10 GLU n 
1 11 ARG n 
1 12 VAL n 
1 13 LYS n 
1 14 LYS n 
1 15 ILE n 
1 16 VAL n 
1 17 ALA n 
1 18 GLU n 
1 19 GLN n 
1 20 LEU n 
1 21 GLY n 
1 22 VAL n 
1 23 LYS n 
1 24 GLU n 
1 25 GLU n 
1 26 GLU n 
1 27 VAL n 
1 28 THR n 
1 29 VAL n 
1 30 GLU n 
1 31 LYS n 
1 32 SER n 
1 33 PHE n 
1 34 VAL n 
1 35 ASP n 
1 36 ASP n 
1 37 LEU n 
1 38 GLY n 
1 39 ALA n 
1 40 ASP n 
1 41 4HH n 
1 42 LEU n 
1 43 ASP n 
1 44 THR n 
1 45 VAL n 
1 46 GLU n 
1 47 LEU n 
1 48 VAL n 
1 49 MET n 
1 50 ALA n 
1 51 LEU n 
1 52 GLU n 
1 53 GLU n 
1 54 GLU n 
1 55 PHE n 
1 56 GLU n 
1 57 THR n 
1 58 GLU n 
1 59 ILE n 
1 60 PRO n 
1 61 ASP n 
1 62 GLU n 
1 63 GLU n 
1 64 ALA n 
1 65 GLU n 
1 66 LYS n 
1 67 ILE n 
1 68 THR n 
1 69 THR n 
1 70 VAL n 
1 71 GLN n 
1 72 ALA n 
1 73 ALA n 
1 74 ILE n 
1 75 ASP n 
1 76 TYR n 
1 77 VAL n 
1 78 LYS n 
1 79 ALA n 
1 80 HIS n 
1 81 GLN n 
1 82 ALA n 
# 
_entity_src_gen.entity_id                          1 
_entity_src_gen.pdbx_src_id                        1 
_entity_src_gen.pdbx_alt_source_flag               sample 
_entity_src_gen.pdbx_seq_type                      'Biological sequence' 
_entity_src_gen.pdbx_beg_seq_num                   1 
_entity_src_gen.pdbx_end_seq_num                   82 
_entity_src_gen.gene_src_common_name               ? 
_entity_src_gen.gene_src_genus                     ? 
_entity_src_gen.pdbx_gene_src_gene                 'acpP, PP_1915' 
_entity_src_gen.gene_src_species                   ? 
_entity_src_gen.gene_src_strain                    'ATCC 47054 / DSM 6125 / NCIMB 11950 / KT2440' 
_entity_src_gen.gene_src_tissue                    ? 
_entity_src_gen.gene_src_tissue_fraction           ? 
_entity_src_gen.gene_src_details                   ? 
_entity_src_gen.pdbx_gene_src_fragment             ? 
_entity_src_gen.pdbx_gene_src_scientific_name      'Pseudomonas putida (strain ATCC 47054 / DSM 6125 / NCIMB 11950 / KT2440)' 
_entity_src_gen.pdbx_gene_src_ncbi_taxonomy_id     160488 
_entity_src_gen.pdbx_gene_src_variant              ? 
_entity_src_gen.pdbx_gene_src_cell_line            ? 
_entity_src_gen.pdbx_gene_src_atcc                 ? 
_entity_src_gen.pdbx_gene_src_organ                ? 
_entity_src_gen.pdbx_gene_src_organelle            ? 
_entity_src_gen.pdbx_gene_src_cell                 ? 
_entity_src_gen.pdbx_gene_src_cellular_location    ? 
_entity_src_gen.host_org_common_name               ? 
_entity_src_gen.pdbx_host_org_scientific_name      'Escherichia coli BL21(DE3)' 
_entity_src_gen.pdbx_host_org_ncbi_taxonomy_id     469008 
_entity_src_gen.host_org_genus                     ? 
_entity_src_gen.pdbx_host_org_gene                 ? 
_entity_src_gen.pdbx_host_org_organ                ? 
_entity_src_gen.host_org_species                   ? 
_entity_src_gen.pdbx_host_org_tissue               ? 
_entity_src_gen.pdbx_host_org_tissue_fraction      ? 
_entity_src_gen.pdbx_host_org_strain               ? 
_entity_src_gen.pdbx_host_org_variant              ? 
_entity_src_gen.pdbx_host_org_cell_line            ? 
_entity_src_gen.pdbx_host_org_atcc                 ? 
_entity_src_gen.pdbx_host_org_culture_collection   ? 
_entity_src_gen.pdbx_host_org_cell                 ? 
_entity_src_gen.pdbx_host_org_organelle            ? 
_entity_src_gen.pdbx_host_org_cellular_location    ? 
_entity_src_gen.pdbx_host_org_vector_type          Plasmid 
_entity_src_gen.pdbx_host_org_vector               ? 
_entity_src_gen.host_org_details                   ? 
_entity_src_gen.expression_system_id               ? 
_entity_src_gen.plasmid_name                       pGEX-6P-2 
_entity_src_gen.plasmid_details                    ? 
_entity_src_gen.pdbx_description                   ? 
# 
loop_
_chem_comp.id 
_chem_comp.type 
_chem_comp.mon_nstd_flag 
_chem_comp.name 
_chem_comp.pdbx_synonyms 
_chem_comp.formula 
_chem_comp.formula_weight 
4HH 'L-peptide linking' n "4'-phosphopanthetheine-serine" 
'O-[(S)-hydroxy{[(3R)-3-hydroxy-2,2-dimethyl-4-oxo-4-({3-oxo-3-[(2-sulfanylethyl)amino]propyl}amino)butyl]oxy}phosphoryl]-L-serine' 
'C14 H28 N3 O9 P S' 445.426 
ALA 'L-peptide linking' y ALANINE                         ? 'C3 H7 N O2'        89.093  
ARG 'L-peptide linking' y ARGININE                        ? 'C6 H15 N4 O2 1'    175.209 
ASP 'L-peptide linking' y 'ASPARTIC ACID'                 ? 'C4 H7 N O4'        133.103 
GLN 'L-peptide linking' y GLUTAMINE                       ? 'C5 H10 N2 O3'      146.144 
GLU 'L-peptide linking' y 'GLUTAMIC ACID'                 ? 'C5 H9 N O4'        147.129 
GLY 'peptide linking'   y GLYCINE                         ? 'C2 H5 N O2'        75.067  
HIS 'L-peptide linking' y HISTIDINE                       ? 'C6 H10 N3 O2 1'    156.162 
HOH non-polymer         . WATER                           ? 'H2 O'              18.015  
ILE 'L-peptide linking' y ISOLEUCINE                      ? 'C6 H13 N O2'       131.173 
LEU 'L-peptide linking' y LEUCINE                         ? 'C6 H13 N O2'       131.173 
LYS 'L-peptide linking' y LYSINE                          ? 'C6 H15 N2 O2 1'    147.195 
MET 'L-peptide linking' y METHIONINE                      ? 'C5 H11 N O2 S'     149.211 
PHE 'L-peptide linking' y PHENYLALANINE                   ? 'C9 H11 N O2'       165.189 
PRO 'L-peptide linking' y PROLINE                         ? 'C5 H9 N O2'        115.130 
SER 'L-peptide linking' y SERINE                          ? 'C3 H7 N O3'        105.093 
THR 'L-peptide linking' y THREONINE                       ? 'C4 H9 N O3'        119.119 
TYR 'L-peptide linking' y TYROSINE                        ? 'C9 H11 N O3'       181.189 
VAL 'L-peptide linking' y VALINE                          ? 'C5 H11 N O2'       117.146 
# 
loop_
_pdbx_poly_seq_scheme.asym_id 
_pdbx_poly_seq_scheme.entity_id 
_pdbx_poly_seq_scheme.seq_id 
_pdbx_poly_seq_scheme.mon_id 
_pdbx_poly_seq_scheme.ndb_seq_num 
_pdbx_poly_seq_scheme.pdb_seq_num 
_pdbx_poly_seq_scheme.auth_seq_num 
_pdbx_poly_seq_scheme.pdb_mon_id 
_pdbx_poly_seq_scheme.auth_mon_id 
_pdbx_poly_seq_scheme.pdb_strand_id 
_pdbx_poly_seq_scheme.pdb_ins_code 
_pdbx_poly_seq_scheme.hetero 
A 1 1  GLY 1  1  1  GLY GLY A . n 
A 1 2  PRO 2  2  2  PRO PRO A . n 
A 1 3  LEU 3  3  3  LEU LEU A . n 
A 1 4  GLY 4  4  4  GLY GLY A . n 
A 1 5  SER 5  5  5  SER SER A . n 
A 1 6  SER 6  6  6  SER SER A . n 
A 1 7  THR 7  7  7  THR THR A . n 
A 1 8  ILE 8  8  8  ILE ILE A . n 
A 1 9  GLU 9  9  9  GLU GLU A . n 
A 1 10 GLU 10 10 10 GLU GLU A . n 
A 1 11 ARG 11 11 11 ARG ARG A . n 
A 1 12 VAL 12 12 12 VAL VAL A . n 
A 1 13 LYS 13 13 13 LYS LYS A . n 
A 1 14 LYS 14 14 14 LYS LYS A . n 
A 1 15 ILE 15 15 15 ILE ILE A . n 
A 1 16 VAL 16 16 16 VAL VAL A . n 
A 1 17 ALA 17 17 17 ALA ALA A . n 
A 1 18 GLU 18 18 18 GLU GLU A . n 
A 1 19 GLN 19 19 19 GLN GLN A . n 
A 1 20 LEU 20 20 20 LEU LEU A . n 
A 1 21 GLY 21 21 21 GLY GLY A . n 
A 1 22 VAL 22 22 22 VAL VAL A . n 
A 1 23 LYS 23 23 23 LYS LYS A . n 
A 1 24 GLU 24 24 24 GLU GLU A . n 
A 1 25 GLU 25 25 25 GLU GLU A . n 
A 1 26 GLU 26 26 26 GLU GLU A . n 
A 1 27 VAL 27 27 27 VAL VAL A . n 
A 1 28 THR 28 28 28 THR THR A . n 
A 1 29 VAL 29 29 29 VAL VAL A . n 
A 1 30 GLU 30 30 30 GLU GLU A . n 
A 1 31 LYS 31 31 31 LYS LYS A . n 
A 1 32 SER 32 32 32 SER SER A . n 
A 1 33 PHE 33 33 33 PHE PHE A . n 
A 1 34 VAL 34 34 34 VAL VAL A . n 
A 1 35 ASP 35 35 35 ASP ASP A . n 
A 1 36 ASP 36 36 36 ASP ASP A . n 
A 1 37 LEU 37 37 37 LEU LEU A . n 
A 1 38 GLY 38 38 38 GLY GLY A . n 
A 1 39 ALA 39 39 39 ALA ALA A . n 
A 1 40 ASP 40 40 40 ASP ASP A . n 
A 1 41 4HH 41 41 41 4HH 4HH A . n 
A 1 42 LEU 42 42 42 LEU LEU A . n 
A 1 43 ASP 43 43 43 ASP ASP A . n 
A 1 44 THR 44 44 44 THR THR A . n 
A 1 45 VAL 45 45 45 VAL VAL A . n 
A 1 46 GLU 46 46 46 GLU GLU A . n 
A 1 47 LEU 47 47 47 LEU LEU A . n 
A 1 48 VAL 48 48 48 VAL VAL A . n 
A 1 49 MET 49 49 49 MET MET A . n 
A 1 50 ALA 50 50 50 ALA ALA A . n 
A 1 51 LEU 51 51 51 LEU LEU A . n 
A 1 52 GLU 52 52 52 GLU GLU A . n 
A 1 53 GLU 53 53 53 GLU GLU A . n 
A 1 54 GLU 54 54 54 GLU GLU A . n 
A 1 55 PHE 55 55 55 PHE PHE A . n 
A 1 56 GLU 56 56 56 GLU GLU A . n 
A 1 57 THR 57 57 57 THR THR A . n 
A 1 58 GLU 58 58 58 GLU GLU A . n 
A 1 59 ILE 59 59 59 ILE ILE A . n 
A 1 60 PRO 60 60 60 PRO PRO A . n 
A 1 61 ASP 61 61 61 ASP ASP A . n 
A 1 62 GLU 62 62 62 GLU GLU A . n 
A 1 63 GLU 63 63 63 GLU GLU A . n 
A 1 64 ALA 64 64 64 ALA ALA A . n 
A 1 65 GLU 65 65 65 GLU GLU A . n 
A 1 66 LYS 66 66 66 LYS LYS A . n 
A 1 67 ILE 67 67 67 ILE ILE A . n 
A 1 68 THR 68 68 68 THR THR A . n 
A 1 69 THR 69 69 69 THR THR A . n 
A 1 70 VAL 70 70 70 VAL VAL A . n 
A 1 71 GLN 71 71 71 GLN GLN A . n 
A 1 72 ALA 72 72 72 ALA ALA A . n 
A 1 73 ALA 73 73 73 ALA ALA A . n 
A 1 74 ILE 74 74 74 ILE ILE A . n 
A 1 75 ASP 75 75 75 ASP ASP A . n 
A 1 76 TYR 76 76 76 TYR TYR A . n 
A 1 77 VAL 77 77 77 VAL VAL A . n 
A 1 78 LYS 78 78 78 LYS LYS A . n 
A 1 79 ALA 79 79 79 ALA ALA A . n 
A 1 80 HIS 80 80 80 HIS HIS A . n 
A 1 81 GLN 81 81 81 GLN GLN A . n 
A 1 82 ALA 82 82 82 ALA ALA A . n 
# 
loop_
_pdbx_nonpoly_scheme.asym_id 
_pdbx_nonpoly_scheme.entity_id 
_pdbx_nonpoly_scheme.mon_id 
_pdbx_nonpoly_scheme.ndb_seq_num 
_pdbx_nonpoly_scheme.pdb_seq_num 
_pdbx_nonpoly_scheme.auth_seq_num 
_pdbx_nonpoly_scheme.pdb_mon_id 
_pdbx_nonpoly_scheme.auth_mon_id 
_pdbx_nonpoly_scheme.pdb_strand_id 
_pdbx_nonpoly_scheme.pdb_ins_code 
B 2 HOH 1  101 35 HOH HOH A . 
B 2 HOH 2  102 56 HOH HOH A . 
B 2 HOH 3  103 23 HOH HOH A . 
B 2 HOH 4  104 3  HOH HOH A . 
B 2 HOH 5  105 17 HOH HOH A . 
B 2 HOH 6  106 29 HOH HOH A . 
B 2 HOH 7  107 20 HOH HOH A . 
B 2 HOH 8  108 12 HOH HOH A . 
B 2 HOH 9  109 47 HOH HOH A . 
B 2 HOH 10 110 2  HOH HOH A . 
B 2 HOH 11 111 54 HOH HOH A . 
B 2 HOH 12 112 16 HOH HOH A . 
B 2 HOH 13 113 15 HOH HOH A . 
B 2 HOH 14 114 6  HOH HOH A . 
B 2 HOH 15 115 59 HOH HOH A . 
B 2 HOH 16 116 32 HOH HOH A . 
B 2 HOH 17 117 46 HOH HOH A . 
B 2 HOH 18 118 4  HOH HOH A . 
B 2 HOH 19 119 52 HOH HOH A . 
B 2 HOH 20 120 7  HOH HOH A . 
B 2 HOH 21 121 19 HOH HOH A . 
B 2 HOH 22 122 58 HOH HOH A . 
B 2 HOH 23 123 27 HOH HOH A . 
B 2 HOH 24 124 25 HOH HOH A . 
B 2 HOH 25 125 5  HOH HOH A . 
B 2 HOH 26 126 57 HOH HOH A . 
B 2 HOH 27 127 28 HOH HOH A . 
B 2 HOH 28 128 22 HOH HOH A . 
B 2 HOH 29 129 39 HOH HOH A . 
B 2 HOH 30 130 10 HOH HOH A . 
B 2 HOH 31 131 13 HOH HOH A . 
B 2 HOH 32 132 8  HOH HOH A . 
B 2 HOH 33 133 60 HOH HOH A . 
B 2 HOH 34 134 40 HOH HOH A . 
B 2 HOH 35 135 33 HOH HOH A . 
B 2 HOH 36 136 37 HOH HOH A . 
B 2 HOH 37 137 34 HOH HOH A . 
# 
loop_
_software.citation_id 
_software.classification 
_software.compiler_name 
_software.compiler_version 
_software.contact_author 
_software.contact_author_email 
_software.date 
_software.description 
_software.dependencies 
_software.hardware 
_software.language 
_software.location 
_software.mods 
_software.name 
_software.os 
_software.os_version 
_software.type 
_software.version 
_software.pdbx_ordinal 
? refinement       ? ? ? ? ? ? ? ? ? ? ? REFMAC ? ? ? 5.8.0267         1 
? 'data reduction' ? ? ? ? ? ? ? ? ? ? ? DIALS  ? ? ? 2.210-g6dafd9427 2 
? 'data scaling'   ? ? ? ? ? ? ? ? ? ? ? DIALS  ? ? ? 2.210-g6dafd9427 3 
? phasing          ? ? ? ? ? ? ? ? ? ? ? PHASER ? ? ? .                4 
# 
_cell.angle_alpha                  90.000 
_cell.angle_alpha_esd              ? 
_cell.angle_beta                   90.000 
_cell.angle_beta_esd               ? 
_cell.angle_gamma                  90.000 
_cell.angle_gamma_esd              ? 
_cell.entry_id                     7PDI 
_cell.details                      ? 
_cell.formula_units_Z              ? 
_cell.length_a                     44.492 
_cell.length_a_esd                 ? 
_cell.length_b                     56.973 
_cell.length_b_esd                 ? 
_cell.length_c                     61.937 
_cell.length_c_esd                 ? 
_cell.volume                       ? 
_cell.volume_esd                   ? 
_cell.Z_PDB                        8 
_cell.reciprocal_angle_alpha       ? 
_cell.reciprocal_angle_beta        ? 
_cell.reciprocal_angle_gamma       ? 
_cell.reciprocal_angle_alpha_esd   ? 
_cell.reciprocal_angle_beta_esd    ? 
_cell.reciprocal_angle_gamma_esd   ? 
_cell.reciprocal_length_a          ? 
_cell.reciprocal_length_b          ? 
_cell.reciprocal_length_c          ? 
_cell.reciprocal_length_a_esd      ? 
_cell.reciprocal_length_b_esd      ? 
_cell.reciprocal_length_c_esd      ? 
_cell.pdbx_unique_axis             ? 
# 
_symmetry.entry_id                         7PDI 
_symmetry.cell_setting                     ? 
_symmetry.Int_Tables_number                20 
_symmetry.space_group_name_Hall            ? 
_symmetry.space_group_name_H-M             'C 2 2 21' 
_symmetry.pdbx_full_space_group_name_H-M   ? 
# 
_exptl.absorpt_coefficient_mu     ? 
_exptl.absorpt_correction_T_max   ? 
_exptl.absorpt_correction_T_min   ? 
_exptl.absorpt_correction_type    ? 
_exptl.absorpt_process_details    ? 
_exptl.entry_id                   7PDI 
_exptl.crystals_number            1 
_exptl.details                    ? 
_exptl.method                     'X-RAY DIFFRACTION' 
_exptl.method_details             ? 
# 
_exptl_crystal.colour                      ? 
_exptl_crystal.density_diffrn              ? 
_exptl_crystal.density_Matthews            2.18 
_exptl_crystal.density_method              ? 
_exptl_crystal.density_percent_sol         43.59 
_exptl_crystal.description                 ? 
_exptl_crystal.F_000                       ? 
_exptl_crystal.id                          1 
_exptl_crystal.preparation                 ? 
_exptl_crystal.size_max                    ? 
_exptl_crystal.size_mid                    ? 
_exptl_crystal.size_min                    ? 
_exptl_crystal.size_rad                    ? 
_exptl_crystal.colour_lustre               ? 
_exptl_crystal.colour_modifier             ? 
_exptl_crystal.colour_primary              ? 
_exptl_crystal.density_meas                ? 
_exptl_crystal.density_meas_esd            ? 
_exptl_crystal.density_meas_gt             ? 
_exptl_crystal.density_meas_lt             ? 
_exptl_crystal.density_meas_temp           ? 
_exptl_crystal.density_meas_temp_esd       ? 
_exptl_crystal.density_meas_temp_gt        ? 
_exptl_crystal.density_meas_temp_lt        ? 
_exptl_crystal.pdbx_crystal_image_url      ? 
_exptl_crystal.pdbx_crystal_image_format   ? 
_exptl_crystal.pdbx_mosaicity              ? 
_exptl_crystal.pdbx_mosaicity_esd          ? 
# 
_exptl_crystal_grow.apparatus       ? 
_exptl_crystal_grow.atmosphere      ? 
_exptl_crystal_grow.crystal_id      1 
_exptl_crystal_grow.details         ? 
_exptl_crystal_grow.method          'VAPOR DIFFUSION, SITTING DROP' 
_exptl_crystal_grow.method_ref      ? 
_exptl_crystal_grow.pH              ? 
_exptl_crystal_grow.pressure        ? 
_exptl_crystal_grow.pressure_esd    ? 
_exptl_crystal_grow.seeding         ? 
_exptl_crystal_grow.seeding_ref     ? 
_exptl_crystal_grow.temp            293.15 
_exptl_crystal_grow.temp_details    ? 
_exptl_crystal_grow.temp_esd        ? 
_exptl_crystal_grow.time            ? 
_exptl_crystal_grow.pdbx_details    
;20% (v/v) PEG 500 MME, 10% (w/v) PEG 20000, 0.1 M Tris Bicine buffer, pH 8.5, 0.03 M magnesium chloride hexahydrate, 0.03 M calcium chloride dihydrate
;
_exptl_crystal_grow.pdbx_pH_range   ? 
# 
_diffrn.ambient_environment              ? 
_diffrn.ambient_temp                     100 
_diffrn.ambient_temp_details             ? 
_diffrn.ambient_temp_esd                 ? 
_diffrn.crystal_id                       1 
_diffrn.crystal_support                  ? 
_diffrn.crystal_treatment                ? 
_diffrn.details                          ? 
_diffrn.id                               1 
_diffrn.ambient_pressure                 ? 
_diffrn.ambient_pressure_esd             ? 
_diffrn.ambient_pressure_gt              ? 
_diffrn.ambient_pressure_lt              ? 
_diffrn.ambient_temp_gt                  ? 
_diffrn.ambient_temp_lt                  ? 
_diffrn.pdbx_serial_crystal_experiment   N 
# 
_diffrn_detector.details                      ? 
_diffrn_detector.detector                     PIXEL 
_diffrn_detector.diffrn_id                    1 
_diffrn_detector.type                         'DECTRIS EIGER2 X 16M' 
_diffrn_detector.area_resol_mean              ? 
_diffrn_detector.dtime                        ? 
_diffrn_detector.pdbx_frames_total            ? 
_diffrn_detector.pdbx_collection_time_total   ? 
_diffrn_detector.pdbx_collection_date         2019-01-19 
_diffrn_detector.pdbx_frequency               ? 
# 
_diffrn_radiation.collimation                      ? 
_diffrn_radiation.diffrn_id                        1 
_diffrn_radiation.filter_edge                      ? 
_diffrn_radiation.inhomogeneity                    ? 
_diffrn_radiation.monochromator                    ? 
_diffrn_radiation.polarisn_norm                    ? 
_diffrn_radiation.polarisn_ratio                   ? 
_diffrn_radiation.probe                            ? 
_diffrn_radiation.type                             ? 
_diffrn_radiation.xray_symbol                      ? 
_diffrn_radiation.wavelength_id                    1 
_diffrn_radiation.pdbx_monochromatic_or_laue_m_l   M 
_diffrn_radiation.pdbx_wavelength_list             ? 
_diffrn_radiation.pdbx_wavelength                  ? 
_diffrn_radiation.pdbx_diffrn_protocol             'SINGLE WAVELENGTH' 
_diffrn_radiation.pdbx_analyzer                    ? 
_diffrn_radiation.pdbx_scattering_type             x-ray 
# 
_diffrn_radiation_wavelength.id           1 
_diffrn_radiation_wavelength.wavelength   0.9786 
_diffrn_radiation_wavelength.wt           1.0 
# 
_diffrn_source.current                     ? 
_diffrn_source.details                     ? 
_diffrn_source.diffrn_id                   1 
_diffrn_source.power                       ? 
_diffrn_source.size                        ? 
_diffrn_source.source                      SYNCHROTRON 
_diffrn_source.target                      ? 
_diffrn_source.type                        'DIAMOND BEAMLINE I04' 
_diffrn_source.voltage                     ? 
_diffrn_source.take-off_angle              ? 
_diffrn_source.pdbx_wavelength_list        0.9786 
_diffrn_source.pdbx_wavelength             ? 
_diffrn_source.pdbx_synchrotron_beamline   I04 
_diffrn_source.pdbx_synchrotron_site       Diamond 
# 
_reflns.B_iso_Wilson_estimate                          ? 
_reflns.entry_id                                       7PDI 
_reflns.data_reduction_details                         ? 
_reflns.data_reduction_method                          ? 
_reflns.d_resolution_high                              1.69 
_reflns.d_resolution_low                               30.988 
_reflns.details                                        ? 
_reflns.limit_h_max                                    ? 
_reflns.limit_h_min                                    ? 
_reflns.limit_k_max                                    ? 
_reflns.limit_k_min                                    ? 
_reflns.limit_l_max                                    ? 
_reflns.limit_l_min                                    ? 
_reflns.number_all                                     ? 
_reflns.number_obs                                     9120 
_reflns.observed_criterion                             ? 
_reflns.observed_criterion_F_max                       ? 
_reflns.observed_criterion_F_min                       ? 
_reflns.observed_criterion_I_max                       ? 
_reflns.observed_criterion_I_min                       ? 
_reflns.observed_criterion_sigma_F                     ? 
_reflns.observed_criterion_sigma_I                     ? 
_reflns.percent_possible_obs                           100 
_reflns.R_free_details                                 ? 
_reflns.Rmerge_F_all                                   ? 
_reflns.Rmerge_F_obs                                   ? 
_reflns.Friedel_coverage                               ? 
_reflns.number_gt                                      ? 
_reflns.threshold_expression                           ? 
_reflns.pdbx_redundancy                                12.3 
_reflns.pdbx_Rmerge_I_obs                              0.0705 
_reflns.pdbx_Rmerge_I_all                              ? 
_reflns.pdbx_Rsym_value                                ? 
_reflns.pdbx_netI_over_av_sigmaI                       ? 
_reflns.pdbx_netI_over_sigmaI                          14.05 
_reflns.pdbx_res_netI_over_av_sigmaI_2                 ? 
_reflns.pdbx_res_netI_over_sigmaI_2                    ? 
_reflns.pdbx_chi_squared                               ? 
_reflns.pdbx_scaling_rejects                           ? 
_reflns.pdbx_d_res_high_opt                            ? 
_reflns.pdbx_d_res_low_opt                             ? 
_reflns.pdbx_d_res_opt_method                          ? 
_reflns.phase_calculation_details                      ? 
_reflns.pdbx_Rrim_I_all                                ? 
_reflns.pdbx_Rpim_I_all                                ? 
_reflns.pdbx_d_opt                                     ? 
_reflns.pdbx_number_measured_all                       ? 
_reflns.pdbx_diffrn_id                                 1 
_reflns.pdbx_ordinal                                   1 
_reflns.pdbx_CC_half                                   0.9994 
_reflns.pdbx_CC_star                                   ? 
_reflns.pdbx_R_split                                   ? 
_reflns.pdbx_aniso_diffraction_limit_axis_1_ortho[1]   ? 
_reflns.pdbx_aniso_diffraction_limit_axis_1_ortho[2]   ? 
_reflns.pdbx_aniso_diffraction_limit_axis_1_ortho[3]   ? 
_reflns.pdbx_aniso_diffraction_limit_axis_2_ortho[1]   ? 
_reflns.pdbx_aniso_diffraction_limit_axis_2_ortho[2]   ? 
_reflns.pdbx_aniso_diffraction_limit_axis_2_ortho[3]   ? 
_reflns.pdbx_aniso_diffraction_limit_axis_3_ortho[1]   ? 
_reflns.pdbx_aniso_diffraction_limit_axis_3_ortho[2]   ? 
_reflns.pdbx_aniso_diffraction_limit_axis_3_ortho[3]   ? 
_reflns.pdbx_aniso_diffraction_limit_1                 ? 
_reflns.pdbx_aniso_diffraction_limit_2                 ? 
_reflns.pdbx_aniso_diffraction_limit_3                 ? 
_reflns.pdbx_aniso_B_tensor_eigenvector_1_ortho[1]     ? 
_reflns.pdbx_aniso_B_tensor_eigenvector_1_ortho[2]     ? 
_reflns.pdbx_aniso_B_tensor_eigenvector_1_ortho[3]     ? 
_reflns.pdbx_aniso_B_tensor_eigenvector_2_ortho[1]     ? 
_reflns.pdbx_aniso_B_tensor_eigenvector_2_ortho[2]     ? 
_reflns.pdbx_aniso_B_tensor_eigenvector_2_ortho[3]     ? 
_reflns.pdbx_aniso_B_tensor_eigenvector_3_ortho[1]     ? 
_reflns.pdbx_aniso_B_tensor_eigenvector_3_ortho[2]     ? 
_reflns.pdbx_aniso_B_tensor_eigenvector_3_ortho[3]     ? 
_reflns.pdbx_aniso_B_tensor_eigenvalue_1               ? 
_reflns.pdbx_aniso_B_tensor_eigenvalue_2               ? 
_reflns.pdbx_aniso_B_tensor_eigenvalue_3               ? 
_reflns.pdbx_orthogonalization_convention              ? 
_reflns.pdbx_percent_possible_ellipsoidal              ? 
_reflns.pdbx_percent_possible_spherical                ? 
_reflns.pdbx_percent_possible_ellipsoidal_anomalous    ? 
_reflns.pdbx_percent_possible_spherical_anomalous      ? 
_reflns.pdbx_redundancy_anomalous                      ? 
_reflns.pdbx_CC_half_anomalous                         ? 
_reflns.pdbx_absDiff_over_sigma_anomalous              ? 
_reflns.pdbx_percent_possible_anomalous                ? 
_reflns.pdbx_observed_signal_threshold                 ? 
_reflns.pdbx_signal_type                               ? 
_reflns.pdbx_signal_details                            ? 
_reflns.pdbx_signal_software_id                        ? 
# 
_reflns_shell.d_res_high                                    1.69 
_reflns_shell.d_res_low                                     1.72 
_reflns_shell.meanI_over_sigI_all                           ? 
_reflns_shell.meanI_over_sigI_obs                           ? 
_reflns_shell.number_measured_all                           ? 
_reflns_shell.number_measured_obs                           ? 
_reflns_shell.number_possible                               ? 
_reflns_shell.number_unique_all                             ? 
_reflns_shell.number_unique_obs                             459 
_reflns_shell.percent_possible_all                          100 
_reflns_shell.percent_possible_obs                          ? 
_reflns_shell.Rmerge_F_all                                  ? 
_reflns_shell.Rmerge_F_obs                                  ? 
_reflns_shell.Rmerge_I_all                                  ? 
_reflns_shell.Rmerge_I_obs                                  ? 
_reflns_shell.meanI_over_sigI_gt                            ? 
_reflns_shell.meanI_over_uI_all                             ? 
_reflns_shell.meanI_over_uI_gt                              ? 
_reflns_shell.number_measured_gt                            ? 
_reflns_shell.number_unique_gt                              ? 
_reflns_shell.percent_possible_gt                           ? 
_reflns_shell.Rmerge_F_gt                                   ? 
_reflns_shell.Rmerge_I_gt                                   ? 
_reflns_shell.pdbx_redundancy                               9.7 
_reflns_shell.pdbx_Rsym_value                               ? 
_reflns_shell.pdbx_chi_squared                              ? 
_reflns_shell.pdbx_netI_over_sigmaI_all                     ? 
_reflns_shell.pdbx_netI_over_sigmaI_obs                     ? 
_reflns_shell.pdbx_Rrim_I_all                               ? 
_reflns_shell.pdbx_Rpim_I_all                               ? 
_reflns_shell.pdbx_rejects                                  ? 
_reflns_shell.pdbx_ordinal                                  1 
_reflns_shell.pdbx_diffrn_id                                1 
_reflns_shell.pdbx_CC_half                                  0.397 
_reflns_shell.pdbx_CC_star                                  ? 
_reflns_shell.pdbx_R_split                                  ? 
_reflns_shell.pdbx_percent_possible_ellipsoidal             ? 
_reflns_shell.pdbx_percent_possible_spherical               ? 
_reflns_shell.pdbx_percent_possible_ellipsoidal_anomalous   ? 
_reflns_shell.pdbx_percent_possible_spherical_anomalous     ? 
_reflns_shell.pdbx_redundancy_anomalous                     ? 
_reflns_shell.pdbx_CC_half_anomalous                        ? 
_reflns_shell.pdbx_absDiff_over_sigma_anomalous             ? 
_reflns_shell.pdbx_percent_possible_anomalous               ? 
# 
_refine.aniso_B[1][1]                            0.027 
_refine.aniso_B[1][2]                            0.000 
_refine.aniso_B[1][3]                            -0.000 
_refine.aniso_B[2][2]                            0.061 
_refine.aniso_B[2][3]                            0.000 
_refine.aniso_B[3][3]                            -0.088 
_refine.B_iso_max                                ? 
_refine.B_iso_mean                               44.778 
_refine.B_iso_min                                ? 
_refine.correlation_coeff_Fo_to_Fc               0.968 
_refine.correlation_coeff_Fo_to_Fc_free          0.956 
_refine.details                                  'Hydrogens have been added in their riding positions' 
_refine.diff_density_max                         ? 
_refine.diff_density_max_esd                     ? 
_refine.diff_density_min                         ? 
_refine.diff_density_min_esd                     ? 
_refine.diff_density_rms                         ? 
_refine.diff_density_rms_esd                     ? 
_refine.entry_id                                 7PDI 
_refine.pdbx_refine_id                           'X-RAY DIFFRACTION' 
_refine.ls_abs_structure_details                 ? 
_refine.ls_abs_structure_Flack                   ? 
_refine.ls_abs_structure_Flack_esd               ? 
_refine.ls_abs_structure_Rogers                  ? 
_refine.ls_abs_structure_Rogers_esd              ? 
_refine.ls_d_res_high                            1.690 
_refine.ls_d_res_low                             30.988 
_refine.ls_extinction_coef                       ? 
_refine.ls_extinction_coef_esd                   ? 
_refine.ls_extinction_expression                 ? 
_refine.ls_extinction_method                     ? 
_refine.ls_goodness_of_fit_all                   ? 
_refine.ls_goodness_of_fit_all_esd               ? 
_refine.ls_goodness_of_fit_obs                   ? 
_refine.ls_goodness_of_fit_obs_esd               ? 
_refine.ls_hydrogen_treatment                    ? 
_refine.ls_matrix_type                           ? 
_refine.ls_number_constraints                    ? 
_refine.ls_number_parameters                     ? 
_refine.ls_number_reflns_all                     ? 
_refine.ls_number_reflns_obs                     9120 
_refine.ls_number_reflns_R_free                  874 
_refine.ls_number_reflns_R_work                  8246 
_refine.ls_number_restraints                     ? 
_refine.ls_percent_reflns_obs                    99.989 
_refine.ls_percent_reflns_R_free                 9.583 
_refine.ls_R_factor_all                          0.208 
_refine.ls_R_factor_obs                          ? 
_refine.ls_R_factor_R_free                       0.2448 
_refine.ls_R_factor_R_free_error                 ? 
_refine.ls_R_factor_R_free_error_details         ? 
_refine.ls_R_factor_R_work                       0.2047 
_refine.ls_R_Fsqd_factor_obs                     ? 
_refine.ls_R_I_factor_obs                        ? 
_refine.ls_redundancy_reflns_all                 ? 
_refine.ls_redundancy_reflns_obs                 ? 
_refine.ls_restrained_S_all                      ? 
_refine.ls_restrained_S_obs                      ? 
_refine.ls_shift_over_esd_max                    ? 
_refine.ls_shift_over_esd_mean                   ? 
_refine.ls_structure_factor_coef                 ? 
_refine.ls_weighting_details                     ? 
_refine.ls_weighting_scheme                      ? 
_refine.ls_wR_factor_all                         ? 
_refine.ls_wR_factor_obs                         ? 
_refine.ls_wR_factor_R_free                      0.232 
_refine.ls_wR_factor_R_work                      0.189 
_refine.occupancy_max                            ? 
_refine.occupancy_min                            ? 
_refine.solvent_model_details                    'MASK BULK SOLVENT' 
_refine.solvent_model_param_bsol                 ? 
_refine.solvent_model_param_ksol                 ? 
_refine.pdbx_R_complete                          ? 
_refine.ls_R_factor_gt                           ? 
_refine.ls_goodness_of_fit_gt                    ? 
_refine.ls_goodness_of_fit_ref                   ? 
_refine.ls_shift_over_su_max                     ? 
_refine.ls_shift_over_su_max_lt                  ? 
_refine.ls_shift_over_su_mean                    ? 
_refine.ls_shift_over_su_mean_lt                 ? 
_refine.pdbx_ls_sigma_I                          ? 
_refine.pdbx_ls_sigma_F                          ? 
_refine.pdbx_ls_sigma_Fsqd                       ? 
_refine.pdbx_data_cutoff_high_absF               ? 
_refine.pdbx_data_cutoff_high_rms_absF           ? 
_refine.pdbx_data_cutoff_low_absF                ? 
_refine.pdbx_isotropic_thermal_model             ? 
_refine.pdbx_ls_cross_valid_method               THROUGHOUT 
_refine.pdbx_method_to_determine_struct          'MOLECULAR REPLACEMENT' 
_refine.pdbx_starting_model                      1T8K 
_refine.pdbx_stereochemistry_target_values       ? 
_refine.pdbx_R_Free_selection_details            ? 
_refine.pdbx_stereochem_target_val_spec_case     ? 
_refine.pdbx_overall_ESU_R                       0.127 
_refine.pdbx_overall_ESU_R_Free                  0.124 
_refine.pdbx_solvent_vdw_probe_radii             1.200 
_refine.pdbx_solvent_ion_probe_radii             0.800 
_refine.pdbx_solvent_shrinkage_radii             0.800 
_refine.pdbx_real_space_R                        ? 
_refine.pdbx_density_correlation                 ? 
_refine.pdbx_pd_number_of_powder_patterns        ? 
_refine.pdbx_pd_number_of_points                 ? 
_refine.pdbx_pd_meas_number_of_points            ? 
_refine.pdbx_pd_proc_ls_prof_R_factor            ? 
_refine.pdbx_pd_proc_ls_prof_wR_factor           ? 
_refine.pdbx_pd_Marquardt_correlation_coeff      ? 
_refine.pdbx_pd_Fsqrd_R_factor                   ? 
_refine.pdbx_pd_ls_matrix_band_width             ? 
_refine.pdbx_overall_phase_error                 ? 
_refine.pdbx_overall_SU_R_free_Cruickshank_DPI   ? 
_refine.pdbx_overall_SU_R_free_Blow_DPI          ? 
_refine.pdbx_overall_SU_R_Blow_DPI               ? 
_refine.pdbx_TLS_residual_ADP_flag               ? 
_refine.pdbx_diffrn_id                           1 
_refine.overall_SU_B                             4.768 
_refine.overall_SU_ML                            0.136 
_refine.overall_SU_R_Cruickshank_DPI             ? 
_refine.overall_SU_R_free                        ? 
_refine.overall_FOM_free_R_set                   ? 
_refine.overall_FOM_work_R_set                   ? 
_refine.pdbx_average_fsc_overall                 ? 
_refine.pdbx_average_fsc_work                    0.7582 
_refine.pdbx_average_fsc_free                    0.7495 
# 
_refine_hist.pdbx_refine_id                   'X-RAY DIFFRACTION' 
_refine_hist.cycle_id                         LAST 
_refine_hist.details                          ? 
_refine_hist.d_res_high                       1.690 
_refine_hist.d_res_low                        30.988 
_refine_hist.number_atoms_solvent             37 
_refine_hist.number_atoms_total               688 
_refine_hist.number_reflns_all                ? 
_refine_hist.number_reflns_obs                ? 
_refine_hist.number_reflns_R_free             ? 
_refine_hist.number_reflns_R_work             ? 
_refine_hist.R_factor_all                     ? 
_refine_hist.R_factor_obs                     ? 
_refine_hist.R_factor_R_free                  ? 
_refine_hist.R_factor_R_work                  ? 
_refine_hist.pdbx_number_residues_total       ? 
_refine_hist.pdbx_B_iso_mean_ligand           ? 
_refine_hist.pdbx_B_iso_mean_solvent          ? 
_refine_hist.pdbx_number_atoms_protein        651 
_refine_hist.pdbx_number_atoms_nucleic_acid   0 
_refine_hist.pdbx_number_atoms_ligand         0 
_refine_hist.pdbx_number_atoms_lipid          ? 
_refine_hist.pdbx_number_atoms_carb           ? 
_refine_hist.pdbx_pseudo_atom_details         ? 
# 
loop_
_refine_ls_restr.pdbx_refine_id 
_refine_ls_restr.criterion 
_refine_ls_restr.dev_ideal 
_refine_ls_restr.dev_ideal_target 
_refine_ls_restr.number 
_refine_ls_restr.rejects 
_refine_ls_restr.type 
_refine_ls_restr.weight 
_refine_ls_restr.pdbx_restraint_function 
'X-RAY DIFFRACTION' ? 0.009  0.013  656  ? r_bond_refined_d               ? ? 
'X-RAY DIFFRACTION' ? 0.001  0.017  625  ? r_bond_other_d                 ? ? 
'X-RAY DIFFRACTION' ? 1.555  1.655  889  ? r_angle_refined_deg            ? ? 
'X-RAY DIFFRACTION' ? 1.341  1.581  1458 ? r_angle_other_deg              ? ? 
'X-RAY DIFFRACTION' ? 6.029  5.000  81   ? r_dihedral_angle_1_deg         ? ? 
'X-RAY DIFFRACTION' ? 38.664 26.364 33   ? r_dihedral_angle_2_deg         ? ? 
'X-RAY DIFFRACTION' ? 14.762 15.000 119  ? r_dihedral_angle_3_deg         ? ? 
'X-RAY DIFFRACTION' ? 16.979 15.000 1    ? r_dihedral_angle_4_deg         ? ? 
'X-RAY DIFFRACTION' ? 0.069  0.200  92   ? r_chiral_restr                 ? ? 
'X-RAY DIFFRACTION' ? 0.006  0.020  719  ? r_gen_planes_refined           ? ? 
'X-RAY DIFFRACTION' ? 0.001  0.020  107  ? r_gen_planes_other             ? ? 
'X-RAY DIFFRACTION' ? 0.202  0.200  123  ? r_nbd_refined                  ? ? 
'X-RAY DIFFRACTION' ? 0.183  0.200  544  ? r_symmetry_nbd_other           ? ? 
'X-RAY DIFFRACTION' ? 0.154  0.200  334  ? r_nbtor_refined                ? ? 
'X-RAY DIFFRACTION' ? 0.085  0.200  287  ? r_symmetry_nbtor_other         ? ? 
'X-RAY DIFFRACTION' ? 0.229  0.200  21   ? r_xyhbond_nbd_refined          ? ? 
'X-RAY DIFFRACTION' ? 0.173  0.200  8    ? r_symmetry_nbd_refined         ? ? 
'X-RAY DIFFRACTION' ? 0.217  0.200  34   ? r_nbd_other                    ? ? 
'X-RAY DIFFRACTION' ? 0.281  0.200  10   ? r_symmetry_xyhbond_nbd_refined ? ? 
'X-RAY DIFFRACTION' ? 3.525  4.197  327  ? r_mcbond_it                    ? ? 
'X-RAY DIFFRACTION' ? 3.513  4.180  326  ? r_mcbond_other                 ? ? 
'X-RAY DIFFRACTION' ? 5.031  6.271  407  ? r_mcangle_it                   ? ? 
'X-RAY DIFFRACTION' ? 5.029  6.293  408  ? r_mcangle_other                ? ? 
'X-RAY DIFFRACTION' ? 6.224  5.348  329  ? r_scbond_it                    ? ? 
'X-RAY DIFFRACTION' ? 6.216  5.362  330  ? r_scbond_other                 ? ? 
'X-RAY DIFFRACTION' ? 9.327  7.674  482  ? r_scangle_it                   ? ? 
'X-RAY DIFFRACTION' ? 9.317  7.690  483  ? r_scangle_other                ? ? 
'X-RAY DIFFRACTION' ? 10.966 52.186 677  ? r_lrange_it                    ? ? 
'X-RAY DIFFRACTION' ? 10.974 52.296 676  ? r_lrange_other                 ? ? 
# 
loop_
_refine_ls_shell.pdbx_refine_id 
_refine_ls_shell.d_res_high 
_refine_ls_shell.d_res_low 
_refine_ls_shell.number_reflns_all 
_refine_ls_shell.number_reflns_obs 
_refine_ls_shell.number_reflns_R_free 
_refine_ls_shell.number_reflns_R_work 
_refine_ls_shell.percent_reflns_obs 
_refine_ls_shell.percent_reflns_R_free 
_refine_ls_shell.R_factor_all 
_refine_ls_shell.R_factor_obs 
_refine_ls_shell.R_factor_R_free 
_refine_ls_shell.R_factor_R_free_error 
_refine_ls_shell.R_factor_R_work 
_refine_ls_shell.redundancy_reflns_all 
_refine_ls_shell.redundancy_reflns_obs 
_refine_ls_shell.wR_factor_all 
_refine_ls_shell.wR_factor_obs 
_refine_ls_shell.wR_factor_R_free 
_refine_ls_shell.wR_factor_R_work 
_refine_ls_shell.pdbx_R_complete 
_refine_ls_shell.pdbx_total_number_of_bins_used 
_refine_ls_shell.pdbx_phase_error 
_refine_ls_shell.pdbx_fsc_work 
_refine_ls_shell.pdbx_fsc_free 
'X-RAY DIFFRACTION' 1.690 1.734  . . 59 614 100.0000 . . . 0.472 . 0.496 . . . . . . . . . . . 
'X-RAY DIFFRACTION' 1.734 1.781  . . 57 572 100.0000 . . . 0.494 . 0.446 . . . . . . . . . . . 
'X-RAY DIFFRACTION' 1.781 1.833  . . 51 578 100.0000 . . . 0.365 . 0.405 . . . . . . . . . . . 
'X-RAY DIFFRACTION' 1.833 1.889  . . 73 539 100.0000 . . . 0.447 . 0.361 . . . . . . . . . . . 
'X-RAY DIFFRACTION' 1.889 1.951  . . 53 532 100.0000 . . . 0.348 . 0.290 . . . . . . . . . . . 
'X-RAY DIFFRACTION' 1.951 2.019  . . 52 530 100.0000 . . . 0.309 . 0.283 . . . . . . . . . . . 
'X-RAY DIFFRACTION' 2.019 2.095  . . 49 490 100.0000 . . . 0.277 . 0.237 . . . . . . . . . . . 
'X-RAY DIFFRACTION' 2.095 2.180  . . 62 473 100.0000 . . . 0.273 . 0.211 . . . . . . . . . . . 
'X-RAY DIFFRACTION' 2.180 2.277  . . 46 479 100.0000 . . . 0.223 . 0.203 . . . . . . . . . . . 
'X-RAY DIFFRACTION' 2.277 2.387  . . 62 434 100.0000 . . . 0.275 . 0.179 . . . . . . . . . . . 
'X-RAY DIFFRACTION' 2.387 2.516  . . 49 410 100.0000 . . . 0.207 . 0.167 . . . . . . . . . . . 
'X-RAY DIFFRACTION' 2.516 2.668  . . 43 404 100.0000 . . . 0.217 . 0.190 . . . . . . . . . . . 
'X-RAY DIFFRACTION' 2.668 2.851  . . 34 392 100.0000 . . . 0.263 . 0.200 . . . . . . . . . . . 
'X-RAY DIFFRACTION' 2.851 3.077  . . 30 359 100.0000 . . . 0.232 . 0.202 . . . . . . . . . . . 
'X-RAY DIFFRACTION' 3.077 3.368  . . 36 330 100.0000 . . . 0.295 . 0.193 . . . . . . . . . . . 
'X-RAY DIFFRACTION' 3.368 3.762  . . 30 304 100.0000 . . . 0.269 . 0.174 . . . . . . . . . . . 
'X-RAY DIFFRACTION' 3.762 4.335  . . 32 263 100.0000 . . . 0.135 . 0.137 . . . . . . . . . . . 
'X-RAY DIFFRACTION' 4.335 5.290  . . 28 236 100.0000 . . . 0.209 . 0.154 . . . . . . . . . . . 
'X-RAY DIFFRACTION' 5.290 7.397  . . 19 186 100.0000 . . . 0.203 . 0.260 . . . . . . . . . . . 
'X-RAY DIFFRACTION' 7.397 30.988 . . 9  121 99.2366  . . . 0.367 . 0.228 . . . . . . . . . . . 
# 
_struct.entry_id                     7PDI 
_struct.title                        
'Crystal structure of the holo-acyl carrier protein (holo-AcpP) from Pseudomonas putida KT2440. Produced as an apo/holo mixture.' 
_struct.pdbx_model_details           ? 
_struct.pdbx_formula_weight          ? 
_struct.pdbx_formula_weight_method   ? 
_struct.pdbx_model_type_details      ? 
_struct.pdbx_CASP_flag               N 
# 
_struct_keywords.entry_id        7PDI 
_struct_keywords.text            'phosphopantetheine, acyl-binding, fatty acid transport, holo-AcpP, LIPID BINDING PROTEIN' 
_struct_keywords.pdbx_keywords   'LIPID BINDING PROTEIN' 
# 
loop_
_struct_asym.id 
_struct_asym.pdbx_blank_PDB_chainid_flag 
_struct_asym.pdbx_modified 
_struct_asym.entity_id 
_struct_asym.details 
A N N 1 ? 
B N N 2 ? 
# 
_struct_ref.id                         1 
_struct_ref.db_name                    UNP 
_struct_ref.db_code                    ACP_PSEPK 
_struct_ref.pdbx_db_accession          Q88LL5 
_struct_ref.pdbx_db_isoform            ? 
_struct_ref.entity_id                  1 
_struct_ref.pdbx_seq_one_letter_code   STIEERVKKIVAEQLGVKEEEVTVEKSFVDDLGADSLDTVELVMALEEEFETEIPDEEAEKITTVQAAIDYVKAHQA 
_struct_ref.pdbx_align_begin           2 
# 
_struct_ref_seq.align_id                      1 
_struct_ref_seq.ref_id                        1 
_struct_ref_seq.pdbx_PDB_id_code              7PDI 
_struct_ref_seq.pdbx_strand_id                A 
_struct_ref_seq.seq_align_beg                 6 
_struct_ref_seq.pdbx_seq_align_beg_ins_code   ? 
_struct_ref_seq.seq_align_end                 82 
_struct_ref_seq.pdbx_seq_align_end_ins_code   ? 
_struct_ref_seq.pdbx_db_accession             Q88LL5 
_struct_ref_seq.db_align_beg                  2 
_struct_ref_seq.pdbx_db_align_beg_ins_code    ? 
_struct_ref_seq.db_align_end                  78 
_struct_ref_seq.pdbx_db_align_end_ins_code    ? 
_struct_ref_seq.pdbx_auth_seq_align_beg       6 
_struct_ref_seq.pdbx_auth_seq_align_end       82 
# 
loop_
_struct_ref_seq_dif.align_id 
_struct_ref_seq_dif.pdbx_pdb_id_code 
_struct_ref_seq_dif.mon_id 
_struct_ref_seq_dif.pdbx_pdb_strand_id 
_struct_ref_seq_dif.seq_num 
_struct_ref_seq_dif.pdbx_pdb_ins_code 
_struct_ref_seq_dif.pdbx_seq_db_name 
_struct_ref_seq_dif.pdbx_seq_db_accession_code 
_struct_ref_seq_dif.db_mon_id 
_struct_ref_seq_dif.pdbx_seq_db_seq_num 
_struct_ref_seq_dif.details 
_struct_ref_seq_dif.pdbx_auth_seq_num 
_struct_ref_seq_dif.pdbx_ordinal 
1 7PDI GLY A 1 ? UNP Q88LL5 ? ? 'expression tag' 1 1 
1 7PDI PRO A 2 ? UNP Q88LL5 ? ? 'expression tag' 2 2 
1 7PDI LEU A 3 ? UNP Q88LL5 ? ? 'expression tag' 3 3 
1 7PDI GLY A 4 ? UNP Q88LL5 ? ? 'expression tag' 4 4 
1 7PDI SER A 5 ? UNP Q88LL5 ? ? 'expression tag' 5 5 
# 
_pdbx_struct_assembly.id                   1 
_pdbx_struct_assembly.details              author_and_software_defined_assembly 
_pdbx_struct_assembly.method_details       PISA 
_pdbx_struct_assembly.oligomeric_details   monomeric 
_pdbx_struct_assembly.oligomeric_count     1 
# 
loop_
_pdbx_struct_assembly_prop.biol_id 
_pdbx_struct_assembly_prop.type 
_pdbx_struct_assembly_prop.value 
_pdbx_struct_assembly_prop.details 
1 'ABSA (A^2)' 0    ? 
1 MORE         0    ? 
1 'SSA (A^2)'  5400 ? 
# 
_pdbx_struct_assembly_gen.assembly_id       1 
_pdbx_struct_assembly_gen.oper_expression   1 
_pdbx_struct_assembly_gen.asym_id_list      A,B 
# 
_pdbx_struct_assembly_auth_evidence.id                     1 
_pdbx_struct_assembly_auth_evidence.assembly_id            1 
_pdbx_struct_assembly_auth_evidence.experimental_support   'native gel electrophoresis' 
_pdbx_struct_assembly_auth_evidence.details                
'Native gel electrophoresis confirmed that the acyl carrier protein was a mixture of the apo-AcpP and holo-AcpP form.' 
# 
_pdbx_struct_oper_list.id                   1 
_pdbx_struct_oper_list.type                 'identity operation' 
_pdbx_struct_oper_list.name                 1_555 
_pdbx_struct_oper_list.symmetry_operation   x,y,z 
_pdbx_struct_oper_list.matrix[1][1]         1.0000000000 
_pdbx_struct_oper_list.matrix[1][2]         0.0000000000 
_pdbx_struct_oper_list.matrix[1][3]         0.0000000000 
_pdbx_struct_oper_list.vector[1]            0.0000000000 
_pdbx_struct_oper_list.matrix[2][1]         0.0000000000 
_pdbx_struct_oper_list.matrix[2][2]         1.0000000000 
_pdbx_struct_oper_list.matrix[2][3]         0.0000000000 
_pdbx_struct_oper_list.vector[2]            0.0000000000 
_pdbx_struct_oper_list.matrix[3][1]         0.0000000000 
_pdbx_struct_oper_list.matrix[3][2]         0.0000000000 
_pdbx_struct_oper_list.matrix[3][3]         1.0000000000 
_pdbx_struct_oper_list.vector[3]            0.0000000000 
# 
loop_
_struct_conf.conf_type_id 
_struct_conf.id 
_struct_conf.pdbx_PDB_helix_id 
_struct_conf.beg_label_comp_id 
_struct_conf.beg_label_asym_id 
_struct_conf.beg_label_seq_id 
_struct_conf.pdbx_beg_PDB_ins_code 
_struct_conf.end_label_comp_id 
_struct_conf.end_label_asym_id 
_struct_conf.end_label_seq_id 
_struct_conf.pdbx_end_PDB_ins_code 
_struct_conf.beg_auth_comp_id 
_struct_conf.beg_auth_asym_id 
_struct_conf.beg_auth_seq_id 
_struct_conf.end_auth_comp_id 
_struct_conf.end_auth_asym_id 
_struct_conf.end_auth_seq_id 
_struct_conf.pdbx_PDB_helix_class 
_struct_conf.details 
_struct_conf.pdbx_PDB_helix_length 
HELX_P HELX_P1 AA1 GLY A 1  ? SER A 5  ? GLY A 1  SER A 5  5 ? 5  
HELX_P HELX_P2 AA2 THR A 7  ? GLY A 21 ? THR A 7  GLY A 21 1 ? 15 
HELX_P HELX_P3 AA3 LYS A 23 ? VAL A 27 ? LYS A 23 VAL A 27 5 ? 5  
HELX_P HELX_P4 AA4 ASP A 40 ? GLU A 56 ? ASP A 40 GLU A 56 1 ? 17 
HELX_P HELX_P5 AA5 PRO A 60 ? GLU A 65 ? PRO A 60 GLU A 65 1 ? 6  
HELX_P HELX_P6 AA6 THR A 69 ? HIS A 80 ? THR A 69 HIS A 80 1 ? 12 
# 
_struct_conf_type.id          HELX_P 
_struct_conf_type.criteria    ? 
_struct_conf_type.reference   ? 
# 
loop_
_struct_conn.id 
_struct_conn.conn_type_id 
_struct_conn.pdbx_leaving_atom_flag 
_struct_conn.pdbx_PDB_id 
_struct_conn.ptnr1_label_asym_id 
_struct_conn.ptnr1_label_comp_id 
_struct_conn.ptnr1_label_seq_id 
_struct_conn.ptnr1_label_atom_id 
_struct_conn.pdbx_ptnr1_label_alt_id 
_struct_conn.pdbx_ptnr1_PDB_ins_code 
_struct_conn.pdbx_ptnr1_standard_comp_id 
_struct_conn.ptnr1_symmetry 
_struct_conn.ptnr2_label_asym_id 
_struct_conn.ptnr2_label_comp_id 
_struct_conn.ptnr2_label_seq_id 
_struct_conn.ptnr2_label_atom_id 
_struct_conn.pdbx_ptnr2_label_alt_id 
_struct_conn.pdbx_ptnr2_PDB_ins_code 
_struct_conn.ptnr1_auth_asym_id 
_struct_conn.ptnr1_auth_comp_id 
_struct_conn.ptnr1_auth_seq_id 
_struct_conn.ptnr2_auth_asym_id 
_struct_conn.ptnr2_auth_comp_id 
_struct_conn.ptnr2_auth_seq_id 
_struct_conn.ptnr2_symmetry 
_struct_conn.pdbx_ptnr3_label_atom_id 
_struct_conn.pdbx_ptnr3_label_seq_id 
_struct_conn.pdbx_ptnr3_label_comp_id 
_struct_conn.pdbx_ptnr3_label_asym_id 
_struct_conn.pdbx_ptnr3_label_alt_id 
_struct_conn.pdbx_ptnr3_PDB_ins_code 
_struct_conn.details 
_struct_conn.pdbx_dist_value 
_struct_conn.pdbx_value_order 
_struct_conn.pdbx_role 
disulf1 disulf ?    ? A 4HH 41 SU ? ? ? 1_555 A 4HH 41 SU ? ? A 4HH 41 A 4HH 41 4_565 ? ? ? ? ? ? ? 2.135 ? ? 
covale1 covale both ? A ASP 40 C  ? ? ? 1_555 A 4HH 41 N  ? ? A ASP 40 A 4HH 41 1_555 ? ? ? ? ? ? ? 1.328 ? ? 
covale2 covale both ? A 4HH 41 C  ? ? ? 1_555 A LEU 42 N  ? ? A 4HH 41 A LEU 42 1_555 ? ? ? ? ? ? ? 1.325 ? ? 
# 
loop_
_struct_conn_type.id 
_struct_conn_type.criteria 
_struct_conn_type.reference 
disulf ? ? 
covale ? ? 
# 
_pdbx_validate_close_contact.id               1 
_pdbx_validate_close_contact.PDB_model_num    1 
_pdbx_validate_close_contact.auth_atom_id_1   HG1 
_pdbx_validate_close_contact.auth_asym_id_1   A 
_pdbx_validate_close_contact.auth_comp_id_1   THR 
_pdbx_validate_close_contact.auth_seq_id_1    7 
_pdbx_validate_close_contact.PDB_ins_code_1   ? 
_pdbx_validate_close_contact.label_alt_id_1   ? 
_pdbx_validate_close_contact.auth_atom_id_2   O 
_pdbx_validate_close_contact.auth_asym_id_2   A 
_pdbx_validate_close_contact.auth_comp_id_2   HOH 
_pdbx_validate_close_contact.auth_seq_id_2    103 
_pdbx_validate_close_contact.PDB_ins_code_2   ? 
_pdbx_validate_close_contact.label_alt_id_2   ? 
_pdbx_validate_close_contact.dist             1.52 
# 
_pdbx_struct_mod_residue.id               1 
_pdbx_struct_mod_residue.label_asym_id    A 
_pdbx_struct_mod_residue.label_comp_id    4HH 
_pdbx_struct_mod_residue.label_seq_id     41 
_pdbx_struct_mod_residue.auth_asym_id     A 
_pdbx_struct_mod_residue.auth_comp_id     4HH 
_pdbx_struct_mod_residue.auth_seq_id      41 
_pdbx_struct_mod_residue.PDB_ins_code     ? 
_pdbx_struct_mod_residue.parent_comp_id   SER 
_pdbx_struct_mod_residue.details          'modified residue' 
# 
loop_
_pdbx_struct_special_symmetry.id 
_pdbx_struct_special_symmetry.PDB_model_num 
_pdbx_struct_special_symmetry.auth_asym_id 
_pdbx_struct_special_symmetry.auth_comp_id 
_pdbx_struct_special_symmetry.auth_seq_id 
_pdbx_struct_special_symmetry.PDB_ins_code 
_pdbx_struct_special_symmetry.label_asym_id 
_pdbx_struct_special_symmetry.label_comp_id 
_pdbx_struct_special_symmetry.label_seq_id 
1 1 A HOH 129 ? B HOH . 
2 1 A HOH 133 ? B HOH . 
# 
_pdbx_entry_details.entry_id                 7PDI 
_pdbx_entry_details.has_ligand_of_interest   Y 
_pdbx_entry_details.compound_details         ? 
_pdbx_entry_details.source_details           ? 
_pdbx_entry_details.nonpolymer_details       ? 
_pdbx_entry_details.sequence_details         ? 
# 
loop_
_chem_comp_atom.comp_id 
_chem_comp_atom.atom_id 
_chem_comp_atom.type_symbol 
_chem_comp_atom.pdbx_aromatic_flag 
_chem_comp_atom.pdbx_stereo_config 
_chem_comp_atom.pdbx_ordinal 
4HH O    O N N 1   
4HH C    C N N 2   
4HH CA   C N S 3   
4HH N    N N N 4   
4HH CB   C N N 5   
4HH OG   O N N 6   
4HH CJ   C N N 7   
4HH CK   C N N 8   
4HH CL1  C N N 9   
4HH CL2  C N N 10  
4HH CL3  C N N 11  
4HH CM   C N R 12  
4HH OM   O N N 13  
4HH NN   N N N 14  
4HH ON   O N N 15  
4HH P    P N N 16  
4HH O1P  O N N 17  
4HH O2P  O N N 18  
4HH O3P  O N N 19  
4HH CO   C N N 20  
4HH CP   C N N 21  
4HH CQ   C N N 22  
4HH CS   C N N 23  
4HH CT   C N N 24  
4HH NR   N N N 25  
4HH OR   O N N 26  
4HH SU   S N N 27  
4HH HA   H N N 28  
4HH H    H N N 29  
4HH H2   H N N 30  
4HH HB3  H N N 31  
4HH HB2  H N N 32  
4HH HJ3  H N N 33  
4HH HJ2  H N N 34  
4HH HL13 H N N 35  
4HH HL12 H N N 36  
4HH HL11 H N N 37  
4HH HL21 H N N 38  
4HH HL23 H N N 39  
4HH HL22 H N N 40  
4HH HL3  H N N 41  
4HH HM   H N N 42  
4HH HN   H N N 43  
4HH H4   H N N 44  
4HH HO2  H N N 45  
4HH HO3  H N N 46  
4HH HP3  H N N 47  
4HH HP2  H N N 48  
4HH HS2  H N N 49  
4HH HS3  H N N 50  
4HH HT3  H N N 51  
4HH HT2  H N N 52  
4HH HR   H N N 53  
4HH HU   H N N 54  
4HH OXT  O N N 55  
4HH HXT  H N N 56  
ALA N    N N N 57  
ALA CA   C N S 58  
ALA C    C N N 59  
ALA O    O N N 60  
ALA CB   C N N 61  
ALA OXT  O N N 62  
ALA H    H N N 63  
ALA H2   H N N 64  
ALA HA   H N N 65  
ALA HB1  H N N 66  
ALA HB2  H N N 67  
ALA HB3  H N N 68  
ALA HXT  H N N 69  
ARG N    N N N 70  
ARG CA   C N S 71  
ARG C    C N N 72  
ARG O    O N N 73  
ARG CB   C N N 74  
ARG CG   C N N 75  
ARG CD   C N N 76  
ARG NE   N N N 77  
ARG CZ   C N N 78  
ARG NH1  N N N 79  
ARG NH2  N N N 80  
ARG OXT  O N N 81  
ARG H    H N N 82  
ARG H2   H N N 83  
ARG HA   H N N 84  
ARG HB2  H N N 85  
ARG HB3  H N N 86  
ARG HG2  H N N 87  
ARG HG3  H N N 88  
ARG HD2  H N N 89  
ARG HD3  H N N 90  
ARG HE   H N N 91  
ARG HH11 H N N 92  
ARG HH12 H N N 93  
ARG HH21 H N N 94  
ARG HH22 H N N 95  
ARG HXT  H N N 96  
ASP N    N N N 97  
ASP CA   C N S 98  
ASP C    C N N 99  
ASP O    O N N 100 
ASP CB   C N N 101 
ASP CG   C N N 102 
ASP OD1  O N N 103 
ASP OD2  O N N 104 
ASP OXT  O N N 105 
ASP H    H N N 106 
ASP H2   H N N 107 
ASP HA   H N N 108 
ASP HB2  H N N 109 
ASP HB3  H N N 110 
ASP HD2  H N N 111 
ASP HXT  H N N 112 
GLN N    N N N 113 
GLN CA   C N S 114 
GLN C    C N N 115 
GLN O    O N N 116 
GLN CB   C N N 117 
GLN CG   C N N 118 
GLN CD   C N N 119 
GLN OE1  O N N 120 
GLN NE2  N N N 121 
GLN OXT  O N N 122 
GLN H    H N N 123 
GLN H2   H N N 124 
GLN HA   H N N 125 
GLN HB2  H N N 126 
GLN HB3  H N N 127 
GLN HG2  H N N 128 
GLN HG3  H N N 129 
GLN HE21 H N N 130 
GLN HE22 H N N 131 
GLN HXT  H N N 132 
GLU N    N N N 133 
GLU CA   C N S 134 
GLU C    C N N 135 
GLU O    O N N 136 
GLU CB   C N N 137 
GLU CG   C N N 138 
GLU CD   C N N 139 
GLU OE1  O N N 140 
GLU OE2  O N N 141 
GLU OXT  O N N 142 
GLU H    H N N 143 
GLU H2   H N N 144 
GLU HA   H N N 145 
GLU HB2  H N N 146 
GLU HB3  H N N 147 
GLU HG2  H N N 148 
GLU HG3  H N N 149 
GLU HE2  H N N 150 
GLU HXT  H N N 151 
GLY N    N N N 152 
GLY CA   C N N 153 
GLY C    C N N 154 
GLY O    O N N 155 
GLY OXT  O N N 156 
GLY H    H N N 157 
GLY H2   H N N 158 
GLY HA2  H N N 159 
GLY HA3  H N N 160 
GLY HXT  H N N 161 
HIS N    N N N 162 
HIS CA   C N S 163 
HIS C    C N N 164 
HIS O    O N N 165 
HIS CB   C N N 166 
HIS CG   C Y N 167 
HIS ND1  N Y N 168 
HIS CD2  C Y N 169 
HIS CE1  C Y N 170 
HIS NE2  N Y N 171 
HIS OXT  O N N 172 
HIS H    H N N 173 
HIS H2   H N N 174 
HIS HA   H N N 175 
HIS HB2  H N N 176 
HIS HB3  H N N 177 
HIS HD1  H N N 178 
HIS HD2  H N N 179 
HIS HE1  H N N 180 
HIS HE2  H N N 181 
HIS HXT  H N N 182 
HOH O    O N N 183 
HOH H1   H N N 184 
HOH H2   H N N 185 
ILE N    N N N 186 
ILE CA   C N S 187 
ILE C    C N N 188 
ILE O    O N N 189 
ILE CB   C N S 190 
ILE CG1  C N N 191 
ILE CG2  C N N 192 
ILE CD1  C N N 193 
ILE OXT  O N N 194 
ILE H    H N N 195 
ILE H2   H N N 196 
ILE HA   H N N 197 
ILE HB   H N N 198 
ILE HG12 H N N 199 
ILE HG13 H N N 200 
ILE HG21 H N N 201 
ILE HG22 H N N 202 
ILE HG23 H N N 203 
ILE HD11 H N N 204 
ILE HD12 H N N 205 
ILE HD13 H N N 206 
ILE HXT  H N N 207 
LEU N    N N N 208 
LEU CA   C N S 209 
LEU C    C N N 210 
LEU O    O N N 211 
LEU CB   C N N 212 
LEU CG   C N N 213 
LEU CD1  C N N 214 
LEU CD2  C N N 215 
LEU OXT  O N N 216 
LEU H    H N N 217 
LEU H2   H N N 218 
LEU HA   H N N 219 
LEU HB2  H N N 220 
LEU HB3  H N N 221 
LEU HG   H N N 222 
LEU HD11 H N N 223 
LEU HD12 H N N 224 
LEU HD13 H N N 225 
LEU HD21 H N N 226 
LEU HD22 H N N 227 
LEU HD23 H N N 228 
LEU HXT  H N N 229 
LYS N    N N N 230 
LYS CA   C N S 231 
LYS C    C N N 232 
LYS O    O N N 233 
LYS CB   C N N 234 
LYS CG   C N N 235 
LYS CD   C N N 236 
LYS CE   C N N 237 
LYS NZ   N N N 238 
LYS OXT  O N N 239 
LYS H    H N N 240 
LYS H2   H N N 241 
LYS HA   H N N 242 
LYS HB2  H N N 243 
LYS HB3  H N N 244 
LYS HG2  H N N 245 
LYS HG3  H N N 246 
LYS HD2  H N N 247 
LYS HD3  H N N 248 
LYS HE2  H N N 249 
LYS HE3  H N N 250 
LYS HZ1  H N N 251 
LYS HZ2  H N N 252 
LYS HZ3  H N N 253 
LYS HXT  H N N 254 
MET N    N N N 255 
MET CA   C N S 256 
MET C    C N N 257 
MET O    O N N 258 
MET CB   C N N 259 
MET CG   C N N 260 
MET SD   S N N 261 
MET CE   C N N 262 
MET OXT  O N N 263 
MET H    H N N 264 
MET H2   H N N 265 
MET HA   H N N 266 
MET HB2  H N N 267 
MET HB3  H N N 268 
MET HG2  H N N 269 
MET HG3  H N N 270 
MET HE1  H N N 271 
MET HE2  H N N 272 
MET HE3  H N N 273 
MET HXT  H N N 274 
PHE N    N N N 275 
PHE CA   C N S 276 
PHE C    C N N 277 
PHE O    O N N 278 
PHE CB   C N N 279 
PHE CG   C Y N 280 
PHE CD1  C Y N 281 
PHE CD2  C Y N 282 
PHE CE1  C Y N 283 
PHE CE2  C Y N 284 
PHE CZ   C Y N 285 
PHE OXT  O N N 286 
PHE H    H N N 287 
PHE H2   H N N 288 
PHE HA   H N N 289 
PHE HB2  H N N 290 
PHE HB3  H N N 291 
PHE HD1  H N N 292 
PHE HD2  H N N 293 
PHE HE1  H N N 294 
PHE HE2  H N N 295 
PHE HZ   H N N 296 
PHE HXT  H N N 297 
PRO N    N N N 298 
PRO CA   C N S 299 
PRO C    C N N 300 
PRO O    O N N 301 
PRO CB   C N N 302 
PRO CG   C N N 303 
PRO CD   C N N 304 
PRO OXT  O N N 305 
PRO H    H N N 306 
PRO HA   H N N 307 
PRO HB2  H N N 308 
PRO HB3  H N N 309 
PRO HG2  H N N 310 
PRO HG3  H N N 311 
PRO HD2  H N N 312 
PRO HD3  H N N 313 
PRO HXT  H N N 314 
SER N    N N N 315 
SER CA   C N S 316 
SER C    C N N 317 
SER O    O N N 318 
SER CB   C N N 319 
SER OG   O N N 320 
SER OXT  O N N 321 
SER H    H N N 322 
SER H2   H N N 323 
SER HA   H N N 324 
SER HB2  H N N 325 
SER HB3  H N N 326 
SER HG   H N N 327 
SER HXT  H N N 328 
THR N    N N N 329 
THR CA   C N S 330 
THR C    C N N 331 
THR O    O N N 332 
THR CB   C N R 333 
THR OG1  O N N 334 
THR CG2  C N N 335 
THR OXT  O N N 336 
THR H    H N N 337 
THR H2   H N N 338 
THR HA   H N N 339 
THR HB   H N N 340 
THR HG1  H N N 341 
THR HG21 H N N 342 
THR HG22 H N N 343 
THR HG23 H N N 344 
THR HXT  H N N 345 
TYR N    N N N 346 
TYR CA   C N S 347 
TYR C    C N N 348 
TYR O    O N N 349 
TYR CB   C N N 350 
TYR CG   C Y N 351 
TYR CD1  C Y N 352 
TYR CD2  C Y N 353 
TYR CE1  C Y N 354 
TYR CE2  C Y N 355 
TYR CZ   C Y N 356 
TYR OH   O N N 357 
TYR OXT  O N N 358 
TYR H    H N N 359 
TYR H2   H N N 360 
TYR HA   H N N 361 
TYR HB2  H N N 362 
TYR HB3  H N N 363 
TYR HD1  H N N 364 
TYR HD2  H N N 365 
TYR HE1  H N N 366 
TYR HE2  H N N 367 
TYR HH   H N N 368 
TYR HXT  H N N 369 
VAL N    N N N 370 
VAL CA   C N S 371 
VAL C    C N N 372 
VAL O    O N N 373 
VAL CB   C N N 374 
VAL CG1  C N N 375 
VAL CG2  C N N 376 
VAL OXT  O N N 377 
VAL H    H N N 378 
VAL H2   H N N 379 
VAL HA   H N N 380 
VAL HB   H N N 381 
VAL HG11 H N N 382 
VAL HG12 H N N 383 
VAL HG13 H N N 384 
VAL HG21 H N N 385 
VAL HG22 H N N 386 
VAL HG23 H N N 387 
VAL HXT  H N N 388 
# 
loop_
_chem_comp_bond.comp_id 
_chem_comp_bond.atom_id_1 
_chem_comp_bond.atom_id_2 
_chem_comp_bond.value_order 
_chem_comp_bond.pdbx_aromatic_flag 
_chem_comp_bond.pdbx_stereo_config 
_chem_comp_bond.pdbx_ordinal 
4HH SU  CT   sing N N 1   
4HH CB  CA   sing N N 2   
4HH CB  OG   sing N N 3   
4HH CL1 CK   sing N N 4   
4HH CT  CS   sing N N 5   
4HH CA  N    sing N N 6   
4HH CA  C    sing N N 7   
4HH O2P P    doub N N 8   
4HH O   C    doub N N 9   
4HH CS  NR   sing N N 10  
4HH O3P P    sing N N 11  
4HH O3P CJ   sing N N 12  
4HH OG  P    sing N N 13  
4HH P   O1P  sing N N 14  
4HH CK  CL2  sing N N 15  
4HH CK  CJ   sing N N 16  
4HH CK  CM   sing N N 17  
4HH CP  CQ   sing N N 18  
4HH CP  CO   sing N N 19  
4HH NN  CL3  sing N N 20  
4HH NN  CO   sing N N 21  
4HH NR  CQ   sing N N 22  
4HH CL3 CM   sing N N 23  
4HH CL3 ON   doub N N 24  
4HH CQ  OR   doub N N 25  
4HH CM  OM   sing N N 26  
4HH CA  HA   sing N N 27  
4HH N   H    sing N N 28  
4HH N   H2   sing N N 29  
4HH CB  HB3  sing N N 30  
4HH CB  HB2  sing N N 31  
4HH CJ  HJ3  sing N N 32  
4HH CJ  HJ2  sing N N 33  
4HH CL1 HL13 sing N N 34  
4HH CL1 HL12 sing N N 35  
4HH CL1 HL11 sing N N 36  
4HH CL2 HL21 sing N N 37  
4HH CL2 HL23 sing N N 38  
4HH CL2 HL22 sing N N 39  
4HH CM  HL3  sing N N 40  
4HH OM  HM   sing N N 41  
4HH NN  HN   sing N N 42  
4HH O1P H4   sing N N 43  
4HH CO  HO2  sing N N 44  
4HH CO  HO3  sing N N 45  
4HH CP  HP3  sing N N 46  
4HH CP  HP2  sing N N 47  
4HH CS  HS2  sing N N 48  
4HH CS  HS3  sing N N 49  
4HH CT  HT3  sing N N 50  
4HH CT  HT2  sing N N 51  
4HH NR  HR   sing N N 52  
4HH SU  HU   sing N N 53  
4HH C   OXT  sing N N 54  
4HH OXT HXT  sing N N 55  
ALA N   CA   sing N N 56  
ALA N   H    sing N N 57  
ALA N   H2   sing N N 58  
ALA CA  C    sing N N 59  
ALA CA  CB   sing N N 60  
ALA CA  HA   sing N N 61  
ALA C   O    doub N N 62  
ALA C   OXT  sing N N 63  
ALA CB  HB1  sing N N 64  
ALA CB  HB2  sing N N 65  
ALA CB  HB3  sing N N 66  
ALA OXT HXT  sing N N 67  
ARG N   CA   sing N N 68  
ARG N   H    sing N N 69  
ARG N   H2   sing N N 70  
ARG CA  C    sing N N 71  
ARG CA  CB   sing N N 72  
ARG CA  HA   sing N N 73  
ARG C   O    doub N N 74  
ARG C   OXT  sing N N 75  
ARG CB  CG   sing N N 76  
ARG CB  HB2  sing N N 77  
ARG CB  HB3  sing N N 78  
ARG CG  CD   sing N N 79  
ARG CG  HG2  sing N N 80  
ARG CG  HG3  sing N N 81  
ARG CD  NE   sing N N 82  
ARG CD  HD2  sing N N 83  
ARG CD  HD3  sing N N 84  
ARG NE  CZ   sing N N 85  
ARG NE  HE   sing N N 86  
ARG CZ  NH1  sing N N 87  
ARG CZ  NH2  doub N N 88  
ARG NH1 HH11 sing N N 89  
ARG NH1 HH12 sing N N 90  
ARG NH2 HH21 sing N N 91  
ARG NH2 HH22 sing N N 92  
ARG OXT HXT  sing N N 93  
ASP N   CA   sing N N 94  
ASP N   H    sing N N 95  
ASP N   H2   sing N N 96  
ASP CA  C    sing N N 97  
ASP CA  CB   sing N N 98  
ASP CA  HA   sing N N 99  
ASP C   O    doub N N 100 
ASP C   OXT  sing N N 101 
ASP CB  CG   sing N N 102 
ASP CB  HB2  sing N N 103 
ASP CB  HB3  sing N N 104 
ASP CG  OD1  doub N N 105 
ASP CG  OD2  sing N N 106 
ASP OD2 HD2  sing N N 107 
ASP OXT HXT  sing N N 108 
GLN N   CA   sing N N 109 
GLN N   H    sing N N 110 
GLN N   H2   sing N N 111 
GLN CA  C    sing N N 112 
GLN CA  CB   sing N N 113 
GLN CA  HA   sing N N 114 
GLN C   O    doub N N 115 
GLN C   OXT  sing N N 116 
GLN CB  CG   sing N N 117 
GLN CB  HB2  sing N N 118 
GLN CB  HB3  sing N N 119 
GLN CG  CD   sing N N 120 
GLN CG  HG2  sing N N 121 
GLN CG  HG3  sing N N 122 
GLN CD  OE1  doub N N 123 
GLN CD  NE2  sing N N 124 
GLN NE2 HE21 sing N N 125 
GLN NE2 HE22 sing N N 126 
GLN OXT HXT  sing N N 127 
GLU N   CA   sing N N 128 
GLU N   H    sing N N 129 
GLU N   H2   sing N N 130 
GLU CA  C    sing N N 131 
GLU CA  CB   sing N N 132 
GLU CA  HA   sing N N 133 
GLU C   O    doub N N 134 
GLU C   OXT  sing N N 135 
GLU CB  CG   sing N N 136 
GLU CB  HB2  sing N N 137 
GLU CB  HB3  sing N N 138 
GLU CG  CD   sing N N 139 
GLU CG  HG2  sing N N 140 
GLU CG  HG3  sing N N 141 
GLU CD  OE1  doub N N 142 
GLU CD  OE2  sing N N 143 
GLU OE2 HE2  sing N N 144 
GLU OXT HXT  sing N N 145 
GLY N   CA   sing N N 146 
GLY N   H    sing N N 147 
GLY N   H2   sing N N 148 
GLY CA  C    sing N N 149 
GLY CA  HA2  sing N N 150 
GLY CA  HA3  sing N N 151 
GLY C   O    doub N N 152 
GLY C   OXT  sing N N 153 
GLY OXT HXT  sing N N 154 
HIS N   CA   sing N N 155 
HIS N   H    sing N N 156 
HIS N   H2   sing N N 157 
HIS CA  C    sing N N 158 
HIS CA  CB   sing N N 159 
HIS CA  HA   sing N N 160 
HIS C   O    doub N N 161 
HIS C   OXT  sing N N 162 
HIS CB  CG   sing N N 163 
HIS CB  HB2  sing N N 164 
HIS CB  HB3  sing N N 165 
HIS CG  ND1  sing Y N 166 
HIS CG  CD2  doub Y N 167 
HIS ND1 CE1  doub Y N 168 
HIS ND1 HD1  sing N N 169 
HIS CD2 NE2  sing Y N 170 
HIS CD2 HD2  sing N N 171 
HIS CE1 NE2  sing Y N 172 
HIS CE1 HE1  sing N N 173 
HIS NE2 HE2  sing N N 174 
HIS OXT HXT  sing N N 175 
HOH O   H1   sing N N 176 
HOH O   H2   sing N N 177 
ILE N   CA   sing N N 178 
ILE N   H    sing N N 179 
ILE N   H2   sing N N 180 
ILE CA  C    sing N N 181 
ILE CA  CB   sing N N 182 
ILE CA  HA   sing N N 183 
ILE C   O    doub N N 184 
ILE C   OXT  sing N N 185 
ILE CB  CG1  sing N N 186 
ILE CB  CG2  sing N N 187 
ILE CB  HB   sing N N 188 
ILE CG1 CD1  sing N N 189 
ILE CG1 HG12 sing N N 190 
ILE CG1 HG13 sing N N 191 
ILE CG2 HG21 sing N N 192 
ILE CG2 HG22 sing N N 193 
ILE CG2 HG23 sing N N 194 
ILE CD1 HD11 sing N N 195 
ILE CD1 HD12 sing N N 196 
ILE CD1 HD13 sing N N 197 
ILE OXT HXT  sing N N 198 
LEU N   CA   sing N N 199 
LEU N   H    sing N N 200 
LEU N   H2   sing N N 201 
LEU CA  C    sing N N 202 
LEU CA  CB   sing N N 203 
LEU CA  HA   sing N N 204 
LEU C   O    doub N N 205 
LEU C   OXT  sing N N 206 
LEU CB  CG   sing N N 207 
LEU CB  HB2  sing N N 208 
LEU CB  HB3  sing N N 209 
LEU CG  CD1  sing N N 210 
LEU CG  CD2  sing N N 211 
LEU CG  HG   sing N N 212 
LEU CD1 HD11 sing N N 213 
LEU CD1 HD12 sing N N 214 
LEU CD1 HD13 sing N N 215 
LEU CD2 HD21 sing N N 216 
LEU CD2 HD22 sing N N 217 
LEU CD2 HD23 sing N N 218 
LEU OXT HXT  sing N N 219 
LYS N   CA   sing N N 220 
LYS N   H    sing N N 221 
LYS N   H2   sing N N 222 
LYS CA  C    sing N N 223 
LYS CA  CB   sing N N 224 
LYS CA  HA   sing N N 225 
LYS C   O    doub N N 226 
LYS C   OXT  sing N N 227 
LYS CB  CG   sing N N 228 
LYS CB  HB2  sing N N 229 
LYS CB  HB3  sing N N 230 
LYS CG  CD   sing N N 231 
LYS CG  HG2  sing N N 232 
LYS CG  HG3  sing N N 233 
LYS CD  CE   sing N N 234 
LYS CD  HD2  sing N N 235 
LYS CD  HD3  sing N N 236 
LYS CE  NZ   sing N N 237 
LYS CE  HE2  sing N N 238 
LYS CE  HE3  sing N N 239 
LYS NZ  HZ1  sing N N 240 
LYS NZ  HZ2  sing N N 241 
LYS NZ  HZ3  sing N N 242 
LYS OXT HXT  sing N N 243 
MET N   CA   sing N N 244 
MET N   H    sing N N 245 
MET N   H2   sing N N 246 
MET CA  C    sing N N 247 
MET CA  CB   sing N N 248 
MET CA  HA   sing N N 249 
MET C   O    doub N N 250 
MET C   OXT  sing N N 251 
MET CB  CG   sing N N 252 
MET CB  HB2  sing N N 253 
MET CB  HB3  sing N N 254 
MET CG  SD   sing N N 255 
MET CG  HG2  sing N N 256 
MET CG  HG3  sing N N 257 
MET SD  CE   sing N N 258 
MET CE  HE1  sing N N 259 
MET CE  HE2  sing N N 260 
MET CE  HE3  sing N N 261 
MET OXT HXT  sing N N 262 
PHE N   CA   sing N N 263 
PHE N   H    sing N N 264 
PHE N   H2   sing N N 265 
PHE CA  C    sing N N 266 
PHE CA  CB   sing N N 267 
PHE CA  HA   sing N N 268 
PHE C   O    doub N N 269 
PHE C   OXT  sing N N 270 
PHE CB  CG   sing N N 271 
PHE CB  HB2  sing N N 272 
PHE CB  HB3  sing N N 273 
PHE CG  CD1  doub Y N 274 
PHE CG  CD2  sing Y N 275 
PHE CD1 CE1  sing Y N 276 
PHE CD1 HD1  sing N N 277 
PHE CD2 CE2  doub Y N 278 
PHE CD2 HD2  sing N N 279 
PHE CE1 CZ   doub Y N 280 
PHE CE1 HE1  sing N N 281 
PHE CE2 CZ   sing Y N 282 
PHE CE2 HE2  sing N N 283 
PHE CZ  HZ   sing N N 284 
PHE OXT HXT  sing N N 285 
PRO N   CA   sing N N 286 
PRO N   CD   sing N N 287 
PRO N   H    sing N N 288 
PRO CA  C    sing N N 289 
PRO CA  CB   sing N N 290 
PRO CA  HA   sing N N 291 
PRO C   O    doub N N 292 
PRO C   OXT  sing N N 293 
PRO CB  CG   sing N N 294 
PRO CB  HB2  sing N N 295 
PRO CB  HB3  sing N N 296 
PRO CG  CD   sing N N 297 
PRO CG  HG2  sing N N 298 
PRO CG  HG3  sing N N 299 
PRO CD  HD2  sing N N 300 
PRO CD  HD3  sing N N 301 
PRO OXT HXT  sing N N 302 
SER N   CA   sing N N 303 
SER N   H    sing N N 304 
SER N   H2   sing N N 305 
SER CA  C    sing N N 306 
SER CA  CB   sing N N 307 
SER CA  HA   sing N N 308 
SER C   O    doub N N 309 
SER C   OXT  sing N N 310 
SER CB  OG   sing N N 311 
SER CB  HB2  sing N N 312 
SER CB  HB3  sing N N 313 
SER OG  HG   sing N N 314 
SER OXT HXT  sing N N 315 
THR N   CA   sing N N 316 
THR N   H    sing N N 317 
THR N   H2   sing N N 318 
THR CA  C    sing N N 319 
THR CA  CB   sing N N 320 
THR CA  HA   sing N N 321 
THR C   O    doub N N 322 
THR C   OXT  sing N N 323 
THR CB  OG1  sing N N 324 
THR CB  CG2  sing N N 325 
THR CB  HB   sing N N 326 
THR OG1 HG1  sing N N 327 
THR CG2 HG21 sing N N 328 
THR CG2 HG22 sing N N 329 
THR CG2 HG23 sing N N 330 
THR OXT HXT  sing N N 331 
TYR N   CA   sing N N 332 
TYR N   H    sing N N 333 
TYR N   H2   sing N N 334 
TYR CA  C    sing N N 335 
TYR CA  CB   sing N N 336 
TYR CA  HA   sing N N 337 
TYR C   O    doub N N 338 
TYR C   OXT  sing N N 339 
TYR CB  CG   sing N N 340 
TYR CB  HB2  sing N N 341 
TYR CB  HB3  sing N N 342 
TYR CG  CD1  doub Y N 343 
TYR CG  CD2  sing Y N 344 
TYR CD1 CE1  sing Y N 345 
TYR CD1 HD1  sing N N 346 
TYR CD2 CE2  doub Y N 347 
TYR CD2 HD2  sing N N 348 
TYR CE1 CZ   doub Y N 349 
TYR CE1 HE1  sing N N 350 
TYR CE2 CZ   sing Y N 351 
TYR CE2 HE2  sing N N 352 
TYR CZ  OH   sing N N 353 
TYR OH  HH   sing N N 354 
TYR OXT HXT  sing N N 355 
VAL N   CA   sing N N 356 
VAL N   H    sing N N 357 
VAL N   H2   sing N N 358 
VAL CA  C    sing N N 359 
VAL CA  CB   sing N N 360 
VAL CA  HA   sing N N 361 
VAL C   O    doub N N 362 
VAL C   OXT  sing N N 363 
VAL CB  CG1  sing N N 364 
VAL CB  CG2  sing N N 365 
VAL CB  HB   sing N N 366 
VAL CG1 HG11 sing N N 367 
VAL CG1 HG12 sing N N 368 
VAL CG1 HG13 sing N N 369 
VAL CG2 HG21 sing N N 370 
VAL CG2 HG22 sing N N 371 
VAL CG2 HG23 sing N N 372 
VAL OXT HXT  sing N N 373 
# 
loop_
_pdbx_audit_support.funding_organization 
_pdbx_audit_support.country 
_pdbx_audit_support.grant_number 
_pdbx_audit_support.ordinal 
'Global Challenges Research Fund'                    'United Kingdom' 'GCRF-START ST/R002754/1' 1 
'National Research Foundation in South Africa'       'South Africa'   110428                    2 
'Council of Scientific & Industrial Research (CSIR)' 'South Africa'   'DSI-CSIR IBS'            3 
# 
_pdbx_entity_instance_feature.ordinal        1 
_pdbx_entity_instance_feature.comp_id        4HH 
_pdbx_entity_instance_feature.asym_id        ? 
_pdbx_entity_instance_feature.seq_num        ? 
_pdbx_entity_instance_feature.auth_comp_id   4HH 
_pdbx_entity_instance_feature.auth_asym_id   ? 
_pdbx_entity_instance_feature.auth_seq_num   ? 
_pdbx_entity_instance_feature.feature_type   'SUBJECT OF INVESTIGATION' 
_pdbx_entity_instance_feature.details        ? 
# 
_pdbx_initial_refinement_model.id               1 
_pdbx_initial_refinement_model.entity_id_list   ? 
_pdbx_initial_refinement_model.type             'experimental model' 
_pdbx_initial_refinement_model.source_name      PDB 
_pdbx_initial_refinement_model.accession_code   1T8K 
_pdbx_initial_refinement_model.details          ? 
# 
_atom_sites.entry_id                    7PDI 
_atom_sites.Cartn_transf_matrix[1][1]   ? 
_atom_sites.Cartn_transf_matrix[1][2]   ? 
_atom_sites.Cartn_transf_matrix[1][3]   ? 
_atom_sites.Cartn_transf_matrix[2][1]   ? 
_atom_sites.Cartn_transf_matrix[2][2]   ? 
_atom_sites.Cartn_transf_matrix[2][3]   ? 
_atom_sites.Cartn_transf_matrix[3][1]   ? 
_atom_sites.Cartn_transf_matrix[3][2]   ? 
_atom_sites.Cartn_transf_matrix[3][3]   ? 
_atom_sites.Cartn_transf_vector[1]      ? 
_atom_sites.Cartn_transf_vector[2]      ? 
_atom_sites.Cartn_transf_vector[3]      ? 
_atom_sites.fract_transf_matrix[1][1]   -0.00940771 
_atom_sites.fract_transf_matrix[1][2]   -0.00693405 
_atom_sites.fract_transf_matrix[1][3]   0.01919856 
_atom_sites.fract_transf_matrix[2][1]   0.01593903 
_atom_sites.fract_transf_matrix[2][2]   -0.00271815 
_atom_sites.fract_transf_matrix[2][3]   0.00682874 
_atom_sites.fract_transf_matrix[3][1]   0.00019782 
_atom_sites.fract_transf_matrix[3][2]   0.01515258 
_atom_sites.fract_transf_matrix[3][3]   0.00556968 
_atom_sites.fract_transf_vector[1]      0.253241 
_atom_sites.fract_transf_vector[2]      0.239877 
_atom_sites.fract_transf_vector[3]      -0.111332 
_atom_sites.solution_primary            ? 
_atom_sites.solution_secondary          ? 
_atom_sites.solution_hydrogens          ? 
_atom_sites.special_details             ? 
# 
loop_
_atom_type.symbol 
_atom_type.pdbx_scat_Z 
_atom_type.pdbx_N_electrons 
_atom_type.scat_Cromer_Mann_a1 
_atom_type.scat_Cromer_Mann_b1 
_atom_type.scat_Cromer_Mann_a2 
_atom_type.scat_Cromer_Mann_b2 
_atom_type.scat_Cromer_Mann_a3 
_atom_type.scat_Cromer_Mann_b3 
_atom_type.scat_Cromer_Mann_a4 
_atom_type.scat_Cromer_Mann_b4 
_atom_type.scat_Cromer_Mann_c 
C 6  6  2.310  20.844 1.020 10.208 1.589 0.569  0.865 51.651 0.216   
H 1  1  0.493  10.511 0.323 26.126 0.140 3.142  0.041 57.800 0.003   
N 7  7  12.222 0.006  3.135 9.893  2.014 28.997 1.167 0.583  -11.538 
O 8  8  3.049  13.277 2.287 5.701  1.546 0.324  0.867 32.909 0.251   
P 15 15 6.435  1.907  4.179 27.157 1.780 0.526  1.491 68.164 1.268   
S 16 16 6.905  1.468  5.203 22.215 1.438 0.254  1.586 56.172 1.049   
# 
loop_
_atom_site.group_PDB 
_atom_site.id 
_atom_site.type_symbol 
_atom_site.label_atom_id 
_atom_site.label_alt_id 
_atom_site.label_comp_id 
_atom_site.label_asym_id 
_atom_site.label_entity_id 
_atom_site.label_seq_id 
_atom_site.pdbx_PDB_ins_code 
_atom_site.Cartn_x 
_atom_site.Cartn_y 
_atom_site.Cartn_z 
_atom_site.occupancy 
_atom_site.B_iso_or_equiv 
_atom_site.pdbx_formal_charge 
_atom_site.auth_seq_id 
_atom_site.auth_comp_id 
_atom_site.auth_asym_id 
_atom_site.auth_atom_id 
_atom_site.pdbx_PDB_model_num 
_atom_site.calc_flag 
ATOM   1    N N    . GLY A 1 1  ? 0.654   -15.569 -2.093  1.000 43.429  0 1   GLY A N    1 ? 
ATOM   2    C CA   . GLY A 1 1  ? 0.064   -16.829 -1.578  1.000 43.545  0 1   GLY A CA   1 ? 
ATOM   3    C C    . GLY A 1 1  ? 0.520   -17.991 -2.452  1.000 39.704  0 1   GLY A C    1 ? 
ATOM   4    O O    . GLY A 1 1  ? 1.175   -17.764 -3.464  1.000 37.973  0 1   GLY A O    1 ? 
ATOM   5    H H1   . GLY A 1 1  ? -0.016  -14.997 -2.325  1.000 43.457  0 1   GLY A H1   1 c 
ATOM   6    H H2   . GLY A 1 1  ? 1.200   -15.747 -2.863  1.000 43.450  0 1   GLY A H2   1 c 
ATOM   7    H H3   . GLY A 1 1  ? 1.193   -15.168 -1.408  1.000 43.457  0 1   GLY A H3   1 c 
ATOM   8    H HA2  . GLY A 1 1  ? 0.362   -16.973 -0.645  1.000 42.572  0 1   GLY A HA2  1 c 
ATOM   9    H HA3  . GLY A 1 1  ? -0.923  -16.763 -1.591  1.000 42.575  0 1   GLY A HA3  1 c 
ATOM   10   N N    . PRO A 1 2  ? 0.215   -19.258 -2.095  1.000 37.627  0 2   PRO A N    1 ? 
ATOM   11   C CA   . PRO A 1 2  ? 0.663   -20.396 -2.893  1.000 36.061  0 2   PRO A CA   1 ? 
ATOM   12   C C    . PRO A 1 2  ? 0.212   -20.325 -4.364  1.000 30.725  0 2   PRO A C    1 ? 
ATOM   13   O O    . PRO A 1 2  ? -0.958  -19.970 -4.671  1.000 29.192  0 2   PRO A O    1 ? 
ATOM   14   C CB   . PRO A 1 2  ? 0.061   -21.631 -2.205  1.000 33.892  0 2   PRO A CB   1 ? 
ATOM   15   C CG   . PRO A 1 2  ? -0.776  -21.132 -1.061  1.000 36.493  0 2   PRO A CG   1 ? 
ATOM   16   C CD   . PRO A 1 2  ? -0.521  -19.658 -0.892  1.000 38.415  0 2   PRO A CD   1 ? 
ATOM   17   H HA   . PRO A 1 2  ? 1.651   -20.450 -2.847  1.000 34.840  0 2   PRO A HA   1 c 
ATOM   18   H HB2  . PRO A 1 2  ? -0.493  -22.140 -2.834  1.000 34.984  0 2   PRO A HB2  1 c 
ATOM   19   H HB3  . PRO A 1 2  ? 0.772   -22.220 -1.875  1.000 34.992  0 2   PRO A HB3  1 c 
ATOM   20   H HG2  . PRO A 1 2  ? -1.724  -21.290 -1.244  1.000 36.298  0 2   PRO A HG2  1 c 
ATOM   21   H HG3  . PRO A 1 2  ? -0.540  -21.610 -0.239  1.000 36.298  0 2   PRO A HG3  1 c 
ATOM   22   H HD2  . PRO A 1 2  ? -1.361  -19.167 -0.823  1.000 37.775  0 2   PRO A HD2  1 c 
ATOM   23   H HD3  . PRO A 1 2  ? 0.008   -19.486 -0.092  1.000 37.768  0 2   PRO A HD3  1 c 
ATOM   24   N N    . LEU A 1 3  ? 1.131   -20.677 -5.263  1.000 33.761  0 3   LEU A N    1 ? 
ATOM   25   C CA   . LEU A 1 3  ? 0.870   -20.845 -6.719  1.000 34.902  0 3   LEU A CA   1 ? 
ATOM   26   C C    . LEU A 1 3  ? 0.271   -19.565 -7.335  1.000 30.522  0 3   LEU A C    1 ? 
ATOM   27   O O    . LEU A 1 3  ? -0.473  -19.631 -8.348  1.000 33.332  0 3   LEU A O    1 ? 
ATOM   28   C CB   . LEU A 1 3  ? -0.047  -22.056 -6.884  1.000 31.368  0 3   LEU A CB   1 ? 
ATOM   29   C CG   . LEU A 1 3  ? 0.428   -23.370 -6.224  1.000 33.054  0 3   LEU A CG   1 ? 
ATOM   30   C CD1  . LEU A 1 3  ? -0.517  -24.518 -6.526  1.000 34.865  0 3   LEU A CD1  1 ? 
ATOM   31   C CD2  . LEU A 1 3  ? 1.806   -23.793 -6.651  1.000 31.341  0 3   LEU A CD2  1 ? 
ATOM   32   H H    . LEU A 1 3  ? 1.994   -20.846 -5.034  1.000 33.287  0 3   LEU A H    1 c 
ATOM   33   H HA   . LEU A 1 3  ? 1.727   -21.025 -7.159  1.000 33.118  0 3   LEU A HA   1 c 
ATOM   34   H HB2  . LEU A 1 3  ? -0.925  -21.828 -6.520  1.000 32.552  0 3   LEU A HB2  1 c 
ATOM   35   H HB3  . LEU A 1 3  ? -0.162  -22.221 -7.841  1.000 32.561  0 3   LEU A HB3  1 c 
ATOM   36   H HG   . LEU A 1 3  ? 0.440   -23.234 -5.244  1.000 32.726  0 3   LEU A HG   1 c 
ATOM   37   H HD11 . LEU A 1 3  ? -1.406  -24.302 -6.193  1.000 34.289  0 3   LEU A HD11 1 c 
ATOM   38   H HD12 . LEU A 1 3  ? -0.196  -25.327 -6.092  1.000 34.279  0 3   LEU A HD12 1 c 
ATOM   39   H HD13 . LEU A 1 3  ? -0.556  -24.660 -7.488  1.000 34.289  0 3   LEU A HD13 1 c 
ATOM   40   H HD21 . LEU A 1 3  ? 1.821   -23.925 -7.615  1.000 31.858  0 3   LEU A HD21 1 c 
ATOM   41   H HD22 . LEU A 1 3  ? 2.042   -24.627 -6.207  1.000 31.867  0 3   LEU A HD22 1 c 
ATOM   42   H HD23 . LEU A 1 3  ? 2.449   -23.106 -6.408  1.000 31.864  0 3   LEU A HD23 1 c 
ATOM   43   N N    . GLY A 1 4  ? 0.610   -18.415 -6.781  1.000 34.868  0 4   GLY A N    1 ? 
ATOM   44   C CA   . GLY A 1 4  ? 0.185   -17.104 -7.316  1.000 35.158  0 4   GLY A CA   1 ? 
ATOM   45   C C    . GLY A 1 4  ? -1.173  -16.641 -6.841  1.000 36.820  0 4   GLY A C    1 ? 
ATOM   46   O O    . GLY A 1 4  ? -1.646  -15.611 -7.339  1.000 39.367  0 4   GLY A O    1 ? 
ATOM   47   H H    . GLY A 1 4  ? 1.141   -18.363 -6.045  1.000 33.851  0 4   GLY A H    1 c 
ATOM   48   H HA2  . GLY A 1 4  ? 0.861   -16.428 -7.060  1.000 35.470  0 4   GLY A HA2  1 c 
ATOM   49   H HA3  . GLY A 1 4  ? 0.179   -17.153 -8.305  1.000 35.458  0 4   GLY A HA3  1 c 
ATOM   50   N N    . SER A 1 5  ? -1.817  -17.316 -5.902  1.000 34.610  0 5   SER A N    1 ? 
ATOM   51   C CA   . SER A 1 5  ? -3.032  -16.745 -5.273  1.000 35.527  0 5   SER A CA   1 ? 
ATOM   52   C C    . SER A 1 5  ? -2.543  -15.618 -4.349  1.000 37.182  0 5   SER A C    1 ? 
ATOM   53   O O    . SER A 1 5  ? -1.439  -15.711 -3.798  1.000 41.394  0 5   SER A O    1 ? 
ATOM   54   C CB   . SER A 1 5  ? -3.831  -17.768 -4.546  1.000 34.795  0 5   SER A CB   1 ? 
ATOM   55   O OG   . SER A 1 5  ? -2.997  -18.397 -3.580  1.000 40.530  0 5   SER A OG   1 ? 
ATOM   56   H H    . SER A 1 5  ? -1.588  -18.138 -5.582  1.000 35.321  0 5   SER A H    1 c 
ATOM   57   H HA   . SER A 1 5  ? -3.598  -16.346 -5.987  1.000 35.526  0 5   SER A HA   1 c 
ATOM   58   H HB2  . SER A 1 5  ? -4.595  -17.341 -4.100  1.000 36.243  0 5   SER A HB2  1 c 
ATOM   59   H HB3  . SER A 1 5  ? -4.173  -18.438 -5.182  1.000 36.243  0 5   SER A HB3  1 c 
ATOM   60   H HG   . SER A 1 5  ? -3.456  -18.974 -3.170  0.000 40.280  0 5   SER A HG   1 c 
ATOM   61   N N    . SER A 1 6  ? -3.266  -14.528 -4.239  1.000 39.188  0 6   SER A N    1 ? 
ATOM   62   C CA   . SER A 1 6  ? -2.898  -13.479 -3.257  1.000 45.240  0 6   SER A CA   1 ? 
ATOM   63   C C    . SER A 1 6  ? -4.107  -12.609 -2.983  1.000 43.354  0 6   SER A C    1 ? 
ATOM   64   O O    . SER A 1 6  ? -4.832  -12.245 -3.939  1.000 48.798  0 6   SER A O    1 ? 
ATOM   65   C CB   . SER A 1 6  ? -1.720  -12.649 -3.683  1.000 51.037  0 6   SER A CB   1 ? 
ATOM   66   O OG   . SER A 1 6  ? -2.098  -11.788 -4.742  1.000 63.509  0 6   SER A OG   1 ? 
ATOM   67   H H    . SER A 1 6  ? -3.999  -14.331 -4.730  1.000 40.047  0 6   SER A H    1 c 
ATOM   68   H HA   . SER A 1 6  ? -2.658  -13.937 -2.407  1.000 44.651  0 6   SER A HA   1 c 
ATOM   69   H HB2  . SER A 1 6  ? -1.399  -12.115 -2.920  1.000 52.221  0 6   SER A HB2  1 c 
ATOM   70   H HB3  . SER A 1 6  ? -0.988  -13.236 -3.977  1.000 52.177  0 6   SER A HB3  1 c 
ATOM   71   H HG   . SER A 1 6  ? -1.405  -11.353 -4.980  0.000 63.210  0 6   SER A HG   1 c 
ATOM   72   N N    . THR A 1 7  ? -4.259  -12.276 -1.718  1.000 41.828  0 7   THR A N    1 ? 
ATOM   73   C CA   . THR A 1 7  ? -5.347  -11.426 -1.213  1.000 42.420  0 7   THR A CA   1 ? 
ATOM   74   C C    . THR A 1 7  ? -4.976  -9.972  -1.497  1.000 41.784  0 7   THR A C    1 ? 
ATOM   75   O O    . THR A 1 7  ? -3.827  -9.715  -1.870  1.000 40.172  0 7   THR A O    1 ? 
ATOM   76   C CB   . THR A 1 7  ? -5.579  -11.705 0.266   1.000 41.489  0 7   THR A CB   1 ? 
ATOM   77   O OG1  . THR A 1 7  ? -4.404  -11.273 0.945   1.000 38.118  0 7   THR A OG1  1 ? 
ATOM   78   C CG2  . THR A 1 7  ? -5.844  -13.175 0.526   1.000 42.649  0 7   THR A CG2  1 ? 
ATOM   79   H H    . THR A 1 7  ? -3.679  -12.527 -1.061  1.000 42.330  0 7   THR A H    1 c 
ATOM   80   H HA   . THR A 1 7  ? -6.169  -11.647 -1.710  1.000 42.018  0 7   THR A HA   1 c 
ATOM   81   H HB   . THR A 1 7  ? -6.350  -11.173 0.575   1.000 41.212  0 7   THR A HB   1 c 
ATOM   82   H HG1  . THR A 1 7  ? -4.483  -11.401 1.781   0.000 38.090  0 7   THR A HG1  1 c 
ATOM   83   H HG21 . THR A 1 7  ? -6.617  -13.463 0.006   1.000 42.287  0 7   THR A HG21 1 c 
ATOM   84   H HG22 . THR A 1 7  ? -6.024  -13.310 1.473   1.000 42.287  0 7   THR A HG22 1 c 
ATOM   85   H HG23 . THR A 1 7  ? -5.067  -13.701 0.267   1.000 42.287  0 7   THR A HG23 1 c 
ATOM   86   N N    . ILE A 1 8  ? -5.956  -9.086  -1.377  1.000 41.605  0 8   ILE A N    1 ? 
ATOM   87   C CA   . ILE A 1 8  ? -5.745  -7.614  -1.443  1.000 38.208  0 8   ILE A CA   1 ? 
ATOM   88   C C    . ILE A 1 8  ? -4.712  -7.266  -0.387  1.000 39.530  0 8   ILE A C    1 ? 
ATOM   89   O O    . ILE A 1 8  ? -3.765  -6.573  -0.734  1.000 38.515  0 8   ILE A O    1 ? 
ATOM   90   C CB   . ILE A 1 8  ? -7.065  -6.854  -1.279  1.000 43.639  0 8   ILE A CB   1 ? 
ATOM   91   C CG1  . ILE A 1 8  ? -7.932  -7.030  -2.530  1.000 47.547  0 8   ILE A CG1  1 ? 
ATOM   92   C CG2  . ILE A 1 8  ? -6.778  -5.386  -0.960  1.000 46.013  0 8   ILE A CG2  1 ? 
ATOM   93   C CD1  . ILE A 1 8  ? -9.402  -6.742  -2.314  1.000 54.546  0 8   ILE A CD1  1 ? 
ATOM   94   H H    . ILE A 1 8  ? -6.824  -9.328  -1.245  1.000 40.867  0 8   ILE A H    1 c 
ATOM   95   H HA   . ILE A 1 8  ? -5.375  -7.398  -2.319  1.000 40.094  0 8   ILE A HA   1 c 
ATOM   96   H HB   . ILE A 1 8  ? -7.550  -7.246  -0.513  1.000 43.675  0 8   ILE A HB   1 c 
ATOM   97   H HG12 . ILE A 1 8  ? -7.596  -6.432  -3.231  1.000 48.114  0 8   ILE A HG12 1 c 
ATOM   98   H HG13 . ILE A 1 8  ? -7.839  -7.952  -2.852  1.000 48.071  0 8   ILE A HG13 1 c 
ATOM   99   H HG21 . ILE A 1 8  ? -6.330  -5.317  -0.100  1.000 45.254  0 8   ILE A HG21 1 c 
ATOM   100  H HG22 . ILE A 1 8  ? -7.614  -4.891  -0.926  1.000 45.277  0 8   ILE A HG22 1 c 
ATOM   101  H HG23 . ILE A 1 8  ? -6.208  -5.007  -1.652  1.000 45.265  0 8   ILE A HG23 1 c 
ATOM   102  H HD11 . ILE A 1 8  ? -9.755  -7.341  -1.634  1.000 52.277  0 8   ILE A HD11 1 c 
ATOM   103  H HD12 . ILE A 1 8  ? -9.887  -6.877  -3.147  1.000 52.277  0 8   ILE A HD12 1 c 
ATOM   104  H HD13 . ILE A 1 8  ? -9.515  -5.821  -2.022  1.000 52.263  0 8   ILE A HD13 1 c 
ATOM   105  N N    . GLU A 1 9  ? -4.853  -7.797  0.830   1.000 38.162  0 9   GLU A N    1 ? 
ATOM   106  C CA   . GLU A 1 9  ? -3.880  -7.551  1.921   1.000 45.024  0 9   GLU A CA   1 ? 
ATOM   107  C C    . GLU A 1 9  ? -2.459  -7.903  1.458   1.000 44.867  0 9   GLU A C    1 ? 
ATOM   108  O O    . GLU A 1 9  ? -1.563  -7.058  1.629   1.000 41.631  0 9   GLU A O    1 ? 
ATOM   109  C CB   . GLU A 1 9  ? -4.272  -8.308  3.196   1.000 48.385  0 9   GLU A CB   1 ? 
ATOM   110  C CG   . GLU A 1 9  ? -3.234  -8.179  4.295   1.000 53.687  0 9   GLU A CG   1 ? 
ATOM   111  C CD   . GLU A 1 9  ? -3.674  -8.610  5.693   1.000 62.002  0 9   GLU A CD   1 ? 
ATOM   112  O OE1  . GLU A 1 9  ? -4.825  -8.302  6.090   1.000 67.873  0 9   GLU A OE1  1 ? 
ATOM   113  O OE2  . GLU A 1 9  ? -2.850  -9.221  6.398   1.000 62.635  0 9   GLU A OE2  1 ? 
ATOM   114  H H    . GLU A 1 9  ? -5.553  -8.333  1.063   1.000 40.029  0 9   GLU A H    1 c 
ATOM   115  H HA   . GLU A 1 9  ? -3.900  -6.587  2.124   1.000 44.154  0 9   GLU A HA   1 c 
ATOM   116  H HB2  . GLU A 1 9  ? -5.129  -7.960  3.518   1.000 48.760  0 9   GLU A HB2  1 c 
ATOM   117  H HB3  . GLU A 1 9  ? -4.392  -9.256  2.975   1.000 48.747  0 9   GLU A HB3  1 c 
ATOM   118  H HG2  . GLU A 1 9  ? -2.448  -8.711  4.048   1.000 54.188  0 9   GLU A HG2  1 c 
ATOM   119  H HG3  . GLU A 1 9  ? -2.947  -7.242  4.344   1.000 54.194  0 9   GLU A HG3  1 c 
ATOM   120  N N    . GLU A 1 10 ? -2.226  -9.114  0.927   1.000 38.631  0 10  GLU A N    1 ? 
ATOM   121  C CA   . GLU A 1 10 ? -0.860  -9.554  0.552   1.000 39.364  0 10  GLU A CA   1 ? 
ATOM   122  C C    . GLU A 1 10 ? -0.322  -8.691  -0.590  1.000 32.811  0 10  GLU A C    1 ? 
ATOM   123  O O    . GLU A 1 10 ? 0.879   -8.463  -0.623  1.000 35.365  0 10  GLU A O    1 ? 
ATOM   124  C CB   . GLU A 1 10 ? -0.821  -10.975 -0.015  1.000 42.149  0 10  GLU A CB   1 ? 
ATOM   125  C CG   . GLU A 1 10 ? -1.023  -12.079 0.980   1.000 51.736  0 10  GLU A CG   1 ? 
ATOM   126  C CD   . GLU A 1 10 ? -0.913  -13.410 0.243   1.000 58.672  0 10  GLU A CD   1 ? 
ATOM   127  O OE1  . GLU A 1 10 ? 0.176   -13.661 -0.334  1.000 57.011  0 10  GLU A OE1  1 ? 
ATOM   128  O OE2  . GLU A 1 10 ? -1.941  -14.120 0.147   1.000 57.632  0 10  GLU A OE2  1 ? 
ATOM   129  H H    . GLU A 1 10 ? -2.883  -9.726  0.769   1.000 40.199  0 10  GLU A H    1 c 
ATOM   130  H HA   . GLU A 1 10 ? -0.263  -9.486  1.332   1.000 38.378  0 10  GLU A HA   1 c 
ATOM   131  H HB2  . GLU A 1 10 ? -1.513  -11.046 -0.705  1.000 43.531  0 10  GLU A HB2  1 c 
ATOM   132  H HB3  . GLU A 1 10 ? 0.047   -11.106 -0.452  1.000 43.551  0 10  GLU A HB3  1 c 
ATOM   133  H HG2  . GLU A 1 10 ? -0.342  -12.031 1.683   1.000 50.772  0 10  GLU A HG2  1 c 
ATOM   134  H HG3  . GLU A 1 10 ? -1.910  -12.003 1.392   1.000 50.760  0 10  GLU A HG3  1 c 
ATOM   135  N N    . ARG A 1 11 ? -1.182  -8.290  -1.515  1.000 31.654  0 11  ARG A N    1 ? 
ATOM   136  C CA   . ARG A 1 11 ? -0.776  -7.487  -2.696  1.000 36.373  0 11  ARG A CA   1 ? 
ATOM   137  C C    . ARG A 1 11 ? -0.365  -6.079  -2.234  1.000 33.582  0 11  ARG A C    1 ? 
ATOM   138  O O    . ARG A 1 11 ? 0.646   -5.562  -2.729  1.000 33.554  0 11  ARG A O    1 ? 
ATOM   139  C CB   . ARG A 1 11 ? -1.923  -7.444  -3.712  1.000 37.331  0 11  ARG A CB   1 ? 
ATOM   140  C CG   . ARG A 1 11 ? -2.079  -8.730  -4.516  1.000 40.798  0 11  ARG A CG   1 ? 
ATOM   141  C CD   . ARG A 1 11 ? -3.442  -8.805  -5.177  1.000 41.319  0 11  ARG A CD   1 ? 
ATOM   142  N NE   . ARG A 1 11 ? -3.545  -7.907  -6.322  1.000 42.716  0 11  ARG A NE   1 ? 
ATOM   143  C CZ   . ARG A 1 11 ? -4.684  -7.517  -6.894  1.000 41.890  0 11  ARG A CZ   1 ? 
ATOM   144  N NH1  . ARG A 1 11 ? -5.851  -7.942  -6.439  1.000 42.400  0 11  ARG A NH1  1 ? 
ATOM   145  N NH2  . ARG A 1 11 ? -4.649  -6.688  -7.921  1.000 44.865  0 11  ARG A NH2  1 ? 
ATOM   146  H H    . ARG A 1 11 ? -2.071  -8.489  -1.486  1.000 33.026  0 11  ARG A H    1 c 
ATOM   147  H HA   . ARG A 1 11 ? 0.002   -7.922  -3.114  1.000 35.058  0 11  ARG A HA   1 c 
ATOM   148  H HB2  . ARG A 1 11 ? -2.759  -7.263  -3.233  1.000 37.885  0 11  ARG A HB2  1 c 
ATOM   149  H HB3  . ARG A 1 11 ? -1.764  -6.700  -4.331  1.000 37.876  0 11  ARG A HB3  1 c 
ATOM   150  H HG2  . ARG A 1 11 ? -1.384  -8.769  -5.208  1.000 40.082  0 11  ARG A HG2  1 c 
ATOM   151  H HG3  . ARG A 1 11 ? -1.963  -9.501  -3.923  1.000 40.111  0 11  ARG A HG3  1 c 
ATOM   152  H HD2  . ARG A 1 11 ? -3.612  -9.724  -5.472  1.000 41.543  0 11  ARG A HD2  1 c 
ATOM   153  H HD3  . ARG A 1 11 ? -4.130  -8.567  -4.519  1.000 41.506  0 11  ARG A HD3  1 c 
ATOM   154  H HE   . ARG A 1 11 ? -2.802  -7.594  -6.657  1.000 42.238  0 11  ARG A HE   1 c 
ATOM   155  H HH11 . ARG A 1 11 ? -5.887  -8.491  -5.755  1.000 42.301  0 11  ARG A HH11 1 c 
ATOM   156  H HH12 . ARG A 1 11 ? -6.593  -7.677  -6.827  1.000 42.303  0 11  ARG A HH12 1 c 
ATOM   157  H HH21 . ARG A 1 11 ? -3.876  -6.402  -8.232  1.000 43.788  0 11  ARG A HH21 1 c 
ATOM   158  H HH22 . ARG A 1 11 ? -5.401  -6.431  -8.305  1.000 43.788  0 11  ARG A HH22 1 c 
ATOM   159  N N    . VAL A 1 12 ? -1.103  -5.488  -1.298  1.000 36.586  0 12  VAL A N    1 ? 
ATOM   160  C CA   . VAL A 1 12 ? -0.726  -4.166  -0.714  1.000 34.972  0 12  VAL A CA   1 ? 
ATOM   161  C C    . VAL A 1 12 ? 0.624   -4.323  -0.037  1.000 34.762  0 12  VAL A C    1 ? 
ATOM   162  O O    . VAL A 1 12 ? 1.543   -3.528  -0.334  1.000 32.338  0 12  VAL A O    1 ? 
ATOM   163  C CB   . VAL A 1 12 ? -1.776  -3.639  0.268   1.000 34.763  0 12  VAL A CB   1 ? 
ATOM   164  C CG1  . VAL A 1 12 ? -1.227  -2.482  1.103   1.000 33.106  0 12  VAL A CG1  1 ? 
ATOM   165  C CG2  . VAL A 1 12 ? -3.051  -3.241  -0.466  1.000 34.733  0 12  VAL A CG2  1 ? 
ATOM   166  H H    . VAL A 1 12 ? -1.872  -5.844  -0.964  1.000 35.460  0 12  VAL A H    1 c 
ATOM   167  H HA   . VAL A 1 12 ? -0.633  -3.525  -1.442  1.000 35.187  0 12  VAL A HA   1 c 
ATOM   168  H HB   . VAL A 1 12 ? -2.000  -4.377  0.887   1.000 34.476  0 12  VAL A HB   1 c 
ATOM   169  H HG11 . VAL A 1 12 ? -0.507  -2.802  1.675   1.000 33.609  0 12  VAL A HG11 1 c 
ATOM   170  H HG12 . VAL A 1 12 ? -1.939  -2.118  1.658   1.000 33.604  0 12  VAL A HG12 1 c 
ATOM   171  H HG13 . VAL A 1 12 ? -0.889  -1.786  0.514   1.000 33.607  0 12  VAL A HG13 1 c 
ATOM   172  H HG21 . VAL A 1 12 ? -2.848  -2.543  -1.112  1.000 34.739  0 12  VAL A HG21 1 c 
ATOM   173  H HG22 . VAL A 1 12 ? -3.705  -2.911  0.174   1.000 34.739  0 12  VAL A HG22 1 c 
ATOM   174  H HG23 . VAL A 1 12 ? -3.414  -4.015  -0.929  1.000 34.746  0 12  VAL A HG23 1 c 
ATOM   175  N N    . LYS A 1 13 ? 0.757   -5.343  0.801   1.000 34.929  0 13  LYS A N    1 ? 
ATOM   176  C CA   . LYS A 1 13 ? 2.000   -5.545  1.588   1.000 36.101  0 13  LYS A CA   1 ? 
ATOM   177  C C    . LYS A 1 13 ? 3.200   -5.772  0.674   1.000 40.382  0 13  LYS A C    1 ? 
ATOM   178  O O    . LYS A 1 13 ? 4.284   -5.237  1.005   1.000 39.252  0 13  LYS A O    1 ? 
ATOM   179  C CB   . LYS A 1 13 ? 1.847   -6.702  2.576   1.000 41.935  0 13  LYS A CB   1 ? 
ATOM   180  C CG   . LYS A 1 13 ? 0.872   -6.426  3.696   1.000 43.593  0 13  LYS A CG   1 ? 
ATOM   181  C CD   . LYS A 1 13 ? 0.589   -7.649  4.540   1.000 51.302  0 13  LYS A CD   1 ? 
ATOM   182  C CE   . LYS A 1 13 ? -0.118  -7.296  5.828   1.000 56.233  0 13  LYS A CE   1 ? 
ATOM   183  N NZ   . LYS A 1 13 ? 0.087   -8.336  6.859   1.000 65.891  0 13  LYS A NZ   1 ? 
ATOM   184  H H    . LYS A 1 13 ? 0.106   -5.966  0.946   1.000 35.231  0 13  LYS A H    1 c 
ATOM   185  H HA   . LYS A 1 13 ? 2.161   -4.723  2.103   1.000 37.718  0 13  LYS A HA   1 c 
ATOM   186  H HB2  . LYS A 1 13 ? 1.547   -7.496  2.086   1.000 40.835  0 13  LYS A HB2  1 c 
ATOM   187  H HB3  . LYS A 1 13 ? 2.724   -6.901  2.966   1.000 40.846  0 13  LYS A HB3  1 c 
ATOM   188  H HG2  . LYS A 1 13 ? 1.240   -5.721  4.268   1.000 44.908  0 13  LYS A HG2  1 c 
ATOM   189  H HG3  . LYS A 1 13 ? 0.032   -6.096  3.315   1.000 44.838  0 13  LYS A HG3  1 c 
ATOM   190  H HD2  . LYS A 1 13 ? 0.026   -8.269  4.028   1.000 50.443  0 13  LYS A HD2  1 c 
ATOM   191  H HD3  . LYS A 1 13 ? 1.433   -8.103  4.747   1.000 50.457  0 13  LYS A HD3  1 c 
ATOM   192  H HE2  . LYS A 1 13 ? 0.226   -6.446  6.167   1.000 57.026  0 13  LYS A HE2  1 c 
ATOM   193  H HE3  . LYS A 1 13 ? -1.071  -7.191  5.664   1.000 57.085  0 13  LYS A HE3  1 c 
ATOM   194  H HZ1  . LYS A 1 13 ? -0.265  -9.122  6.575   1.000 62.728  0 13  LYS A HZ1  1 c 
ATOM   195  H HZ2  . LYS A 1 13 ? -0.320  -8.088  7.630   1.000 62.728  0 13  LYS A HZ2  1 c 
ATOM   196  H HZ3  . LYS A 1 13 ? 0.974   -8.446  7.014   1.000 62.701  0 13  LYS A HZ3  1 c 
ATOM   197  N N    . LYS A 1 14 ? 3.030   -6.510  -0.430  1.000 41.302  0 14  LYS A N    1 ? 
ATOM   198  C CA   . LYS A 1 14 ? 4.125   -6.757  -1.395  1.000 44.073  0 14  LYS A CA   1 ? 
ATOM   199  C C    . LYS A 1 14 ? 4.501   -5.446  -2.091  1.000 37.687  0 14  LYS A C    1 ? 
ATOM   200  O O    . LYS A 1 14 ? 5.713   -5.206  -2.233  1.000 37.625  0 14  LYS A O    1 ? 
ATOM   201  C CB   . LYS A 1 14 ? 3.772   -7.849  -2.410  1.000 48.194  0 14  LYS A CB   1 ? 
ATOM   202  C CG   . LYS A 1 14 ? 3.667   -9.249  -1.824  1.000 58.162  0 14  LYS A CG   1 ? 
ATOM   203  C CD   . LYS A 1 14 ? 2.770   -10.174 -2.649  1.000 66.343  0 14  LYS A CD   1 ? 
ATOM   204  C CE   . LYS A 1 14 ? 2.731   -11.592 -2.120  1.000 71.234  0 14  LYS A CE   1 ? 
ATOM   205  N NZ   . LYS A 1 14 ? 3.932   -12.345 -2.548  1.000 73.720  0 14  LYS A NZ   1 ? 
ATOM   206  H H    . LYS A 1 14 ? 2.238   -6.905  -0.649  1.000 41.733  0 14  LYS A H    1 c 
ATOM   207  H HA   . LYS A 1 14 ? 4.908   -7.062  -0.881  1.000 42.953  0 14  LYS A HA   1 c 
ATOM   208  H HB2  . LYS A 1 14 ? 2.917   -7.619  -2.829  1.000 49.337  0 14  LYS A HB2  1 c 
ATOM   209  H HB3  . LYS A 1 14 ? 4.457   -7.854  -3.111  1.000 49.308  0 14  LYS A HB3  1 c 
ATOM   210  H HG2  . LYS A 1 14 ? 4.565   -9.638  -1.771  1.000 57.405  0 14  LYS A HG2  1 c 
ATOM   211  H HG3  . LYS A 1 14 ? 3.312   -9.186  -0.912  1.000 57.305  0 14  LYS A HG3  1 c 
ATOM   212  H HD2  . LYS A 1 14 ? 1.858   -9.813  -2.655  1.000 65.322  0 14  LYS A HD2  1 c 
ATOM   213  H HD3  . LYS A 1 14 ? 3.093   -10.189 -3.574  1.000 65.400  0 14  LYS A HD3  1 c 
ATOM   214  H HE2  . LYS A 1 14 ? 2.691   -11.580 -1.145  1.000 70.615  0 14  LYS A HE2  1 c 
ATOM   215  H HE3  . LYS A 1 14 ? 1.934   -12.046 -2.453  1.000 70.615  0 14  LYS A HE3  1 c 
ATOM   216  H HZ1  . LYS A 1 14 ? 3.963   -12.389 -3.453  1.000 72.914  0 14  LYS A HZ1  1 c 
ATOM   217  H HZ2  . LYS A 1 14 ? 3.902   -13.183 -2.211  1.000 72.930  0 14  LYS A HZ2  1 c 
ATOM   218  H HZ3  . LYS A 1 14 ? 4.680   -11.931 -2.244  1.000 72.885  0 14  LYS A HZ3  1 c 
ATOM   219  N N    . ILE A 1 15 ? 3.529   -4.656  -2.553  1.000 35.851  0 15  ILE A N    1 ? 
ATOM   220  C CA   . ILE A 1 15 ? 3.808   -3.360  -3.256  1.000 36.261  0 15  ILE A CA   1 ? 
ATOM   221  C C    . ILE A 1 15 ? 4.551   -2.432  -2.286  1.000 38.944  0 15  ILE A C    1 ? 
ATOM   222  O O    . ILE A 1 15 ? 5.541   -1.824  -2.675  1.000 36.701  0 15  ILE A O    1 ? 
ATOM   223  C CB   . ILE A 1 15 ? 2.504   -2.716  -3.782  1.000 38.392  0 15  ILE A CB   1 ? 
ATOM   224  C CG1  . ILE A 1 15 ? 1.884   -3.526  -4.919  1.000 39.197  0 15  ILE A CG1  1 ? 
ATOM   225  C CG2  . ILE A 1 15 ? 2.711   -1.253  -4.168  1.000 38.975  0 15  ILE A CG2  1 ? 
ATOM   226  C CD1  . ILE A 1 15 ? 2.883   -4.101  -5.893  1.000 44.831  0 15  ILE A CD1  1 ? 
ATOM   227  H H    . ILE A 1 15 ? 2.643   -4.854  -2.472  1.000 36.396  0 15  ILE A H    1 c 
ATOM   228  H HA   . ILE A 1 15 ? 4.392   -3.540  -4.012  1.000 37.106  0 15  ILE A HA   1 c 
ATOM   229  H HB   . ILE A 1 15 ? 1.856   -2.729  -3.034  1.000 38.229  0 15  ILE A HB   1 c 
ATOM   230  H HG12 . ILE A 1 15 ? 1.365   -4.262  -4.534  1.000 40.238  0 15  ILE A HG12 1 c 
ATOM   231  H HG13 . ILE A 1 15 ? 1.262   -2.950  -5.412  1.000 40.247  0 15  ILE A HG13 1 c 
ATOM   232  H HG21 . ILE A 1 15 ? 2.952   -0.735  -3.380  1.000 38.787  0 15  ILE A HG21 1 c 
ATOM   233  H HG22 . ILE A 1 15 ? 1.888   -0.897  -4.545  1.000 38.788  0 15  ILE A HG22 1 c 
ATOM   234  H HG23 . ILE A 1 15 ? 3.423   -1.188  -4.828  1.000 38.788  0 15  ILE A HG23 1 c 
ATOM   235  H HD11 . ILE A 1 15 ? 3.462   -3.391  -6.222  1.000 43.006  0 15  ILE A HD11 1 c 
ATOM   236  H HD12 . ILE A 1 15 ? 2.410   -4.505  -6.642  1.000 43.006  0 15  ILE A HD12 1 c 
ATOM   237  H HD13 . ILE A 1 15 ? 3.422   -4.780  -5.450  1.000 42.979  0 15  ILE A HD13 1 c 
ATOM   238  N N    . VAL A 1 16 ? 4.098   -2.343  -1.038  1.000 36.120  0 16  VAL A N    1 ? 
ATOM   239  C CA   . VAL A 1 16 ? 4.705   -1.457  -0.007  1.000 33.133  0 16  VAL A CA   1 ? 
ATOM   240  C C    . VAL A 1 16 ? 6.139   -1.913  0.278   1.000 38.276  0 16  VAL A C    1 ? 
ATOM   241  O O    . VAL A 1 16 ? 7.049   -1.049  0.316   1.000 37.950  0 16  VAL A O    1 ? 
ATOM   242  C CB   . VAL A 1 16 ? 3.863   -1.465  1.270   1.000 31.428  0 16  VAL A CB   1 ? 
ATOM   243  C CG1  . VAL A 1 16 ? 4.606   -0.807  2.414   1.000 33.416  0 16  VAL A CG1  1 ? 
ATOM   244  C CG2  . VAL A 1 16 ? 2.497   -0.850  1.026   1.000 29.422  0 16  VAL A CG2  1 ? 
ATOM   245  H H    . VAL A 1 16 ? 3.389   -2.830  -0.736  1.000 35.964  0 16  VAL A H    1 c 
ATOM   246  H HA   . VAL A 1 16 ? 4.731   -0.548  -0.359  1.000 34.281  0 16  VAL A HA   1 c 
ATOM   247  H HB   . VAL A 1 16 ? 3.721   -2.412  1.518   1.000 31.742  0 16  VAL A HB   1 c 
ATOM   248  H HG11 . VAL A 1 16 ? 5.396   -1.328  2.636   1.000 32.796  0 16  VAL A HG11 1 c 
ATOM   249  H HG12 . VAL A 1 16 ? 4.023   -0.758  3.191   1.000 32.788  0 16  VAL A HG12 1 c 
ATOM   250  H HG13 . VAL A 1 16 ? 4.873   0.092   2.153   1.000 32.788  0 16  VAL A HG13 1 c 
ATOM   251  H HG21 . VAL A 1 16 ? 2.603   0.081   0.767   1.000 30.029  0 16  VAL A HG21 1 c 
ATOM   252  H HG22 . VAL A 1 16 ? 1.967   -0.902  1.841   1.000 30.027  0 16  VAL A HG22 1 c 
ATOM   253  H HG23 . VAL A 1 16 ? 2.042   -1.332  0.316   1.000 30.052  0 16  VAL A HG23 1 c 
ATOM   254  N N    . ALA A 1 17 ? 6.352   -3.217  0.437   1.000 37.921  0 17  ALA A N    1 ? 
ATOM   255  C CA   . ALA A 1 17 ? 7.687   -3.810  0.686   1.000 38.530  0 17  ALA A CA   1 ? 
ATOM   256  C C    . ALA A 1 17 ? 8.644   -3.469  -0.466  1.000 41.561  0 17  ALA A C    1 ? 
ATOM   257  O O    . ALA A 1 17 ? 9.789   -3.041  -0.200  1.000 40.788  0 17  ALA A O    1 ? 
ATOM   258  C CB   . ALA A 1 17 ? 7.549   -5.300  0.882   1.000 41.808  0 17  ALA A CB   1 ? 
ATOM   259  H H    . ALA A 1 17 ? 5.690   -3.842  0.408   1.000 38.156  0 17  ALA A H    1 c 
ATOM   260  H HA   . ALA A 1 17 ? 8.048   -3.417  1.513   1.000 39.633  0 17  ALA A HA   1 c 
ATOM   261  H HB1  . ALA A 1 17 ? 8.424   -5.689  1.048   1.000 40.798  0 17  ALA A HB1  1 c 
ATOM   262  H HB2  . ALA A 1 17 ? 6.969   -5.473  1.642   1.000 40.813  0 17  ALA A HB2  1 c 
ATOM   263  H HB3  . ALA A 1 17 ? 7.165   -5.698  0.084   1.000 40.777  0 17  ALA A HB3  1 c 
ATOM   264  N N    . GLU A 1 18 ? 8.183   -3.635  -1.701  1.000 45.928  0 18  GLU A N    1 ? 
ATOM   265  C CA   . GLU A 1 18 ? 8.948   -3.348  -2.952  1.000 53.647  0 18  GLU A CA   1 ? 
ATOM   266  C C    . GLU A 1 18 ? 9.289   -1.848  -3.035  1.000 49.880  0 18  GLU A C    1 ? 
ATOM   267  O O    . GLU A 1 18 ? 10.440  -1.490  -3.299  1.000 48.165  0 18  GLU A O    1 ? 
ATOM   268  C CB   . GLU A 1 18 ? 8.081   -3.830  -4.122  1.000 58.381  0 18  GLU A CB   1 ? 
ATOM   269  C CG   . GLU A 1 18 ? 8.687   -3.661  -5.497  1.000 73.688  0 18  GLU A CG   1 ? 
ATOM   270  C CD   . GLU A 1 18 ? 7.922   -4.405  -6.582  1.000 83.891  0 18  GLU A CD   1 ? 
ATOM   271  O OE1  . GLU A 1 18 ? 6.778   -4.844  -6.306  1.000 94.172  0 18  GLU A OE1  1 ? 
ATOM   272  O OE2  . GLU A 1 18 ? 8.469   -4.557  -7.699  1.000 97.536  0 18  GLU A OE2  1 ? 
ATOM   273  H H    . GLU A 1 18 ? 7.342   -3.949  -1.861  1.000 46.589  0 18  GLU A H    1 c 
ATOM   274  H HA   . GLU A 1 18 ? 9.785   -3.866  -2.935  1.000 52.195  0 18  GLU A HA   1 c 
ATOM   275  H HB2  . GLU A 1 18 ? 7.882   -4.779  -3.983  1.000 60.506  0 18  GLU A HB2  1 c 
ATOM   276  H HB3  . GLU A 1 18 ? 7.231   -3.343  -4.095  1.000 60.425  0 18  GLU A HB3  1 c 
ATOM   277  H HG2  . GLU A 1 18 ? 8.709   -2.708  -5.726  1.000 71.855  0 18  GLU A HG2  1 c 
ATOM   278  H HG3  . GLU A 1 18 ? 9.612   -3.988  -5.484  1.000 71.889  0 18  GLU A HG3  1 c 
ATOM   279  N N    . GLN A 1 19 ? 8.298   -0.991  -2.835  1.000 45.471  0 19  GLN A N    1 ? 
ATOM   280  C CA   . GLN A 1 19 ? 8.426   0.472   -3.005  1.000 39.903  0 19  GLN A CA   1 ? 
ATOM   281  C C    . GLN A 1 19 ? 9.319   1.074   -1.923  1.000 44.352  0 19  GLN A C    1 ? 
ATOM   282  O O    . GLN A 1 19 ? 9.999   2.082   -2.243  1.000 45.627  0 19  GLN A O    1 ? 
ATOM   283  C CB   . GLN A 1 19 ? 7.055   1.136   -2.967  1.000 41.939  0 19  GLN A CB   1 ? 
ATOM   284  C CG   . GLN A 1 19 ? 6.267   0.957   -4.248  1.000 43.096  0 19  GLN A CG   1 ? 
ATOM   285  C CD   . GLN A 1 19 ? 6.997   1.550   -5.435  1.000 47.324  0 19  GLN A CD   1 ? 
ATOM   286  O OE1  . GLN A 1 19 ? 7.549   2.652   -5.376  1.000 46.667  0 19  GLN A OE1  1 ? 
ATOM   287  N NE2  . GLN A 1 19 ? 7.033   0.794   -6.518  1.000 43.096  0 19  GLN A NE2  1 ? 
ATOM   288  H H    . GLN A 1 19 ? 7.466   -1.260  -2.581  1.000 45.061  0 19  GLN A H    1 c 
ATOM   289  H HA   . GLN A 1 19 ? 8.840   0.645   -3.880  1.000 42.152  0 19  GLN A HA   1 c 
ATOM   290  H HB2  . GLN A 1 19 ? 6.543   0.758   -2.221  1.000 41.724  0 19  GLN A HB2  1 c 
ATOM   291  H HB3  . GLN A 1 19 ? 7.174   2.093   -2.795  1.000 41.729  0 19  GLN A HB3  1 c 
ATOM   292  H HG2  . GLN A 1 19 ? 6.115   0.003   -4.405  1.000 43.745  0 19  GLN A HG2  1 c 
ATOM   293  H HG3  . GLN A 1 19 ? 5.394   1.392   -4.156  1.000 43.725  0 19  GLN A HG3  1 c 
ATOM   294  H HE21 . GLN A 1 19 ? 7.493   1.058   -7.226  1.000 44.355  0 19  GLN A HE21 1 c 
ATOM   295  H HE22 . GLN A 1 19 ? 6.597   0.024   -6.539  1.000 44.346  0 19  GLN A HE22 1 c 
ATOM   296  N N    . LEU A 1 20 ? 9.244   0.568   -0.682  1.000 43.960  0 20  LEU A N    1 ? 
ATOM   297  C CA   . LEU A 1 20 ? 9.920   1.202   0.479   1.000 43.240  0 20  LEU A CA   1 ? 
ATOM   298  C C    . LEU A 1 20 ? 11.182  0.429   0.855   1.000 42.462  0 20  LEU A C    1 ? 
ATOM   299  O O    . LEU A 1 20 ? 11.865  0.907   1.762   1.000 47.441  0 20  LEU A O    1 ? 
ATOM   300  C CB   . LEU A 1 20 ? 8.975   1.318   1.684   1.000 43.887  0 20  LEU A CB   1 ? 
ATOM   301  C CG   . LEU A 1 20 ? 7.700   2.121   1.464   1.000 40.827  0 20  LEU A CG   1 ? 
ATOM   302  C CD1  . LEU A 1 20 ? 6.964   2.336   2.774   1.000 39.646  0 20  LEU A CD1  1 ? 
ATOM   303  C CD2  . LEU A 1 20 ? 7.976   3.464   0.761   1.000 45.336  0 20  LEU A CD2  1 ? 
ATOM   304  H H    . LEU A 1 20 ? 8.768   -0.181  -0.476  1.000 43.892  0 20  LEU A H    1 c 
ATOM   305  H HA   . LEU A 1 20 ? 10.195  2.106   0.209   1.000 43.360  0 20  LEU A HA   1 c 
ATOM   306  H HB2  . LEU A 1 20 ? 8.725   0.414   1.963   1.000 42.997  0 20  LEU A HB2  1 c 
ATOM   307  H HB3  . LEU A 1 20 ? 9.470   1.725   2.422   1.000 43.003  0 20  LEU A HB3  1 c 
ATOM   308  H HG   . LEU A 1 20 ? 7.110   1.590   0.873   1.000 41.981  0 20  LEU A HG   1 c 
ATOM   309  H HD11 . LEU A 1 20 ? 6.729   1.474   3.160   1.000 39.999  0 20  LEU A HD11 1 c 
ATOM   310  H HD12 . LEU A 1 20 ? 6.154   2.850   2.612   1.000 39.999  0 20  LEU A HD12 1 c 
ATOM   311  H HD13 . LEU A 1 20 ? 7.537   2.821   3.393   1.000 39.999  0 20  LEU A HD13 1 c 
ATOM   312  H HD21 . LEU A 1 20 ? 8.630   3.971   1.274   1.000 43.889  0 20  LEU A HD21 1 c 
ATOM   313  H HD22 . LEU A 1 20 ? 7.148   3.972   0.699   1.000 43.889  0 20  LEU A HD22 1 c 
ATOM   314  H HD23 . LEU A 1 20 ? 8.321   3.301   -0.133  1.000 43.887  0 20  LEU A HD23 1 c 
ATOM   315  N N    . GLY A 1 21 ? 11.460  -0.695  0.177   1.000 48.077  0 21  GLY A N    1 ? 
ATOM   316  C CA   . GLY A 1 21 ? 12.691  -1.497  0.326   1.000 47.625  0 21  GLY A CA   1 ? 
ATOM   317  C C    . GLY A 1 21 ? 12.801  -2.106  1.711   1.000 51.426  0 21  GLY A C    1 ? 
ATOM   318  O O    . GLY A 1 21 ? 13.886  -2.052  2.294   1.000 49.209  0 21  GLY A O    1 ? 
ATOM   319  H H    . GLY A 1 21 ? 10.883  -1.043  -0.434  1.000 46.570  0 21  GLY A H    1 c 
ATOM   320  H HA2  . GLY A 1 21 ? 12.689  -2.219  -0.351  1.000 48.601  0 21  GLY A HA2  1 c 
ATOM   321  H HA3  . GLY A 1 21 ? 13.475  -0.917  0.158   1.000 48.602  0 21  GLY A HA3  1 c 
ATOM   322  N N    . VAL A 1 22 ? 11.699  -2.653  2.221   1.000 51.438  0 22  VAL A N    1 ? 
ATOM   323  C CA   . VAL A 1 22 ? 11.613  -3.317  3.557   1.000 52.655  0 22  VAL A CA   1 ? 
ATOM   324  C C    . VAL A 1 22 ? 11.162  -4.761  3.339   1.000 52.289  0 22  VAL A C    1 ? 
ATOM   325  O O    . VAL A 1 22 ? 10.590  -5.044  2.269   1.000 51.562  0 22  VAL A O    1 ? 
ATOM   326  C CB   . VAL A 1 22 ? 10.650  -2.565  4.493   1.000 55.081  0 22  VAL A CB   1 ? 
ATOM   327  C CG1  . VAL A 1 22 ? 11.135  -1.146  4.744   1.000 58.543  0 22  VAL A CG1  1 ? 
ATOM   328  C CG2  . VAL A 1 22 ? 9.224   -2.553  3.965   1.000 56.008  0 22  VAL A CG2  1 ? 
ATOM   329  H H    . VAL A 1 22 ? 10.913  -2.672  1.764   1.000 51.716  0 22  VAL A H    1 c 
ATOM   330  H HA   . VAL A 1 22 ? 12.499  -3.325  3.961   1.000 52.787  0 22  VAL A HA   1 c 
ATOM   331  H HB   . VAL A 1 22 ? 10.647  -3.040  5.360   1.000 55.416  0 22  VAL A HB   1 c 
ATOM   332  H HG11 . VAL A 1 22 ? 12.020  -1.172  5.146   1.000 57.434  0 22  VAL A HG11 1 c 
ATOM   333  H HG12 . VAL A 1 22 ? 10.519  -0.694  5.346   1.000 57.434  0 22  VAL A HG12 1 c 
ATOM   334  H HG13 . VAL A 1 22 ? 11.176  -0.661  3.900   1.000 57.425  0 22  VAL A HG13 1 c 
ATOM   335  H HG21 . VAL A 1 22 ? 9.201   -2.112  3.098   1.000 55.636  0 22  VAL A HG21 1 c 
ATOM   336  H HG22 . VAL A 1 22 ? 8.652   -2.071  4.587   1.000 55.688  0 22  VAL A HG22 1 c 
ATOM   337  H HG23 . VAL A 1 22 ? 8.901   -3.466  3.872   1.000 55.683  0 22  VAL A HG23 1 c 
ATOM   338  N N    . LYS A 1 23 ? 11.431  -5.645  4.297   1.000 57.491  0 23  LYS A N    1 ? 
ATOM   339  C CA   . LYS A 1 23 ? 10.953  -7.052  4.277   1.000 59.111  0 23  LYS A CA   1 ? 
ATOM   340  C C    . LYS A 1 23 ? 9.421   -7.042  4.260   1.000 55.187  0 23  LYS A C    1 ? 
ATOM   341  O O    . LYS A 1 23 ? 8.837   -6.284  5.061   1.000 49.252  0 23  LYS A O    1 ? 
ATOM   342  C CB   . LYS A 1 23 ? 11.499  -7.817  5.491   1.000 70.115  0 23  LYS A CB   1 ? 
ATOM   343  C CG   . LYS A 1 23 ? 12.695  -8.716  5.203   1.000 77.699  0 23  LYS A CG   1 ? 
ATOM   344  C CD   . LYS A 1 23 ? 12.484  -9.658  4.022   1.000 84.530  0 23  LYS A CD   1 ? 
ATOM   345  C CE   . LYS A 1 23 ? 11.156  -10.396 4.046   1.000 86.501  0 23  LYS A CE   1 ? 
ATOM   346  N NZ   . LYS A 1 23 ? 10.918  -11.149 2.791   1.000 85.251  0 23  LYS A NZ   1 ? 
ATOM   347  H H    . LYS A 1 23 ? 11.932  -5.432  5.027   1.000 56.654  0 23  LYS A H    1 c 
ATOM   348  H HA   . LYS A 1 23 ? 11.276  -7.476  3.452   1.000 60.066  0 23  LYS A HA   1 c 
ATOM   349  H HB2  . LYS A 1 23 ? 11.758  -7.168  6.178   1.000 68.931  0 23  LYS A HB2  1 c 
ATOM   350  H HB3  . LYS A 1 23 ? 10.779  -8.368  5.864   1.000 69.013  0 23  LYS A HB3  1 c 
ATOM   351  H HG2  . LYS A 1 23 ? 13.477  -8.151  5.025   1.000 77.353  0 23  LYS A HG2  1 c 
ATOM   352  H HG3  . LYS A 1 23 ? 12.888  -9.248  6.005   1.000 77.353  0 23  LYS A HG3  1 c 
ATOM   353  H HD2  . LYS A 1 23 ? 12.546  -9.145  3.189   1.000 83.176  0 23  LYS A HD2  1 c 
ATOM   354  H HD3  . LYS A 1 23 ? 13.208  -10.321 4.016   1.000 83.280  0 23  LYS A HD3  1 c 
ATOM   355  H HE2  . LYS A 1 23 ? 11.145  -11.019 4.796   1.000 85.632  0 23  LYS A HE2  1 c 
ATOM   356  H HE3  . LYS A 1 23 ? 10.428  -9.762  4.172   1.000 85.246  0 23  LYS A HE3  1 c 
ATOM   357  H HZ1  . LYS A 1 23 ? 10.916  -10.579 2.085   1.000 85.597  0 23  LYS A HZ1  1 c 
ATOM   358  H HZ2  . LYS A 1 23 ? 10.118  -11.573 2.833   1.000 85.597  0 23  LYS A HZ2  1 c 
ATOM   359  H HZ3  . LYS A 1 23 ? 11.575  -11.764 2.673   1.000 85.597  0 23  LYS A HZ3  1 c 
ATOM   360  N N    . GLU A 1 24 ? 8.804   -7.858  3.402   1.000 50.841  0 24  GLU A N    1 ? 
ATOM   361  C CA   . GLU A 1 24 ? 7.330   -8.047  3.356   1.000 57.229  0 24  GLU A CA   1 ? 
ATOM   362  C C    . GLU A 1 24 ? 6.804   -8.299  4.775   1.000 59.586  0 24  GLU A C    1 ? 
ATOM   363  O O    . GLU A 1 24 ? 5.677   -7.829  5.081   1.000 48.962  0 24  GLU A O    1 ? 
ATOM   364  C CB   . GLU A 1 24 ? 6.949   -9.192  2.415   1.000 62.666  0 24  GLU A CB   1 ? 
ATOM   365  C CG   . GLU A 1 24 ? 5.461   -9.250  2.097   1.000 71.766  0 24  GLU A CG   1 ? 
ATOM   366  C CD   . GLU A 1 24 ? 5.006   -10.478 1.310   1.000 79.922  0 24  GLU A CD   1 ? 
ATOM   367  O OE1  . GLU A 1 24 ? 5.773   -10.918 0.431   1.000 75.189  0 24  GLU A OE1  1 ? 
ATOM   368  O OE2  . GLU A 1 24 ? 3.876   -10.990 1.564   1.000 79.537  0 24  GLU A OE2  1 ? 
ATOM   369  H H    . GLU A 1 24 ? 9.257   -8.352  2.785   1.000 53.438  0 24  GLU A H    1 c 
ATOM   370  H HA   . GLU A 1 24 ? 6.926   -7.216  3.019   1.000 57.317  0 24  GLU A HA   1 c 
ATOM   371  H HB2  . GLU A 1 24 ? 7.449   -9.088  1.578   1.000 63.307  0 24  GLU A HB2  1 c 
ATOM   372  H HB3  . GLU A 1 24 ? 7.220   -10.038 2.826   1.000 63.323  0 24  GLU A HB3  1 c 
ATOM   373  H HG2  . GLU A 1 24 ? 4.954   -9.219  2.936   1.000 71.228  0 24  GLU A HG2  1 c 
ATOM   374  H HG3  . GLU A 1 24 ? 5.219   -8.451  1.581   1.000 71.286  0 24  GLU A HG3  1 c 
ATOM   375  N N    . GLU A 1 25 ? 7.608   -8.973  5.606   1.000 54.715  0 25  GLU A N    1 ? 
ATOM   376  C CA   . GLU A 1 25 ? 7.267   -9.368  6.995   1.000 60.503  0 25  GLU A CA   1 ? 
ATOM   377  C C    . GLU A 1 25 ? 7.195   -8.164  7.945   1.000 54.826  0 25  GLU A C    1 ? 
ATOM   378  O O    . GLU A 1 25 ? 6.537   -8.302  8.992   1.000 55.626  0 25  GLU A O    1 ? 
ATOM   379  C CB   . GLU A 1 25 ? 8.292   -10.387 7.497   1.000 66.969  0 25  GLU A CB   1 ? 
ATOM   380  C CG   . GLU A 1 25 ? 7.930   -11.821 7.131   1.000 77.819  0 25  GLU A CG   1 ? 
ATOM   381  C CD   . GLU A 1 25 ? 8.477   -12.339 5.806   1.000 83.801  0 25  GLU A CD   1 ? 
ATOM   382  O OE1  . GLU A 1 25 ? 9.644   -12.801 5.786   1.000 89.563  0 25  GLU A OE1  1 ? 
ATOM   383  O OE2  . GLU A 1 25 ? 7.735   -12.299 4.797   1.000 89.188  0 25  GLU A OE2  1 ? 
ATOM   384  H H    . GLU A 1 25 ? 8.435   -9.254  5.350   1.000 57.254  0 25  GLU A H    1 c 
ATOM   385  H HA   . GLU A 1 25 ? 6.381   -9.798  6.977   1.000 59.457  0 25  GLU A HA   1 c 
ATOM   386  H HB2  . GLU A 1 25 ? 9.168   -10.170 7.119   1.000 67.689  0 25  GLU A HB2  1 c 
ATOM   387  H HB3  . GLU A 1 25 ? 8.357   -10.313 8.472   1.000 67.694  0 25  GLU A HB3  1 c 
ATOM   388  H HG2  . GLU A 1 25 ? 8.250   -12.414 7.844   1.000 76.403  0 25  GLU A HG2  1 c 
ATOM   389  H HG3  . GLU A 1 25 ? 6.952   -11.902 7.107   1.000 76.331  0 25  GLU A HG3  1 c 
ATOM   390  N N    . GLU A 1 26 ? 7.851   -7.043  7.637   1.000 53.136  0 26  GLU A N    1 ? 
ATOM   391  C CA   . GLU A 1 26 ? 7.814   -5.818  8.493   1.000 55.155  0 26  GLU A CA   1 ? 
ATOM   392  C C    . GLU A 1 26 ? 6.649   -4.919  8.058   1.000 51.453  0 26  GLU A C    1 ? 
ATOM   393  O O    . GLU A 1 26 ? 6.375   -3.905  8.733   1.000 51.797  0 26  GLU A O    1 ? 
ATOM   394  C CB   . GLU A 1 26 ? 9.133   -5.052  8.413   1.000 64.208  0 26  GLU A CB   1 ? 
ATOM   395  C CG   . GLU A 1 26 ? 10.362  -5.914  8.665   1.000 73.174  0 26  GLU A CG   1 ? 
ATOM   396  C CD   . GLU A 1 26 ? 10.617  -6.339  10.103  1.000 84.671  0 26  GLU A CD   1 ? 
ATOM   397  O OE1  . GLU A 1 26 ? 9.955   -5.798  11.015  1.000 89.551  0 26  GLU A OE1  1 ? 
ATOM   398  O OE2  . GLU A 1 26 ? 11.495  -7.209  10.315  1.000 92.405  0 26  GLU A OE2  1 ? 
ATOM   399  H H    . GLU A 1 26 ? 8.354   -6.954  6.885   1.000 54.101  0 26  GLU A H    1 c 
ATOM   400  H HA   . GLU A 1 26 ? 7.666   -6.094  9.427   1.000 55.635  0 26  GLU A HA   1 c 
ATOM   401  H HB2  . GLU A 1 26 ? 9.206   -4.647  7.523   1.000 63.865  0 26  GLU A HB2  1 c 
ATOM   402  H HB3  . GLU A 1 26 ? 9.114   -4.326  9.072   1.000 63.922  0 26  GLU A HB3  1 c 
ATOM   403  H HG2  . GLU A 1 26 ? 10.290  -6.726  8.120   1.000 73.324  0 26  GLU A HG2  1 c 
ATOM   404  H HG3  . GLU A 1 26 ? 11.153  -5.427  8.349   1.000 73.412  0 26  GLU A HG3  1 c 
ATOM   405  N N    . VAL A 1 27 ? 5.973   -5.281  6.969   1.000 47.482  0 27  VAL A N    1 ? 
ATOM   406  C CA   . VAL A 1 27 ? 4.790   -4.540  6.463   1.000 40.234  0 27  VAL A CA   1 ? 
ATOM   407  C C    . VAL A 1 27 ? 3.539   -5.167  7.083   1.000 40.679  0 27  VAL A C    1 ? 
ATOM   408  O O    . VAL A 1 27 ? 2.926   -6.016  6.433   1.000 44.273  0 27  VAL A O    1 ? 
ATOM   409  C CB   . VAL A 1 27 ? 4.748   -4.542  4.925   1.000 37.927  0 27  VAL A CB   1 ? 
ATOM   410  C CG1  . VAL A 1 27 ? 3.618   -3.678  4.399   1.000 40.582  0 27  VAL A CG1  1 ? 
ATOM   411  C CG2  . VAL A 1 27 ? 6.058   -4.080  4.326   1.000 37.984  0 27  VAL A CG2  1 ? 
ATOM   412  H H    . VAL A 1 27 ? 6.194   -6.002  6.461   1.000 46.532  0 27  VAL A H    1 c 
ATOM   413  H HA   . VAL A 1 27 ? 4.853   -3.617  6.765   1.000 41.181  0 27  VAL A HA   1 c 
ATOM   414  H HB   . VAL A 1 27 ? 4.587   -5.470  4.628   1.000 38.889  0 27  VAL A HB   1 c 
ATOM   415  H HG11 . VAL A 1 27 ? 2.765   -4.033  4.701   1.000 39.758  0 27  VAL A HG11 1 c 
ATOM   416  H HG12 . VAL A 1 27 ? 3.639   -3.674  3.427   1.000 39.716  0 27  VAL A HG12 1 c 
ATOM   417  H HG13 . VAL A 1 27 ? 3.724   -2.768  4.728   1.000 39.740  0 27  VAL A HG13 1 c 
ATOM   418  H HG21 . VAL A 1 27 ? 6.266   -3.186  4.650   1.000 37.978  0 27  VAL A HG21 1 c 
ATOM   419  H HG22 . VAL A 1 27 ? 5.983   -4.062  3.356   1.000 37.979  0 27  VAL A HG22 1 c 
ATOM   420  H HG23 . VAL A 1 27 ? 6.770   -4.690  4.584   1.000 38.021  0 27  VAL A HG23 1 c 
ATOM   421  N N    . THR A 1 28 ? 3.175   -4.740  8.295   1.000 37.746  0 28  THR A N    1 ? 
ATOM   422  C CA   . THR A 1 28 ? 1.945   -5.163  9.013   1.000 40.495  0 28  THR A CA   1 ? 
ATOM   423  C C    . THR A 1 28 ? 0.919   -4.042  8.885   1.000 40.051  0 28  THR A C    1 ? 
ATOM   424  O O    . THR A 1 28 ? 1.347   -2.876  8.608   1.000 35.015  0 28  THR A O    1 ? 
ATOM   425  C CB   . THR A 1 28 ? 2.243   -5.509  10.475  1.000 41.871  0 28  THR A CB   1 ? 
ATOM   426  O OG1  . THR A 1 28 ? 2.500   -4.311  11.206  1.000 41.714  0 28  THR A OG1  1 ? 
ATOM   427  C CG2  . THR A 1 28 ? 3.425   -6.444  10.599  1.000 44.653  0 28  THR A CG2  1 ? 
ATOM   428  H H    . THR A 1 28 ? 3.671   -4.152  8.779   1.000 39.086  0 28  THR A H    1 c 
ATOM   429  H HA   . THR A 1 28 ? 1.589   -5.965  8.568   1.000 40.135  0 28  THR A HA   1 c 
ATOM   430  H HB   . THR A 1 28 ? 1.446   -5.951  10.856  1.000 42.087  0 28  THR A HB   1 c 
ATOM   431  H HG1  . THR A 1 28 ? 2.657   -4.512  12.020  0.000 41.660  0 28  THR A HG1  1 c 
ATOM   432  H HG21 . THR A 1 28 ? 3.251   -7.257  10.091  1.000 43.772  0 28  THR A HG21 1 c 
ATOM   433  H HG22 . THR A 1 28 ? 3.563   -6.670  11.535  1.000 43.772  0 28  THR A HG22 1 c 
ATOM   434  H HG23 . THR A 1 28 ? 4.223   -6.009  10.250  1.000 43.761  0 28  THR A HG23 1 c 
ATOM   435  N N    . VAL A 1 29 ? -0.351  -4.366  9.138   1.000 34.936  0 29  VAL A N    1 ? 
ATOM   436  C CA   . VAL A 1 29 ? -1.498  -3.446  8.884   1.000 33.145  0 29  VAL A CA   1 ? 
ATOM   437  C C    . VAL A 1 29 ? -1.426  -2.226  9.800   1.000 32.105  0 29  VAL A C    1 ? 
ATOM   438  O O    . VAL A 1 29 ? -2.056  -1.237  9.458   1.000 36.400  0 29  VAL A O    1 ? 
ATOM   439  C CB   . VAL A 1 29 ? -2.850  -4.158  9.036   1.000 37.084  0 29  VAL A CB   1 ? 
ATOM   440  C CG1  . VAL A 1 29 ? -2.994  -5.251  7.996   1.000 39.470  0 29  VAL A CG1  1 ? 
ATOM   441  C CG2  . VAL A 1 29 ? -3.072  -4.677  10.461  1.000 36.120  0 29  VAL A CG2  1 ? 
ATOM   442  H H    . VAL A 1 29 ? -0.591  -5.174  9.479   1.000 35.665  0 29  VAL A H    1 c 
ATOM   443  H HA   . VAL A 1 29 ? -1.428  -3.133  7.966   1.000 33.982  0 29  VAL A HA   1 c 
ATOM   444  H HB   . VAL A 1 29 ? -3.549  -3.485  8.854   1.000 36.540  0 29  VAL A HB   1 c 
ATOM   445  H HG11 . VAL A 1 29 ? -2.912  -4.865  7.106   1.000 38.699  0 29  VAL A HG11 1 c 
ATOM   446  H HG12 . VAL A 1 29 ? -3.866  -5.672  8.086   1.000 38.711  0 29  VAL A HG12 1 c 
ATOM   447  H HG13 . VAL A 1 29 ? -2.298  -5.917  8.124   1.000 38.699  0 29  VAL A HG13 1 c 
ATOM   448  H HG21 . VAL A 1 29 ? -2.368  -5.306  10.694  1.000 36.405  0 29  VAL A HG21 1 c 
ATOM   449  H HG22 . VAL A 1 29 ? -3.934  -5.125  10.511  1.000 36.409  0 29  VAL A HG22 1 c 
ATOM   450  H HG23 . VAL A 1 29 ? -3.061  -3.932  11.085  1.000 36.402  0 29  VAL A HG23 1 c 
ATOM   451  N N    . GLU A 1 30 ? -0.738  -2.332  10.941  1.000 32.349  0 30  GLU A N    1 ? 
ATOM   452  C CA   . GLU A 1 30 ? -0.662  -1.261  11.963  1.000 36.131  0 30  GLU A CA   1 ? 
ATOM   453  C C    . GLU A 1 30 ? 0.377   -0.210  11.552  1.000 35.487  0 30  GLU A C    1 ? 
ATOM   454  O O    . GLU A 1 30 ? 0.358   0.842   12.143  1.000 34.170  0 30  GLU A O    1 ? 
ATOM   455  C CB   . GLU A 1 30 ? -0.267  -1.813  13.332  1.000 39.743  0 30  GLU A CB   1 ? 
ATOM   456  C CG   . GLU A 1 30 ? -1.224  -2.856  13.844  1.000 51.479  0 30  GLU A CG   1 ? 
ATOM   457  C CD   . GLU A 1 30 ? -0.793  -4.295  13.594  1.000 57.525  0 30  GLU A CD   1 ? 
ATOM   458  O OE1  . GLU A 1 30 ? 0.142   -4.509  12.767  1.000 60.611  0 30  GLU A OE1  1 ? 
ATOM   459  O OE2  . GLU A 1 30 ? -1.384  -5.194  14.237  1.000 62.570  0 30  GLU A OE2  1 ? 
ATOM   460  H H    . GLU A 1 30 ? -0.269  -3.079  11.163  1.000 33.241  0 30  GLU A H    1 c 
ATOM   461  H HA   . GLU A 1 30 ? -1.544  -0.827  12.033  1.000 35.894  0 30  GLU A HA   1 c 
ATOM   462  H HB2  . GLU A 1 30 ? 0.632   -2.197  13.271  1.000 41.357  0 30  GLU A HB2  1 c 
ATOM   463  H HB3  . GLU A 1 30 ? -0.234  -1.070  13.971  1.000 41.294  0 30  GLU A HB3  1 c 
ATOM   464  H HG2  . GLU A 1 30 ? -1.338  -2.732  14.809  1.000 49.704  0 30  GLU A HG2  1 c 
ATOM   465  H HG3  . GLU A 1 30 ? -2.099  -2.718  13.424  1.000 49.666  0 30  GLU A HG3  1 c 
ATOM   466  N N    . LYS A 1 31 ? 1.225   -0.491  10.560  1.000 35.964  0 31  LYS A N    1 ? 
ATOM   467  C CA   . LYS A 1 31 ? 2.412   0.337   10.203  1.000 37.861  0 31  LYS A CA   1 ? 
ATOM   468  C C    . LYS A 1 31 ? 1.990   1.629   9.486   1.000 36.146  0 31  LYS A C    1 ? 
ATOM   469  O O    . LYS A 1 31 ? 1.133   1.594   8.558   1.000 31.607  0 31  LYS A O    1 ? 
ATOM   470  C CB   . LYS A 1 31 ? 3.397   -0.449  9.333   1.000 37.939  0 31  LYS A CB   1 ? 
ATOM   471  C CG   . LYS A 1 31 ? 4.074   -1.623  10.016  1.000 44.516  0 31  LYS A CG   1 ? 
ATOM   472  C CD   . LYS A 1 31 ? 5.071   -1.187  11.045  1.000 47.702  0 31  LYS A CD   1 ? 
ATOM   473  C CE   . LYS A 1 31 ? 5.674   -2.339  11.818  1.000 56.550  0 31  LYS A CE   1 ? 
ATOM   474  N NZ   . LYS A 1 31 ? 6.925   -2.823  11.187  1.000 62.987  0 31  LYS A NZ   1 ? 
ATOM   475  H H    . LYS A 1 31 ? 1.133   -1.227  10.034  1.000 36.277  0 31  LYS A H    1 c 
ATOM   476  H HA   . LYS A 1 31 ? 2.865   0.583   11.040  1.000 37.200  0 31  LYS A HA   1 c 
ATOM   477  H HB2  . LYS A 1 31 ? 2.918   -0.782  8.546   1.000 39.359  0 31  LYS A HB2  1 c 
ATOM   478  H HB3  . LYS A 1 31 ? 4.091   0.167   9.019   1.000 39.367  0 31  LYS A HB3  1 c 
ATOM   479  H HG2  . LYS A 1 31 ? 3.390   -2.179  10.444  1.000 43.579  0 31  LYS A HG2  1 c 
ATOM   480  H HG3  . LYS A 1 31 ? 4.528   -2.166  9.339   1.000 43.576  0 31  LYS A HG3  1 c 
ATOM   481  H HD2  . LYS A 1 31 ? 5.792   -0.695  10.600  1.000 48.862  0 31  LYS A HD2  1 c 
ATOM   482  H HD3  . LYS A 1 31 ? 4.636   -0.576  11.677  1.000 48.802  0 31  LYS A HD3  1 c 
ATOM   483  H HE2  . LYS A 1 31 ? 5.869   -2.053  12.731  1.000 55.711  0 31  LYS A HE2  1 c 
ATOM   484  H HE3  . LYS A 1 31 ? 5.034   -3.075  11.862  1.000 55.664  0 31  LYS A HE3  1 c 
ATOM   485  H HZ1  . LYS A 1 31 ? 6.758   -3.089  10.336  1.000 60.901  0 31  LYS A HZ1  1 c 
ATOM   486  H HZ2  . LYS A 1 31 ? 7.256   -3.524  11.657  1.000 60.914  0 31  LYS A HZ2  1 c 
ATOM   487  H HZ3  . LYS A 1 31 ? 7.542   -2.157  11.175  1.000 60.888  0 31  LYS A HZ3  1 c 
ATOM   488  N N    . SER A 1 32 ? 2.564   2.742   9.933   1.000 33.792  0 32  SER A N    1 ? 
ATOM   489  C CA   . SER A 1 32 ? 2.552   4.037   9.228   1.000 31.282  0 32  SER A CA   1 ? 
ATOM   490  C C    . SER A 1 32 ? 3.629   4.037   8.132   1.000 31.984  0 32  SER A C    1 ? 
ATOM   491  O O    . SER A 1 32 ? 4.814   3.710   8.418   1.000 33.086  0 32  SER A O    1 ? 
ATOM   492  C CB   . SER A 1 32 ? 2.793   5.153   10.204  1.000 31.706  0 32  SER A CB   1 ? 
ATOM   493  O OG   . SER A 1 32 ? 2.971   6.331   9.475   1.000 38.672  0 32  SER A OG   1 ? 
ATOM   494  H H    . SER A 1 32 ? 3.014   2.785   10.723  1.000 33.733  0 32  SER A H    1 c 
ATOM   495  H HA   . SER A 1 32 ? 1.662   4.160   8.807   1.000 31.974  0 32  SER A HA   1 c 
ATOM   496  H HB2  . SER A 1 32 ? 2.023   5.243   10.809  1.000 33.125  0 32  SER A HB2  1 c 
ATOM   497  H HB3  . SER A 1 32 ? 3.596   4.963   10.739  1.000 33.149  0 32  SER A HB3  1 c 
ATOM   498  H HG   . SER A 1 32 ? 3.116   6.963   10.006  0.000 38.280  0 32  SER A HG   1 c 
ATOM   499  N N    . PHE A 1 33 ? 3.285   4.397   6.907   1.000 33.600  0 33  PHE A N    1 ? 
ATOM   500  C CA   . PHE A 1 33 ? 4.301   4.514   5.817   1.000 32.354  0 33  PHE A CA   1 ? 
ATOM   501  C C    . PHE A 1 33 ? 5.445   5.440   6.215   1.000 34.158  0 33  PHE A C    1 ? 
ATOM   502  O O    . PHE A 1 33 ? 6.626   5.059   6.001   1.000 33.982  0 33  PHE A O    1 ? 
ATOM   503  C CB   . PHE A 1 33 ? 3.675   5.001   4.521   1.000 31.863  0 33  PHE A CB   1 ? 
ATOM   504  C CG   . PHE A 1 33 ? 2.565   4.119   4.069   1.000 30.895  0 33  PHE A CG   1 ? 
ATOM   505  C CD1  . PHE A 1 33 ? 2.807   2.798   3.719   1.000 29.354  0 33  PHE A CD1  1 ? 
ATOM   506  C CD2  . PHE A 1 33 ? 1.257   4.589   4.062   1.000 32.902  0 33  PHE A CD2  1 ? 
ATOM   507  C CE1  . PHE A 1 33 ? 1.752   1.994   3.317   1.000 28.855  0 33  PHE A CE1  1 ? 
ATOM   508  C CE2  . PHE A 1 33 ? 0.211   3.777   3.666   1.000 32.267  0 33  PHE A CE2  1 ? 
ATOM   509  C CZ   . PHE A 1 33 ? 0.466   2.480   3.279   1.000 30.631  0 33  PHE A CZ   1 ? 
ATOM   510  H H    . PHE A 1 33 ? 2.438   4.606   6.646   1.000 32.906  0 33  PHE A H    1 c 
ATOM   511  H HA   . PHE A 1 33 ? 4.682   3.613   5.656   1.000 32.825  0 33  PHE A HA   1 c 
ATOM   512  H HB2  . PHE A 1 33 ? 3.335   5.911   4.656   1.000 31.749  0 33  PHE A HB2  1 c 
ATOM   513  H HB3  . PHE A 1 33 ? 4.366   5.034   3.828   1.000 31.746  0 33  PHE A HB3  1 c 
ATOM   514  H HD1  . PHE A 1 33 ? 3.688   2.460   3.725   1.000 29.733  0 33  PHE A HD1  1 c 
ATOM   515  H HD2  . PHE A 1 33 ? 1.083   5.483   4.313   1.000 32.105  0 33  PHE A HD2  1 c 
ATOM   516  H HE1  . PHE A 1 33 ? 1.920   1.102   3.058   1.000 29.547  0 33  PHE A HE1  1 c 
ATOM   517  H HE2  . PHE A 1 33 ? -0.670  4.114   3.644   1.000 31.884  0 33  PHE A HE2  1 c 
ATOM   518  H HZ   . PHE A 1 33 ? -0.244  1.917   3.016   1.000 30.610  0 33  PHE A HZ   1 c 
ATOM   519  N N    . VAL A 1 34 ? 5.121   6.606   6.771   1.000 32.789  0 34  VAL A N    1 ? 
ATOM   520  C CA   . VAL A 1 34 ? 6.132   7.655   7.097   1.000 37.717  0 34  VAL A CA   1 ? 
ATOM   521  C C    . VAL A 1 34 ? 6.802   7.350   8.435   1.000 38.174  0 34  VAL A C    1 ? 
ATOM   522  O O    . VAL A 1 34 ? 8.039   7.372   8.488   1.000 38.560  0 34  VAL A O    1 ? 
ATOM   523  C CB   . VAL A 1 34 ? 5.490   9.050   7.105   1.000 39.268  0 34  VAL A CB   1 ? 
ATOM   524  C CG1  . VAL A 1 34 ? 6.462   10.109  7.616   1.000 44.462  0 34  VAL A CG1  1 ? 
ATOM   525  C CG2  . VAL A 1 34 ? 4.990   9.414   5.724   1.000 37.471  0 34  VAL A CG2  1 ? 
ATOM   526  H H    . VAL A 1 34 ? 4.265   6.837   6.983   1.000 34.234  0 34  VAL A H    1 c 
ATOM   527  H HA   . VAL A 1 34 ? 6.817   7.641   6.404   1.000 37.080  0 34  VAL A HA   1 c 
ATOM   528  H HB   . VAL A 1 34 ? 4.714   9.023   7.717   1.000 39.533  0 34  VAL A HB   1 c 
ATOM   529  H HG11 . VAL A 1 34 ? 6.709   9.912   8.536   1.000 42.801  0 34  VAL A HG11 1 c 
ATOM   530  H HG12 . VAL A 1 34 ? 6.037   10.983  7.578   1.000 42.881  0 34  VAL A HG12 1 c 
ATOM   531  H HG13 . VAL A 1 34 ? 7.260   10.113  7.059   1.000 42.809  0 34  VAL A HG13 1 c 
ATOM   532  H HG21 . VAL A 1 34 ? 5.731   9.389   5.094   1.000 38.006  0 34  VAL A HG21 1 c 
ATOM   533  H HG22 . VAL A 1 34 ? 4.610   10.308  5.742   1.000 38.006  0 34  VAL A HG22 1 c 
ATOM   534  H HG23 . VAL A 1 34 ? 4.308   8.778   5.446   1.000 37.994  0 34  VAL A HG23 1 c 
ATOM   535  N N    . ASP A 1 35 ? 6.029   7.082   9.487   1.000 37.533  0 35  ASP A N    1 ? 
ATOM   536  C CA   . ASP A 1 35 ? 6.575   6.968   10.872  1.000 41.209  0 35  ASP A CA   1 ? 
ATOM   537  C C    . ASP A 1 35 ? 7.268   5.619   11.093  1.000 37.987  0 35  ASP A C    1 ? 
ATOM   538  O O    . ASP A 1 35 ? 8.278   5.595   11.805  1.000 43.909  0 35  ASP A O    1 ? 
ATOM   539  C CB   . ASP A 1 35 ? 5.499   7.198   11.930  1.000 44.066  0 35  ASP A CB   1 ? 
ATOM   540  C CG   . ASP A 1 35 ? 4.979   8.618   11.949  1.000 56.023  0 35  ASP A CG   1 ? 
ATOM   541  O OD1  . ASP A 1 35 ? 5.708   9.511   11.465  1.000 57.772  0 35  ASP A OD1  1 ? 
ATOM   542  O OD2  . ASP A 1 35 ? 3.847   8.821   12.438  1.000 61.508  0 35  ASP A OD2  1 ? 
ATOM   543  H H    . ASP A 1 35 ? 5.130   6.957   9.425   1.000 38.533  0 35  ASP A H    1 c 
ATOM   544  H HA   . ASP A 1 35 ? 7.253   7.674   10.983  1.000 40.422  0 35  ASP A HA   1 c 
ATOM   545  H HB2  . ASP A 1 35 ? 4.748   6.595   11.763  1.000 45.815  0 35  ASP A HB2  1 c 
ATOM   546  H HB3  . ASP A 1 35 ? 5.867   6.991   12.813  1.000 45.869  0 35  ASP A HB3  1 c 
ATOM   547  N N    . ASP A 1 36 ? 6.782   4.529   10.512  1.000 37.125  0 36  ASP A N    1 ? 
ATOM   548  C CA   . ASP A 1 36 ? 7.353   3.184   10.765  1.000 37.365  0 36  ASP A CA   1 ? 
ATOM   549  C C    . ASP A 1 36 ? 8.256   2.750   9.610   1.000 37.944  0 36  ASP A C    1 ? 
ATOM   550  O O    . ASP A 1 36 ? 9.306   2.201   9.889   1.000 45.463  0 36  ASP A O    1 ? 
ATOM   551  C CB   . ASP A 1 36 ? 6.243   2.163   11.014  1.000 37.620  0 36  ASP A CB   1 ? 
ATOM   552  C CG   . ASP A 1 36 ? 5.413   2.493   12.248  1.000 38.863  0 36  ASP A CG   1 ? 
ATOM   553  O OD1  . ASP A 1 36 ? 5.998   2.773   13.277  1.000 42.123  0 36  ASP A OD1  1 ? 
ATOM   554  O OD2  . ASP A 1 36 ? 4.192   2.521   12.139  1.000 37.016  0 36  ASP A OD2  1 ? 
ATOM   555  H H    . ASP A 1 36 ? 6.073   4.538   9.939   1.000 37.378  0 36  ASP A H    1 c 
ATOM   556  H HA   . ASP A 1 36 ? 7.902   3.233   11.582  1.000 37.514  0 36  ASP A HA   1 c 
ATOM   557  H HB2  . ASP A 1 36 ? 5.652   2.124   10.236  1.000 37.840  0 36  ASP A HB2  1 c 
ATOM   558  H HB3  . ASP A 1 36 ? 6.645   1.280   11.140  1.000 37.871  0 36  ASP A HB3  1 c 
ATOM   559  N N    . LEU A 1 37 ? 7.858   2.964   8.364   1.000 35.318  0 37  LEU A N    1 ? 
ATOM   560  C CA   . LEU A 1 37 ? 8.503   2.278   7.225   1.000 35.526  0 37  LEU A CA   1 ? 
ATOM   561  C C    . LEU A 1 37 ? 9.435   3.236   6.459   1.000 37.534  0 37  LEU A C    1 ? 
ATOM   562  O O    . LEU A 1 37 ? 9.900   2.834   5.369   1.000 41.264  0 37  LEU A O    1 ? 
ATOM   563  C CB   . LEU A 1 37 ? 7.407   1.705   6.336   1.000 35.694  0 37  LEU A CB   1 ? 
ATOM   564  C CG   . LEU A 1 37 ? 6.459   0.703   7.003   1.000 38.319  0 37  LEU A CG   1 ? 
ATOM   565  C CD1  . LEU A 1 37 ? 5.400   0.224   6.034   1.000 35.870  0 37  LEU A CD1  1 ? 
ATOM   566  C CD2  . LEU A 1 37 ? 7.213   -0.486  7.560   1.000 38.878  0 37  LEU A CD2  1 ? 
ATOM   567  H H    . LEU A 1 37 ? 7.182   3.530   8.139   1.000 35.972  0 37  LEU A H    1 c 
ATOM   568  H HA   . LEU A 1 37 ? 9.050   1.539   7.579   1.000 35.924  0 37  LEU A HA   1 c 
ATOM   569  H HB2  . LEU A 1 37 ? 6.875   2.447   5.989   1.000 36.250  0 37  LEU A HB2  1 c 
ATOM   570  H HB3  . LEU A 1 37 ? 7.831   1.264   5.573   1.000 36.261  0 37  LEU A HB3  1 c 
ATOM   571  H HG   . LEU A 1 37 ? 6.005   1.160   7.754   1.000 37.429  0 37  LEU A HG   1 c 
ATOM   572  H HD11 . LEU A 1 37 ? 4.879   0.983   5.719   1.000 36.607  0 37  LEU A HD11 1 c 
ATOM   573  H HD12 . LEU A 1 37 ? 4.811   -0.408  6.482   1.000 36.607  0 37  LEU A HD12 1 c 
ATOM   574  H HD13 . LEU A 1 37 ? 5.826   -0.212  5.275   1.000 36.607  0 37  LEU A HD13 1 c 
ATOM   575  H HD21 . LEU A 1 37 ? 7.721   -0.910  6.849   1.000 38.695  0 37  LEU A HD21 1 c 
ATOM   576  H HD22 . LEU A 1 37 ? 6.580   -1.125  7.931   1.000 38.694  0 37  LEU A HD22 1 c 
ATOM   577  H HD23 . LEU A 1 37 ? 7.820   -0.191  8.261   1.000 38.684  0 37  LEU A HD23 1 c 
ATOM   578  N N    . GLY A 1 38 ? 9.677   4.430   6.989   1.000 36.863  0 38  GLY A N    1 ? 
ATOM   579  C CA   . GLY A 1 38 ? 10.661  5.419   6.474   1.000 38.392  0 38  GLY A CA   1 ? 
ATOM   580  C C    . GLY A 1 38 ? 10.333  6.000   5.098   1.000 40.239  0 38  GLY A C    1 ? 
ATOM   581  O O    . GLY A 1 38 ? 11.256  6.435   4.406   1.000 40.532  0 38  GLY A O    1 ? 
ATOM   582  H H    . GLY A 1 38 ? 9.234   4.724   7.727   1.000 37.365  0 38  GLY A H    1 c 
ATOM   583  H HA2  . GLY A 1 38 ? 10.727  6.161   7.125   1.000 38.561  0 38  GLY A HA2  1 c 
ATOM   584  H HA3  . GLY A 1 38 ? 11.549  4.984   6.432   1.000 38.466  0 38  GLY A HA3  1 c 
ATOM   585  N N    . ALA A 1 39 ? 9.066   6.051   4.695   1.000 35.038  0 39  ALA A N    1 ? 
ATOM   586  C CA   . ALA A 1 39 ? 8.672   6.659   3.407   1.000 33.154  0 39  ALA A CA   1 ? 
ATOM   587  C C    . ALA A 1 39 ? 8.971   8.159   3.424   1.000 34.223  0 39  ALA A C    1 ? 
ATOM   588  O O    . ALA A 1 39 ? 8.455   8.840   4.302   1.000 38.687  0 39  ALA A O    1 ? 
ATOM   589  C CB   . ALA A 1 39 ? 7.210   6.417   3.131   1.000 31.545  0 39  ALA A CB   1 ? 
ATOM   590  H H    . ALA A 1 39 ? 8.359   5.727   5.170   1.000 35.714  0 39  ALA A H    1 c 
ATOM   591  H HA   . ALA A 1 39 ? 9.204   6.242   2.690   1.000 33.418  0 39  ALA A HA   1 c 
ATOM   592  H HB1  . ALA A 1 39 ? 6.968   6.824   2.281   1.000 32.024  0 39  ALA A HB1  1 c 
ATOM   593  H HB2  . ALA A 1 39 ? 7.040   5.460   3.090   1.000 32.027  0 39  ALA A HB2  1 c 
ATOM   594  H HB3  . ALA A 1 39 ? 6.674   6.810   3.840   1.000 32.030  0 39  ALA A HB3  1 c 
ATOM   595  N N    . ASP A 1 40 ? 9.757   8.669   2.467   1.000 35.489  0 40  ASP A N    1 ? 
ATOM   596  C CA   . ASP A 1 40 ? 9.871   10.143  2.259   1.000 35.199  0 40  ASP A CA   1 ? 
ATOM   597  C C    . ASP A 1 40 ? 8.770   10.583  1.284   1.000 36.892  0 40  ASP A C    1 ? 
ATOM   598  O O    . ASP A 1 40 ? 7.997   9.736   0.832   1.000 35.929  0 40  ASP A O    1 ? 
ATOM   599  C CB   . ASP A 1 40 ? 11.272  10.551  1.783   1.000 45.166  0 40  ASP A CB   1 ? 
ATOM   600  C CG   . ASP A 1 40 ? 11.764  9.871   0.517   1.000 42.215  0 40  ASP A CG   1 ? 
ATOM   601  O OD1  . ASP A 1 40 ? 10.915  9.494   -0.319  1.000 44.863  0 40  ASP A OD1  1 ? 
ATOM   602  O OD2  . ASP A 1 40 ? 12.997  9.700   0.394   1.000 54.610  0 40  ASP A OD2  1 ? 
ATOM   603  H H    . ASP A 1 40 ? 10.256  8.159   1.903   1.000 35.133  0 40  ASP A H    1 c 
ATOM   604  H HA   . ASP A 1 40 ? 9.713   10.584  3.122   1.000 37.463  0 40  ASP A HA   1 c 
ATOM   605  H HB2  . ASP A 1 40 ? 11.290  11.516  1.628   1.000 41.942  0 40  ASP A HB2  1 c 
ATOM   606  H HB3  . ASP A 1 40 ? 11.911  10.350  2.496   1.000 41.939  0 40  ASP A HB3  1 c 
HETATM 607  O O    . 4HH A 1 41 ? 6.634   11.486  -1.844  1.000 35.930  0 41  4HH A O    1 ? 
HETATM 608  C C    . 4HH A 1 41 ? 7.727   11.749  -1.319  1.000 34.199  0 41  4HH A C    1 ? 
HETATM 609  C CA   . 4HH A 1 41 ? 7.747   12.479  0.037   1.000 36.207  0 41  4HH A CA   1 ? 
HETATM 610  N N    . 4HH A 1 41 ? 8.744   11.862  0.927   1.000 34.672  0 41  4HH A N    1 ? 
HETATM 611  C CB   . 4HH A 1 41 ? 8.063   13.970  -0.070  1.000 46.417  0 41  4HH A CB   1 ? 
HETATM 612  O OG   . 4HH A 1 41 ? 8.040   14.561  1.274   1.000 63.602  0 41  4HH A OG   1 ? 
HETATM 613  C CJ   . 4HH A 1 41 ? 7.884   14.678  4.271   1.000 96.761  0 41  4HH A CJ   1 ? 
HETATM 614  C CK   . 4HH A 1 41 ? 8.347   13.704  5.367   1.000 97.674  0 41  4HH A CK   1 ? 
HETATM 615  C CL1  . 4HH A 1 41 ? 7.303   13.700  6.498   1.000 87.258  0 41  4HH A CL1  1 ? 
HETATM 616  C CL2  . 4HH A 1 41 ? 8.416   12.286  4.776   1.000 90.506  0 41  4HH A CL2  1 ? 
HETATM 617  C CL3  . 4HH A 1 41 ? 10.070  13.620  7.351   1.000 113.851 0 41  4HH A CL3  1 ? 
HETATM 618  C CM   . 4HH A 1 41 ? 9.725   14.097  5.937   1.000 106.883 0 41  4HH A CM   1 ? 
HETATM 619  O OM   . 4HH A 1 41 ? 9.790   15.519  5.888   1.000 99.022  0 41  4HH A OM   1 ? 
HETATM 620  N NN   . 4HH A 1 41 ? 9.996   12.314  7.601   1.000 122.547 0 41  4HH A NN   1 ? 
HETATM 621  O ON   . 4HH A 1 41 ? 10.410  14.438  8.206   1.000 100.571 0 41  4HH A ON   1 ? 
HETATM 622  P P    . 4HH A 1 41 ? 9.421   14.866  2.074   1.000 101.653 0 41  4HH A P    1 ? 
HETATM 623  O O1P  . 4HH A 1 41 ? 10.231  13.613  2.303   1.000 78.727  0 41  4HH A O1P  1 ? 
HETATM 624  O O2P  . 4HH A 1 41 ? 10.089  16.045  1.409   1.000 89.419  0 41  4HH A O2P  1 ? 
HETATM 625  O O3P  . 4HH A 1 41 ? 9.021   15.298  3.579   1.000 88.639  0 41  4HH A O3P  1 ? 
HETATM 626  C CO   . 4HH A 1 41 ? 10.453  11.684  8.837   1.000 114.737 0 41  4HH A CO   1 ? 
HETATM 627  C CP   . 4HH A 1 41 ? 11.781  10.970  8.664   1.000 114.076 0 41  4HH A CP   1 ? 
HETATM 628  C CQ   . 4HH A 1 41 ? 11.621  9.471   8.521   1.000 112.066 0 41  4HH A CQ   1 ? 
HETATM 629  C CS   . 4HH A 1 41 ? 12.083  7.355   9.701   1.000 107.987 0 41  4HH A CS   1 ? 
HETATM 630  C CT   . 4HH A 1 41 ? 13.265  6.428   9.586   1.000 102.265 0 41  4HH A CT   1 ? 
HETATM 631  N NR   . 4HH A 1 41 ? 12.410  8.712   9.289   1.000 112.454 0 41  4HH A NR   1 ? 
HETATM 632  O OR   . 4HH A 1 41 ? 10.817  8.988   7.726   1.000 107.501 0 41  4HH A OR   1 ? 
HETATM 633  S SU   . 4HH A 1 41 ? 12.783  4.699   9.826   1.000 98.795  0 41  4HH A SU   1 ? 
HETATM 634  H HA   . 4HH A 1 41 ? 6.852   12.377  0.459   1.000 37.252  0 41  4HH A HA   1 c 
HETATM 635  H H    . 4HH A 1 41 ? 9.366   12.459  1.207   1.000 35.735  0 41  4HH A H    1 c 
HETATM 636  H HB3  . 4HH A 1 41 ? 7.397   14.414  -0.638  1.000 47.171  0 41  4HH A HB3  1 c 
HETATM 637  H HB2  . 4HH A 1 41 ? 8.947   14.098  -0.476  1.000 47.204  0 41  4HH A HB2  1 c 
HETATM 638  H HJ3  . 4HH A 1 41 ? 7.339   15.380  4.675   1.000 94.942  0 41  4HH A HJ3  1 c 
HETATM 639  H HJ2  . 4HH A 1 41 ? 7.326   14.202  3.626   1.000 94.897  0 41  4HH A HJ2  1 c 
HETATM 640  H HL13 . 4HH A 1 41 ? 6.571   14.296  6.274   1.000 90.357  0 41  4HH A HL13 1 c 
HETATM 641  H HL12 . 4HH A 1 41 ? 7.714   14.000  7.326   1.000 90.401  0 41  4HH A HL12 1 c 
HETATM 642  H HL11 . 4HH A 1 41 ? 6.955   12.801  6.623   1.000 90.191  0 41  4HH A HL11 1 c 
HETATM 643  H HL21 . 4HH A 1 41 ? 8.204   12.313  3.827   1.000 92.626  0 41  4HH A HL21 1 c 
HETATM 644  H HL23 . 4HH A 1 41 ? 7.780   11.707  5.231   1.000 92.596  0 41  4HH A HL23 1 c 
HETATM 645  H HL22 . 4HH A 1 41 ? 9.313   11.928  4.893   1.000 92.463  0 41  4HH A HL22 1 c 
HETATM 646  H HL3  . 4HH A 1 41 ? 10.412  13.738  5.323   1.000 104.716 0 41  4HH A HL3  1 c 
HETATM 647  H HM   . 4HH A 1 41 ? 10.561  15.758  6.185   0.000 99.110  0 41  4HH A HM   1 c 
HETATM 648  H HO2  . 4HH A 1 41 ? 9.778   11.039  9.135   1.000 116.332 0 41  4HH A HO2  1 c 
HETATM 649  H HO3  . 4HH A 1 41 ? 10.546  12.366  9.535   1.000 116.319 0 41  4HH A HO3  1 c 
HETATM 650  H HP3  . 4HH A 1 41 ? 12.350  11.157  9.431   1.000 113.765 0 41  4HH A HP3  1 c 
HETATM 651  H HP2  . 4HH A 1 41 ? 12.233  11.314  7.873   1.000 113.787 0 41  4HH A HP2  1 c 
HETATM 652  H HS2  . 4HH A 1 41 ? 11.780  7.367   10.634  1.000 107.483 0 41  4HH A HS2  1 c 
HETATM 653  H HS3  . 4HH A 1 41 ? 11.352  7.011   9.147   1.000 107.317 0 41  4HH A HS3  1 c 
HETATM 654  H HT3  . 4HH A 1 41 ? 13.929  6.669   10.255  1.000 102.754 0 41  4HH A HT3  1 c 
HETATM 655  H HT2  . 4HH A 1 41 ? 13.665  6.527   8.706   1.000 102.754 0 41  4HH A HT2  1 c 
HETATM 656  H HR   . 4HH A 1 41 ? 13.168  9.052   9.551   1.000 111.336 0 41  4HH A HR   1 c 
HETATM 657  H HU   . 4HH A 1 41 ? 13.871  4.203   9.682   0.000 97.500  0 41  4HH A HU   1 c 
ATOM   658  N N    . LEU A 1 42 ? 8.880   11.443  -1.894  1.000 33.141  0 42  LEU A N    1 ? 
ATOM   659  C CA   . LEU A 1 42 ? 8.923   10.789  -3.232  1.000 34.357  0 42  LEU A CA   1 ? 
ATOM   660  C C    . LEU A 1 42 ? 8.444   9.336   -3.103  1.000 32.140  0 42  LEU A C    1 ? 
ATOM   661  O O    . LEU A 1 42 ? 7.709   8.853   -3.966  1.000 32.364  0 42  LEU A O    1 ? 
ATOM   662  C CB   . LEU A 1 42 ? 10.332  10.842  -3.825  1.000 31.112  0 42  LEU A CB   1 ? 
ATOM   663  C CG   . LEU A 1 42 ? 10.474  10.154  -5.182  1.000 32.455  0 42  LEU A CG   1 ? 
ATOM   664  C CD1  . LEU A 1 42 ? 9.415   10.649  -6.181  1.000 31.674  0 42  LEU A CD1  1 ? 
ATOM   665  C CD2  . LEU A 1 42 ? 11.891  10.293  -5.722  1.000 37.792  0 42  LEU A CD2  1 ? 
ATOM   666  H H    . LEU A 1 42 ? 9.693   11.611  -1.519  1.000 33.663  0 42  LEU A H    1 c 
ATOM   667  H HA   . LEU A 1 42 ? 8.302   11.269  -3.825  1.000 33.060  0 42  LEU A HA   1 c 
ATOM   668  H HB2  . LEU A 1 42 ? 10.591  11.779  -3.923  1.000 32.162  0 42  LEU A HB2  1 c 
ATOM   669  H HB3  . LEU A 1 42 ? 10.953  10.425  -3.196  1.000 32.163  0 42  LEU A HB3  1 c 
ATOM   670  H HG   . LEU A 1 42 ? 10.311  9.190   -5.040  1.000 32.989  0 42  LEU A HG   1 c 
ATOM   671  H HD11 . LEU A 1 42 ? 8.528   10.405  -5.870  1.000 31.927  0 42  LEU A HD11 1 c 
ATOM   672  H HD12 . LEU A 1 42 ? 9.574   10.241  -7.050  1.000 31.937  0 42  LEU A HD12 1 c 
ATOM   673  H HD13 . LEU A 1 42 ? 9.475   11.618  -6.265  1.000 31.920  0 42  LEU A HD13 1 c 
ATOM   674  H HD21 . LEU A 1 42 ? 12.107  11.235  -5.833  1.000 36.062  0 42  LEU A HD21 1 c 
ATOM   675  H HD22 . LEU A 1 42 ? 11.957  9.843   -6.582  1.000 36.062  0 42  LEU A HD22 1 c 
ATOM   676  H HD23 . LEU A 1 42 ? 12.518  9.889   -5.096  1.000 36.062  0 42  LEU A HD23 1 c 
ATOM   677  N N    . ASP A 1 43 ? 8.906   8.638   -2.081  1.000 34.129  0 43  ASP A N    1 ? 
ATOM   678  C CA   . ASP A 1 43 ? 8.405   7.265   -1.784  1.000 33.984  0 43  ASP A CA   1 ? 
ATOM   679  C C    . ASP A 1 43 ? 6.889   7.269   -1.810  1.000 30.059  0 43  ASP A C    1 ? 
ATOM   680  O O    . ASP A 1 43 ? 6.342   6.371   -2.416  1.000 30.116  0 43  ASP A O    1 ? 
ATOM   681  C CB   . ASP A 1 43 ? 8.837   6.787   -0.407  1.000 35.866  0 43  ASP A CB   1 ? 
ATOM   682  C CG   . ASP A 1 43 ? 10.294  6.417   -0.363  1.000 38.151  0 43  ASP A CG   1 ? 
ATOM   683  O OD1  . ASP A 1 43 ? 10.806  6.000   -1.409  1.000 38.844  0 43  ASP A OD1  1 ? 
ATOM   684  O OD2  . ASP A 1 43 ? 10.892  6.584   0.707   1.000 40.229  0 43  ASP A OD2  1 ? 
ATOM   685  H H    . ASP A 1 43 ? 9.545   8.946   -1.510  1.000 33.626  0 43  ASP A H    1 c 
ATOM   686  H HA   . ASP A 1 43 ? 8.741   6.643   -2.472  1.000 33.576  0 43  ASP A HA   1 c 
ATOM   687  H HB2  . ASP A 1 43 ? 8.672   7.492   0.250   1.000 35.934  0 43  ASP A HB2  1 c 
ATOM   688  H HB3  . ASP A 1 43 ? 8.308   6.003   -0.154  1.000 35.931  0 43  ASP A HB3  1 c 
ATOM   689  N N    . THR A 1 44 ? 6.255   8.232   -1.127  1.000 30.539  0 44  THR A N    1 ? 
ATOM   690  C CA   . THR A 1 44 ? 4.781   8.218   -0.967  1.000 29.758  0 44  THR A CA   1 ? 
ATOM   691  C C    . THR A 1 44 ? 4.160   8.490   -2.320  1.000 31.032  0 44  THR A C    1 ? 
ATOM   692  O O    . THR A 1 44 ? 3.215   7.715   -2.673  1.000 34.201  0 44  THR A O    1 ? 
ATOM   693  C CB   . THR A 1 44 ? 4.268   9.108   0.169   1.000 31.396  0 44  THR A CB   1 ? 
ATOM   694  O OG1  . THR A 1 44 ? 4.492   10.491  -0.131  1.000 30.996  0 44  THR A OG1  1 ? 
ATOM   695  C CG2  . THR A 1 44 ? 4.880   8.670   1.477   1.000 29.938  0 44  THR A CG2  1 ? 
ATOM   696  H H    . THR A 1 44 ? 6.661   8.943   -0.728  1.000 30.249  0 44  THR A H    1 c 
ATOM   697  H HA   . THR A 1 44 ? 4.541   7.293   -0.727  1.000 30.459  0 44  THR A HA   1 c 
ATOM   698  H HB   . THR A 1 44 ? 3.296   8.967   0.231   1.000 30.720  0 44  THR A HB   1 c 
ATOM   699  H HG1  . THR A 1 44 ? 4.202   10.973  0.502   0.000 30.920  0 44  THR A HG1  1 c 
ATOM   700  H HG21 . THR A 1 44 ? 4.639   7.743   1.654   1.000 30.380  0 44  THR A HG21 1 c 
ATOM   701  H HG22 . THR A 1 44 ? 4.546   9.234   2.196   1.000 30.380  0 44  THR A HG22 1 c 
ATOM   702  H HG23 . THR A 1 44 ? 5.848   8.749   1.428   1.000 30.392  0 44  THR A HG23 1 c 
ATOM   703  N N    . VAL A 1 45 ? 4.697   9.439   -3.103  1.000 29.376  0 45  VAL A N    1 ? 
ATOM   704  C CA   . VAL A 1 45 ? 4.134   9.761   -4.449  1.000 29.490  0 45  VAL A CA   1 ? 
ATOM   705  C C    . VAL A 1 45 ? 4.177   8.468   -5.313  1.000 30.423  0 45  VAL A C    1 ? 
ATOM   706  O O    . VAL A 1 45 ? 3.187   8.136   -5.943  1.000 28.649  0 45  VAL A O    1 ? 
ATOM   707  C CB   . VAL A 1 45 ? 4.879   10.936  -5.124  1.000 29.764  0 45  VAL A CB   1 ? 
ATOM   708  C CG1  . VAL A 1 45 ? 4.647   10.942  -6.621  1.000 31.385  0 45  VAL A CG1  1 ? 
ATOM   709  C CG2  . VAL A 1 45 ? 4.474   12.259  -4.485  1.000 32.524  0 45  VAL A CG2  1 ? 
ATOM   710  H H    . VAL A 1 45 ? 5.419   9.940   -2.864  1.000 29.785  0 45  VAL A H    1 c 
ATOM   711  H HA   . VAL A 1 45 ? 3.201   10.017  -4.333  1.000 29.699  0 45  VAL A HA   1 c 
ATOM   712  H HB   . VAL A 1 45 ? 5.847   10.806  -4.968  1.000 30.520  0 45  VAL A HB   1 c 
ATOM   713  H HG11 . VAL A 1 45 ? 5.037   10.143  -7.018  1.000 30.871  0 45  VAL A HG11 1 c 
ATOM   714  H HG12 . VAL A 1 45 ? 5.062   11.730  -7.011  1.000 30.872  0 45  VAL A HG12 1 c 
ATOM   715  H HG13 . VAL A 1 45 ? 3.691   10.958  -6.802  1.000 30.872  0 45  VAL A HG13 1 c 
ATOM   716  H HG21 . VAL A 1 45 ? 3.516   12.390  -4.590  1.000 31.644  0 45  VAL A HG21 1 c 
ATOM   717  H HG22 . VAL A 1 45 ? 4.951   12.988  -4.917  1.000 31.644  0 45  VAL A HG22 1 c 
ATOM   718  H HG23 . VAL A 1 45 ? 4.697   12.243  -3.538  1.000 31.650  0 45  VAL A HG23 1 c 
ATOM   719  N N    . GLU A 1 46 ? 5.304   7.785   -5.341  1.000 29.928  0 46  GLU A N    1 ? 
ATOM   720  C CA   . GLU A 1 46 ? 5.503   6.587   -6.188  1.000 33.707  0 46  GLU A CA   1 ? 
ATOM   721  C C    . GLU A 1 46 ? 4.679   5.434   -5.630  1.000 34.103  0 46  GLU A C    1 ? 
ATOM   722  O O    . GLU A 1 46 ? 4.182   4.637   -6.434  1.000 34.125  0 46  GLU A O    1 ? 
ATOM   723  C CB   . GLU A 1 46 ? 6.994   6.289   -6.283  1.000 34.733  0 46  GLU A CB   1 ? 
ATOM   724  C CG   . GLU A 1 46 ? 7.707   7.392   -7.065  1.000 37.841  0 46  GLU A CG   1 ? 
ATOM   725  C CD   . GLU A 1 46 ? 9.195   7.154   -7.229  1.000 42.185  0 46  GLU A CD   1 ? 
ATOM   726  O OE1  . GLU A 1 46 ? 9.716   6.276   -6.536  1.000 42.786  0 46  GLU A OE1  1 ? 
ATOM   727  O OE2  . GLU A 1 46 ? 9.818   7.841   -8.053  1.000 44.442  0 46  GLU A OE2  1 ? 
ATOM   728  H H    . GLU A 1 46 ? 6.029   8.011   -4.837  1.000 30.943  0 46  GLU A H    1 c 
ATOM   729  H HA   . GLU A 1 46 ? 5.171   6.795   -7.092  1.000 33.210  0 46  GLU A HA   1 c 
ATOM   730  H HB2  . GLU A 1 46 ? 7.370   6.228   -5.379  1.000 35.190  0 46  GLU A HB2  1 c 
ATOM   731  H HB3  . GLU A 1 46 ? 7.124   5.428   -6.733  1.000 35.189  0 46  GLU A HB3  1 c 
ATOM   732  H HG2  . GLU A 1 46 ? 7.302   7.467   -7.955  1.000 38.023  0 46  GLU A HG2  1 c 
ATOM   733  H HG3  . GLU A 1 46 ? 7.577   8.249   -6.605  1.000 37.995  0 46  GLU A HG3  1 c 
ATOM   734  N N    . LEU A 1 47 ? 4.526   5.346   -4.309  1.000 37.221  0 47  LEU A N    1 ? 
ATOM   735  C CA   . LEU A 1 47 ? 3.790   4.210   -3.690  1.000 33.517  0 47  LEU A CA   1 ? 
ATOM   736  C C    . LEU A 1 47 ? 2.325   4.320   -4.093  1.000 31.962  0 47  LEU A C    1 ? 
ATOM   737  O O    . LEU A 1 47 ? 1.740   3.307   -4.494  1.000 33.022  0 47  LEU A O    1 ? 
ATOM   738  C CB   . LEU A 1 47 ? 3.989   4.211   -2.171  1.000 38.396  0 47  LEU A CB   1 ? 
ATOM   739  C CG   . LEU A 1 47 ? 3.178   3.162   -1.406  1.000 37.742  0 47  LEU A CG   1 ? 
ATOM   740  C CD1  . LEU A 1 47 ? 3.285   1.780   -2.072  1.000 37.181  0 47  LEU A CD1  1 ? 
ATOM   741  C CD2  . LEU A 1 47 ? 3.635   3.085   0.047   1.000 34.505  0 47  LEU A CD2  1 ? 
ATOM   742  H H    . LEU A 1 47 ? 4.856   5.958   -3.720  1.000 35.564  0 47  LEU A H    1 c 
ATOM   743  H HA   . LEU A 1 47 ? 4.155   3.375   -4.063  1.000 34.793  0 47  LEU A HA   1 c 
ATOM   744  H HB2  . LEU A 1 47 ? 4.938   4.068   -1.984  1.000 37.034  0 47  LEU A HB2  1 c 
ATOM   745  H HB3  . LEU A 1 47 ? 3.751   5.096   -1.830  1.000 37.031  0 47  LEU A HB3  1 c 
ATOM   746  H HG   . LEU A 1 47 ? 2.229   3.437   -1.416  1.000 37.107  0 47  LEU A HG   1 c 
ATOM   747  H HD11 . LEU A 1 47 ? 2.899   1.810   -2.962  1.000 37.314  0 47  LEU A HD11 1 c 
ATOM   748  H HD12 . LEU A 1 47 ? 2.804   1.126   -1.536  1.000 37.341  0 47  LEU A HD12 1 c 
ATOM   749  H HD13 . LEU A 1 47 ? 4.221   1.521   -2.133  1.000 37.353  0 47  LEU A HD13 1 c 
ATOM   750  H HD21 . LEU A 1 47 ? 4.576   2.841   0.078   1.000 35.467  0 47  LEU A HD21 1 c 
ATOM   751  H HD22 . LEU A 1 47 ? 3.111   2.413   0.517   1.000 35.465  0 47  LEU A HD22 1 c 
ATOM   752  H HD23 . LEU A 1 47 ? 3.509   3.950   0.473   1.000 35.467  0 47  LEU A HD23 1 c 
ATOM   753  N N    . VAL A 1 48 ? 1.756   5.513   -4.023  1.000 30.452  0 48  VAL A N    1 ? 
ATOM   754  C CA   . VAL A 1 48 ? 0.355   5.766   -4.492  1.000 32.018  0 48  VAL A CA   1 ? 
ATOM   755  C C    . VAL A 1 48 ? 0.168   5.223   -5.901  1.000 34.548  0 48  VAL A C    1 ? 
ATOM   756  O O    . VAL A 1 48 ? -0.821  4.513   -6.144  1.000 39.402  0 48  VAL A O    1 ? 
ATOM   757  C CB   . VAL A 1 48 ? -0.019  7.255   -4.443  1.000 35.066  0 48  VAL A CB   1 ? 
ATOM   758  C CG1  . VAL A 1 48 ? -1.303  7.528   -5.227  1.000 39.303  0 48  VAL A CG1  1 ? 
ATOM   759  C CG2  . VAL A 1 48 ? -0.210  7.696   -2.998  1.000 38.425  0 48  VAL A CG2  1 ? 
ATOM   760  H H    . VAL A 1 48 ? 2.175   6.249   -3.686  1.000 31.215  0 48  VAL A H    1 c 
ATOM   761  H HA   . VAL A 1 48 ? -0.249  5.283   -3.899  1.000 32.769  0 48  VAL A HA   1 c 
ATOM   762  H HB   . VAL A 1 48 ? 0.719   7.778   -4.843  1.000 35.838  0 48  VAL A HB   1 c 
ATOM   763  H HG11 . VAL A 1 48 ? -1.158  7.342   -6.172  1.000 37.939  0 48  VAL A HG11 1 c 
ATOM   764  H HG12 . VAL A 1 48 ? -1.556  8.461   -5.119  1.000 37.945  0 48  VAL A HG12 1 c 
ATOM   765  H HG13 . VAL A 1 48 ? -2.017  6.958   -4.891  1.000 37.945  0 48  VAL A HG13 1 c 
ATOM   766  H HG21 . VAL A 1 48 ? -0.925  7.176   -2.591  1.000 37.334  0 48  VAL A HG21 1 c 
ATOM   767  H HG22 . VAL A 1 48 ? -0.442  8.640   -2.974  1.000 37.343  0 48  VAL A HG22 1 c 
ATOM   768  H HG23 . VAL A 1 48 ? 0.614   7.553   -2.503  1.000 37.325  0 48  VAL A HG23 1 c 
ATOM   769  N N    . MET A 1 49 ? 1.079   5.585   -6.805  1.000 36.027  0 49  MET A N    1 ? 
ATOM   770  C CA   . MET A 1 49 ? 1.057   5.166   -8.230  1.000 38.345  0 49  MET A CA   1 ? 
ATOM   771  C C    . MET A 1 49 ? 1.187   3.641   -8.387  1.000 34.695  0 49  MET A C    1 ? 
ATOM   772  O O    . MET A 1 49 ? 0.406   3.076   -9.165  1.000 33.305  0 49  MET A O    1 ? 
ATOM   773  C CB   . MET A 1 49 ? 2.162   5.912   -8.976  1.000 38.289  0 49  MET A CB   1 ? 
ATOM   774  C CG   . MET A 1 49 ? 1.753   7.379   -9.127  1.000 45.753  0 49  MET A CG   1 ? 
ATOM   775  S SD   . MET A 1 49 ? 2.976   8.414   -9.935  1.000 44.838  0 49  MET A SD   1 ? 
ATOM   776  C CE   . MET A 1 49 ? 3.193   7.541   -11.471 1.000 44.672  0 49  MET A CE   1 ? 
ATOM   777  H H    . MET A 1 49 ? 1.784   6.121   -6.591  1.000 36.224  0 49  MET A H    1 c 
ATOM   778  H HA   . MET A 1 49 ? 0.187   5.433   -8.605  1.000 37.190  0 49  MET A HA   1 c 
ATOM   779  H HB2  . MET A 1 49 ? 3.000   5.847   -8.478  1.000 39.920  0 49  MET A HB2  1 c 
ATOM   780  H HB3  . MET A 1 49 ? 2.290   5.508   -9.857  1.000 39.945  0 49  MET A HB3  1 c 
ATOM   781  H HG2  . MET A 1 49 ? 0.920   7.425   -9.642  1.000 43.637  0 49  MET A HG2  1 c 
ATOM   782  H HG3  . MET A 1 49 ? 1.572   7.752   -8.238  1.000 43.621  0 49  MET A HG3  1 c 
ATOM   783  H HE1  . MET A 1 49 ? 3.801   8.034   -12.036 1.000 44.717  0 49  MET A HE1  1 c 
ATOM   784  H HE2  . MET A 1 49 ? 3.558   6.666   -11.296 1.000 44.696  0 49  MET A HE2  1 c 
ATOM   785  H HE3  . MET A 1 49 ? 2.341   7.453   -11.914 1.000 44.717  0 49  MET A HE3  1 c 
ATOM   786  N N    . ALA A 1 50 ? 2.097   2.996   -7.649  1.000 35.653  0 50  ALA A N    1 ? 
ATOM   787  C CA   . ALA A 1 50 ? 2.284   1.518   -7.644  1.000 34.845  0 50  ALA A CA   1 ? 
ATOM   788  C C    . ALA A 1 50 ? 1.005   0.824   -7.147  1.000 37.438  0 50  ALA A C    1 ? 
ATOM   789  O O    . ALA A 1 50 ? 0.627   -0.222  -7.721  1.000 38.113  0 50  ALA A O    1 ? 
ATOM   790  C CB   . ALA A 1 50 ? 3.491   1.178   -6.820  1.000 34.247  0 50  ALA A CB   1 ? 
ATOM   791  H H    . ALA A 1 50 ? 2.675   3.421   -7.088  1.000 35.228  0 50  ALA A H    1 c 
ATOM   792  H HA   . ALA A 1 50 ? 2.449   1.228   -8.572  1.000 35.360  0 50  ALA A HA   1 c 
ATOM   793  H HB1  . ALA A 1 50 ? 3.622   0.215   -6.817  1.000 34.428  0 50  ALA A HB1  1 c 
ATOM   794  H HB2  . ALA A 1 50 ? 4.276   1.610   -7.198  1.000 34.428  0 50  ALA A HB2  1 c 
ATOM   795  H HB3  . ALA A 1 50 ? 3.360   1.489   -5.908  1.000 34.429  0 50  ALA A HB3  1 c 
ATOM   796  N N    . LEU A 1 51 ? 0.275   1.415   -6.190  1.000 33.129  0 51  LEU A N    1 ? 
ATOM   797  C CA   . LEU A 1 51 ? -0.993  0.816   -5.694  1.000 36.425  0 51  LEU A CA   1 ? 
ATOM   798  C C    . LEU A 1 51 ? -2.084  1.003   -6.760  1.000 38.974  0 51  LEU A C    1 ? 
ATOM   799  O O    . LEU A 1 51 ? -2.849  0.036   -7.012  1.000 36.701  0 51  LEU A O    1 ? 
ATOM   800  C CB   . LEU A 1 51 ? -1.387  1.459   -4.352  1.000 35.381  0 51  LEU A CB   1 ? 
ATOM   801  C CG   . LEU A 1 51 ? -0.457  1.131   -3.175  1.000 34.423  0 51  LEU A CG   1 ? 
ATOM   802  C CD1  . LEU A 1 51 ? -0.776  2.020   -1.974  1.000 35.243  0 51  LEU A CD1  1 ? 
ATOM   803  C CD2  . LEU A 1 51 ? -0.532  -0.342  -2.779  1.000 38.506  0 51  LEU A CD2  1 ? 
ATOM   804  H H    . LEU A 1 51 ? 0.509   2.201   -5.793  1.000 34.867  0 51  LEU A H    1 c 
ATOM   805  H HA   . LEU A 1 51 ? -0.848  -0.148  -5.563  1.000 36.047  0 51  LEU A HA   1 c 
ATOM   806  H HB2  . LEU A 1 51 ? -1.410  2.429   -4.470  1.000 35.391  0 51  LEU A HB2  1 c 
ATOM   807  H HB3  . LEU A 1 51 ? -2.291  1.166   -4.124  1.000 35.397  0 51  LEU A HB3  1 c 
ATOM   808  H HG   . LEU A 1 51 ? 0.471   1.323   -3.457  1.000 35.498  0 51  LEU A HG   1 c 
ATOM   809  H HD11 . LEU A 1 51 ? -0.656  2.954   -2.219  1.000 34.985  0 51  LEU A HD11 1 c 
ATOM   810  H HD12 . LEU A 1 51 ? -0.180  1.800   -1.238  1.000 34.985  0 51  LEU A HD12 1 c 
ATOM   811  H HD13 . LEU A 1 51 ? -1.698  1.874   -1.697  1.000 34.985  0 51  LEU A HD13 1 c 
ATOM   812  H HD21 . LEU A 1 51 ? -1.447  -0.566  -2.534  1.000 37.196  0 51  LEU A HD21 1 c 
ATOM   813  H HD22 . LEU A 1 51 ? 0.054   -0.503  -2.019  1.000 37.196  0 51  LEU A HD22 1 c 
ATOM   814  H HD23 . LEU A 1 51 ? -0.251  -0.896  -3.527  1.000 37.196  0 51  LEU A HD23 1 c 
ATOM   815  N N    . GLU A 1 52 ? -2.108  2.177   -7.399  1.000 34.278  0 52  GLU A N    1 ? 
ATOM   816  C CA   . GLU A 1 52 ? -3.084  2.516   -8.465  1.000 36.966  0 52  GLU A CA   1 ? 
ATOM   817  C C    . GLU A 1 52 ? -2.926  1.496   -9.600  1.000 39.505  0 52  GLU A C    1 ? 
ATOM   818  O O    . GLU A 1 52 ? -3.950  1.015   -10.090 1.000 43.833  0 52  GLU A O    1 ? 
ATOM   819  C CB   . GLU A 1 52 ? -2.863  3.930   -9.005  1.000 35.556  0 52  GLU A CB   1 ? 
ATOM   820  C CG   . GLU A 1 52 ? -3.392  5.021   -8.088  1.000 40.697  0 52  GLU A CG   1 ? 
ATOM   821  C CD   . GLU A 1 52 ? -3.121  6.409   -8.636  1.000 38.606  0 52  GLU A CD   1 ? 
ATOM   822  O OE1  . GLU A 1 52 ? -2.039  6.607   -9.194  1.000 41.084  0 52  GLU A OE1  1 ? 
ATOM   823  O OE2  . GLU A 1 52 ? -3.989  7.261   -8.528  1.000 45.265  0 52  GLU A OE2  1 ? 
ATOM   824  H H    . GLU A 1 52 ? -1.523  2.849   -7.209  1.000 35.956  0 52  GLU A H    1 c 
ATOM   825  H HA   . GLU A 1 52 ? -3.995  2.449   -8.095  1.000 36.643  0 52  GLU A HA   1 c 
ATOM   826  H HB2  . GLU A 1 52 ? -1.904  4.065   -9.141  1.000 37.042  0 52  GLU A HB2  1 c 
ATOM   827  H HB3  . GLU A 1 52 ? -3.304  4.005   -9.877  1.000 37.065  0 52  GLU A HB3  1 c 
ATOM   828  H HG2  . GLU A 1 52 ? -4.360  4.908   -7.975  1.000 38.987  0 52  GLU A HG2  1 c 
ATOM   829  H HG3  . GLU A 1 52 ? -2.975  4.940   -7.206  1.000 38.945  0 52  GLU A HG3  1 c 
ATOM   830  N N    . GLU A 1 53 ? -1.688  1.220   -10.006 1.000 42.825  0 53  GLU A N    1 ? 
ATOM   831  C CA   . GLU A 1 53 ? -1.371  0.274   -11.112 1.000 50.176  0 53  GLU A CA   1 ? 
ATOM   832  C C    . GLU A 1 53 ? -1.774  -1.152  -10.697 1.000 47.332  0 53  GLU A C    1 ? 
ATOM   833  O O    . GLU A 1 53 ? -2.464  -1.827  -11.476 1.000 46.656  0 53  GLU A O    1 ? 
ATOM   834  C CB   . GLU A 1 53 ? 0.108   0.370   -11.491 1.000 51.427  0 53  GLU A CB   1 ? 
ATOM   835  C CG   . GLU A 1 53 ? 0.566   -0.701  -12.469 1.000 62.915  0 53  GLU A CG   1 ? 
ATOM   836  C CD   . GLU A 1 53 ? 1.446   -0.192  -13.605 1.000 72.268  0 53  GLU A CD   1 ? 
ATOM   837  O OE1  . GLU A 1 53 ? 2.683   -0.321  -13.503 1.000 78.831  0 53  GLU A OE1  1 ? 
ATOM   838  O OE2  . GLU A 1 53 ? 0.888   0.317   -14.605 1.000 80.660  0 53  GLU A OE2  1 ? 
ATOM   839  H H    . GLU A 1 53 ? -0.952  1.601   -9.627  1.000 43.629  0 53  GLU A H    1 c 
ATOM   840  H HA   . GLU A 1 53 ? -1.910  0.531   -11.894 1.000 48.364  0 53  GLU A HA   1 c 
ATOM   841  H HB2  . GLU A 1 53 ? 0.272   1.252   -11.885 1.000 53.643  0 53  GLU A HB2  1 c 
ATOM   842  H HB3  . GLU A 1 53 ? 0.645   0.303   -10.674 1.000 53.594  0 53  GLU A HB3  1 c 
ATOM   843  H HG2  . GLU A 1 53 ? 1.062   -1.389  -11.976 1.000 61.958  0 53  GLU A HG2  1 c 
ATOM   844  H HG3  . GLU A 1 53 ? -0.223  -1.131  -12.862 1.000 61.893  0 53  GLU A HG3  1 c 
ATOM   845  N N    . GLU A 1 54 ? -1.356  -1.604  -9.516  1.000 42.352  0 54  GLU A N    1 ? 
ATOM   846  C CA   . GLU A 1 54 ? -1.626  -2.990  -9.051  1.000 41.090  0 54  GLU A CA   1 ? 
ATOM   847  C C    . GLU A 1 54 ? -3.136  -3.228  -9.063  1.000 44.350  0 54  GLU A C    1 ? 
ATOM   848  O O    . GLU A 1 54 ? -3.566  -4.319  -9.505  1.000 47.055  0 54  GLU A O    1 ? 
ATOM   849  C CB   . GLU A 1 54 ? -1.000  -3.215  -7.678  1.000 39.086  0 54  GLU A CB   1 ? 
ATOM   850  C CG   . GLU A 1 54 ? -1.279  -4.578  -7.061  1.000 41.948  0 54  GLU A CG   1 ? 
ATOM   851  C CD   . GLU A 1 54 ? -0.799  -5.755  -7.908  1.000 49.179  0 54  GLU A CD   1 ? 
ATOM   852  O OE1  . GLU A 1 54 ? 0.174   -5.558  -8.690  1.000 44.518  0 54  GLU A OE1  1 ? 
ATOM   853  O OE2  . GLU A 1 54 ? -1.392  -6.864  -7.768  1.000 46.502  0 54  GLU A OE2  1 ? 
ATOM   854  H H    . GLU A 1 54 ? -0.880  -1.096  -8.931  1.000 43.142  0 54  GLU A H    1 c 
ATOM   855  H HA   . GLU A 1 54 ? -1.210  -3.611  -9.692  1.000 41.561  0 54  GLU A HA   1 c 
ATOM   856  H HB2  . GLU A 1 54 ? -0.031  -3.098  -7.761  1.000 40.220  0 54  GLU A HB2  1 c 
ATOM   857  H HB3  . GLU A 1 54 ? -1.332  -2.521  -7.072  1.000 40.219  0 54  GLU A HB3  1 c 
ATOM   858  H HG2  . GLU A 1 54 ? -0.843  -4.628  -6.184  1.000 42.836  0 54  GLU A HG2  1 c 
ATOM   859  H HG3  . GLU A 1 54 ? -2.244  -4.674  -6.917  1.000 42.838  0 54  GLU A HG3  1 c 
ATOM   860  N N    . PHE A 1 55 ? -3.924  -2.252  -8.616  1.000 41.901  0 55  PHE A N    1 ? 
ATOM   861  C CA   . PHE A 1 55 ? -5.360  -2.483  -8.334  1.000 44.809  0 55  PHE A CA   1 ? 
ATOM   862  C C    . PHE A 1 55 ? -6.234  -1.825  -9.391  1.000 44.626  0 55  PHE A C    1 ? 
ATOM   863  O O    . PHE A 1 55 ? -7.457  -1.935  -9.252  1.000 48.103  0 55  PHE A O    1 ? 
ATOM   864  C CB   . PHE A 1 55 ? -5.686  -2.034  -6.912  1.000 44.764  0 55  PHE A CB   1 ? 
ATOM   865  C CG   . PHE A 1 55 ? -4.944  -2.818  -5.863  1.000 42.370  0 55  PHE A CG   1 ? 
ATOM   866  C CD1  . PHE A 1 55 ? -5.325  -4.117  -5.547  1.000 41.265  0 55  PHE A CD1  1 ? 
ATOM   867  C CD2  . PHE A 1 55 ? -3.843  -2.270  -5.216  1.000 39.968  0 55  PHE A CD2  1 ? 
ATOM   868  C CE1  . PHE A 1 55 ? -4.629  -4.836  -4.588  1.000 42.536  0 55  PHE A CE1  1 ? 
ATOM   869  C CE2  . PHE A 1 55 ? -3.157  -2.992  -4.252  1.000 38.033  0 55  PHE A CE2  1 ? 
ATOM   870  C CZ   . PHE A 1 55 ? -3.560  -4.269  -3.930  1.000 40.019  0 55  PHE A CZ   1 ? 
ATOM   871  H H    . PHE A 1 55 ? -3.651  -1.402  -8.437  1.000 43.159  0 55  PHE A H    1 c 
ATOM   872  H HA   . PHE A 1 55 ? -5.525  -3.458  -8.383  1.000 44.202  0 55  PHE A HA   1 c 
ATOM   873  H HB2  . PHE A 1 55 ? -5.462  -1.085  -6.822  1.000 44.180  0 55  PHE A HB2  1 c 
ATOM   874  H HB3  . PHE A 1 55 ? -6.650  -2.134  -6.763  1.000 44.201  0 55  PHE A HB3  1 c 
ATOM   875  H HD1  . PHE A 1 55 ? -6.066  -4.508  -5.984  1.000 41.706  0 55  PHE A HD1  1 c 
ATOM   876  H HD2  . PHE A 1 55 ? -3.576  -1.390  -5.417  1.000 40.150  0 55  PHE A HD2  1 c 
ATOM   877  H HE1  . PHE A 1 55 ? -4.903  -5.713  -4.370  1.000 41.558  0 55  PHE A HE1  1 c 
ATOM   878  H HE2  . PHE A 1 55 ? -2.420  -2.603  -3.807  1.000 39.159  0 55  PHE A HE2  1 c 
ATOM   879  H HZ   . PHE A 1 55 ? -3.085  -4.767  -3.283  1.000 40.206  0 55  PHE A HZ   1 c 
ATOM   880  N N    . GLU A 1 56 ? -5.619  -1.186  -10.391 1.000 51.136  0 56  GLU A N    1 ? 
ATOM   881  C CA   . GLU A 1 56 ? -6.296  -0.521  -11.538 1.000 53.868  0 56  GLU A CA   1 ? 
ATOM   882  C C    . GLU A 1 56 ? -7.333  0.459   -10.989 1.000 56.639  0 56  GLU A C    1 ? 
ATOM   883  O O    . GLU A 1 56 ? -8.506  0.419   -11.401 1.000 55.105  0 56  GLU A O    1 ? 
ATOM   884  C CB   . GLU A 1 56 ? -6.892  -1.564  -12.489 1.000 62.329  0 56  GLU A CB   1 ? 
ATOM   885  C CG   . GLU A 1 56 ? -5.839  -2.426  -13.165 1.000 69.251  0 56  GLU A CG   1 ? 
ATOM   886  C CD   . GLU A 1 56 ? -6.379  -3.527  -14.067 1.000 82.867  0 56  GLU A CD   1 ? 
ATOM   887  O OE1  . GLU A 1 56 ? -7.528  -3.976  -13.842 1.000 78.555  0 56  GLU A OE1  1 ? 
ATOM   888  O OE2  . GLU A 1 56 ? -5.645  -3.943  -14.995 1.000 96.472  0 56  GLU A OE2  1 ? 
ATOM   889  H H    . GLU A 1 56 ? -4.713  -1.117  -10.435 1.000 50.072  0 56  GLU A H    1 c 
ATOM   890  H HA   . GLU A 1 56 ? -5.616  -0.005  -12.032 1.000 55.368  0 56  GLU A HA   1 c 
ATOM   891  H HB2  . GLU A 1 56 ? -7.502  -2.139  -11.981 1.000 61.732  0 56  GLU A HB2  1 c 
ATOM   892  H HB3  . GLU A 1 56 ? -7.415  -1.100  -13.177 1.000 61.723  0 56  GLU A HB3  1 c 
ATOM   893  H HG2  . GLU A 1 56 ? -5.256  -1.849  -13.702 1.000 70.474  0 56  GLU A HG2  1 c 
ATOM   894  H HG3  . GLU A 1 56 ? -5.283  -2.843  -12.473 1.000 70.441  0 56  GLU A HG3  1 c 
ATOM   895  N N    . THR A 1 57 ? -6.908  1.324   -10.076 1.000 49.753  0 57  THR A N    1 ? 
ATOM   896  C CA   . THR A 1 57 ? -7.808  2.253   -9.345  1.000 54.048  0 57  THR A CA   1 ? 
ATOM   897  C C    . THR A 1 57 ? -7.191  3.653   -9.427  1.000 46.291  0 57  THR A C    1 ? 
ATOM   898  O O    . THR A 1 57 ? -6.000  3.763   -9.782  1.000 50.010  0 57  THR A O    1 ? 
ATOM   899  C CB   . THR A 1 57 ? -8.094  1.677   -7.948  1.000 56.094  0 57  THR A CB   1 ? 
ATOM   900  O OG1  . THR A 1 57 ? -9.169  2.385   -7.340  1.000 63.255  0 57  THR A OG1  1 ? 
ATOM   901  C CG2  . THR A 1 57 ? -6.891  1.707   -7.032  1.000 56.618  0 57  THR A CG2  1 ? 
ATOM   902  H H    . THR A 1 57 ? -6.035  1.408   -9.828  1.000 52.288  0 57  THR A H    1 c 
ATOM   903  H HA   . THR A 1 57 ? -8.662  2.278   -9.833  1.000 52.031  0 57  THR A HA   1 c 
ATOM   904  H HB   . THR A 1 57 ? -8.368  0.735   -8.064  1.000 57.087  0 57  THR A HB   1 c 
ATOM   905  H HG1  . THR A 1 57 ? -9.330  2.074   -6.575  0.000 62.550  0 57  THR A HG1  1 c 
ATOM   906  H HG21 . THR A 1 57 ? -6.163  1.200   -7.433  1.000 56.435  0 57  THR A HG21 1 c 
ATOM   907  H HG22 . THR A 1 57 ? -7.125  1.313   -6.174  1.000 56.441  0 57  THR A HG22 1 c 
ATOM   908  H HG23 . THR A 1 57 ? -6.607  2.629   -6.896  1.000 56.425  0 57  THR A HG23 1 c 
ATOM   909  N N    . GLU A 1 58 ? -8.004  4.679   -9.204  1.000 49.954  0 58  GLU A N    1 ? 
ATOM   910  C CA   . GLU A 1 58 ? -7.574  6.089   -9.094  1.000 52.247  0 58  GLU A CA   1 ? 
ATOM   911  C C    . GLU A 1 58 ? -7.666  6.441   -7.617  1.000 56.956  0 58  GLU A C    1 ? 
ATOM   912  O O    . GLU A 1 58 ? -8.788  6.293   -7.062  1.000 54.527  0 58  GLU A O    1 ? 
ATOM   913  C CB   . GLU A 1 58 ? -8.489  6.991   -9.920  1.000 62.858  0 58  GLU A CB   1 ? 
ATOM   914  C CG   . GLU A 1 58 ? -8.266  8.477   -9.688  1.000 73.531  0 58  GLU A CG   1 ? 
ATOM   915  C CD   . GLU A 1 58 ? -7.480  9.211   -10.766 1.000 87.826  0 58  GLU A CD   1 ? 
ATOM   916  O OE1  . GLU A 1 58 ? -6.694  8.553   -11.500 1.000 97.079  0 58  GLU A OE1  1 ? 
ATOM   917  O OE2  . GLU A 1 58 ? -7.654  10.449  -10.869 1.000 93.256  0 58  GLU A OE2  1 ? 
ATOM   918  H H    . GLU A 1 58 ? -8.902  4.568   -9.100  1.000 49.656  0 58  GLU A H    1 c 
ATOM   919  H HA   . GLU A 1 58 ? -6.643  6.178   -9.403  1.000 54.500  0 58  GLU A HA   1 c 
ATOM   920  H HB2  . GLU A 1 58 ? -8.351  6.790   -10.869 1.000 62.536  0 58  GLU A HB2  1 c 
ATOM   921  H HB3  . GLU A 1 58 ? -9.419  6.774   -9.701  1.000 62.426  0 58  GLU A HB3  1 c 
ATOM   922  H HG2  . GLU A 1 58 ? -9.139  8.913   -9.602  1.000 73.873  0 58  GLU A HG2  1 c 
ATOM   923  H HG3  . GLU A 1 58 ? -7.796  8.600   -8.838  1.000 73.798  0 58  GLU A HG3  1 c 
ATOM   924  N N    . ILE A 1 59 ? -6.547  6.835   -6.995  1.000 47.881  0 59  ILE A N    1 ? 
ATOM   925  C CA   . ILE A 1 59 ? -6.590  7.422   -5.628  1.000 49.020  0 59  ILE A CA   1 ? 
ATOM   926  C C    . ILE A 1 59 ? -6.407  8.927   -5.770  1.000 51.661  0 59  ILE A C    1 ? 
ATOM   927  O O    . ILE A 1 59 ? -5.309  9.392   -6.071  1.000 54.137  0 59  ILE A O    1 ? 
ATOM   928  C CB   . ILE A 1 59 ? -5.556  6.796   -4.678  1.000 46.039  0 59  ILE A CB   1 ? 
ATOM   929  C CG1  . ILE A 1 59 ? -5.585  5.271   -4.716  1.000 42.832  0 59  ILE A CG1  1 ? 
ATOM   930  C CG2  . ILE A 1 59 ? -5.762  7.336   -3.274  1.000 47.369  0 59  ILE A CG2  1 ? 
ATOM   931  C CD1  . ILE A 1 59 ? -4.354  4.648   -4.135  1.000 46.225  0 59  ILE A CD1  1 ? 
ATOM   932  H H    . ILE A 1 59 ? -5.714  6.773   -7.357  1.000 50.105  0 59  ILE A H    1 c 
ATOM   933  H HA   . ILE A 1 59 ? -7.470  7.253   -5.254  1.000 48.768  0 59  ILE A HA   1 c 
ATOM   934  H HB   . ILE A 1 59 ? -4.659  7.084   -4.982  1.000 46.219  0 59  ILE A HB   1 c 
ATOM   935  H HG12 . ILE A 1 59 ? -6.365  4.955   -4.218  1.000 44.368  0 59  ILE A HG12 1 c 
ATOM   936  H HG13 . ILE A 1 59 ? -5.678  4.975   -5.646  1.000 44.365  0 59  ILE A HG13 1 c 
ATOM   937  H HG21 . ILE A 1 59 ? -5.655  8.302   -3.276  1.000 46.936  0 59  ILE A HG21 1 c 
ATOM   938  H HG22 . ILE A 1 59 ? -5.108  6.941   -2.673  1.000 46.943  0 59  ILE A HG22 1 c 
ATOM   939  H HG23 . ILE A 1 59 ? -6.658  7.112   -2.969  1.000 46.948  0 59  ILE A HG23 1 c 
ATOM   940  H HD11 . ILE A 1 59 ? -3.570  4.965   -4.615  1.000 45.160  0 59  ILE A HD11 1 c 
ATOM   941  H HD12 . ILE A 1 59 ? -4.412  3.679   -4.213  1.000 45.160  0 59  ILE A HD12 1 c 
ATOM   942  H HD13 . ILE A 1 59 ? -4.278  4.890   -3.195  1.000 45.167  0 59  ILE A HD13 1 c 
ATOM   943  N N    . PRO A 1 60 ? -7.461  9.721   -5.507  1.000 49.304  0 60  PRO A N    1 ? 
ATOM   944  C CA   . PRO A 1 60 ? -7.370  11.162  -5.656  1.000 53.517  0 60  PRO A CA   1 ? 
ATOM   945  C C    . PRO A 1 60 ? -6.423  11.695  -4.575  1.000 53.861  0 60  PRO A C    1 ? 
ATOM   946  O O    . PRO A 1 60 ? -6.420  11.161  -3.481  1.000 52.677  0 60  PRO A O    1 ? 
ATOM   947  C CB   . PRO A 1 60 ? -8.816  11.664  -5.493  1.000 57.250  0 60  PRO A CB   1 ? 
ATOM   948  C CG   . PRO A 1 60 ? -9.555  10.554  -4.756  1.000 57.475  0 60  PRO A CG   1 ? 
ATOM   949  C CD   . PRO A 1 60 ? -8.762  9.283   -4.982  1.000 54.598  0 60  PRO A CD   1 ? 
ATOM   950  H HA   . PRO A 1 60 ? -7.033  11.388  -6.559  1.000 53.438  0 60  PRO A HA   1 c 
ATOM   951  H HB2  . PRO A 1 60 ? -8.839  12.497  -4.976  1.000 56.396  0 60  PRO A HB2  1 c 
ATOM   952  H HB3  . PRO A 1 60 ? -9.226  11.828  -6.368  1.000 56.400  0 60  PRO A HB3  1 c 
ATOM   953  H HG2  . PRO A 1 60 ? -9.613  10.758  -3.800  1.000 56.742  0 60  PRO A HG2  1 c 
ATOM   954  H HG3  . PRO A 1 60 ? -10.463 10.456  -5.106  1.000 56.734  0 60  PRO A HG3  1 c 
ATOM   955  H HD2  . PRO A 1 60 ? -8.650  8.792   -4.147  1.000 53.966  0 60  PRO A HD2  1 c 
ATOM   956  H HD3  . PRO A 1 60 ? -9.214  8.705   -5.624  1.000 53.941  0 60  PRO A HD3  1 c 
ATOM   957  N N    . ASP A 1 61 ? -5.645  12.713  -4.926  1.000 52.742  0 61  ASP A N    1 ? 
ATOM   958  C CA   . ASP A 1 61 ? -4.542  13.257  -4.097  1.000 58.642  0 61  ASP A CA   1 ? 
ATOM   959  C C    . ASP A 1 61 ? -5.046  13.473  -2.662  1.000 51.670  0 61  ASP A C    1 ? 
ATOM   960  O O    . ASP A 1 61 ? -4.277  13.242  -1.732  1.000 51.714  0 61  ASP A O    1 ? 
ATOM   961  C CB   . ASP A 1 61 ? -3.971  14.527  -4.739  1.000 59.857  0 61  ASP A CB   1 ? 
ATOM   962  C CG   . ASP A 1 61 ? -3.182  14.320  -6.026  1.000 67.787  0 61  ASP A CG   1 ? 
ATOM   963  O OD1  . ASP A 1 61 ? -2.861  13.160  -6.364  1.000 71.561  0 61  ASP A OD1  1 ? 
ATOM   964  O OD2  . ASP A 1 61 ? -2.866  15.335  -6.678  1.000 77.725  0 61  ASP A OD2  1 ? 
ATOM   965  H H    . ASP A 1 61 ? -5.752  13.150  -5.718  1.000 54.393  0 61  ASP A H    1 c 
ATOM   966  H HA   . ASP A 1 61 ? -3.824  12.582  -4.071  1.000 56.342  0 61  ASP A HA   1 c 
ATOM   967  H HB2  . ASP A 1 61 ? -4.710  15.138  -4.933  1.000 61.314  0 61  ASP A HB2  1 c 
ATOM   968  H HB3  . ASP A 1 61 ? -3.382  14.964  -4.091  1.000 61.328  0 61  ASP A HB3  1 c 
ATOM   969  N N    . GLU A 1 62 ? -6.308  13.868  -2.481  1.000 58.129  0 62  GLU A N    1 ? 
ATOM   970  C CA   . GLU A 1 62 ? -6.867  14.248  -1.151  1.000 56.062  0 62  GLU A CA   1 ? 
ATOM   971  C C    . GLU A 1 62 ? -7.315  12.995  -0.396  1.000 53.939  0 62  GLU A C    1 ? 
ATOM   972  O O    . GLU A 1 62 ? -7.330  13.046  0.830   1.000 52.509  0 62  GLU A O    1 ? 
ATOM   973  C CB   . GLU A 1 62 ? -7.999  15.271  -1.288  1.000 72.094  0 62  GLU A CB   1 ? 
ATOM   974  C CG   . GLU A 1 62 ? -8.795  15.143  -2.575  1.000 82.989  0 62  GLU A CG   1 ? 
ATOM   975  C CD   . GLU A 1 62 ? -9.946  16.122  -2.738  1.000 98.255  0 62  GLU A CD   1 ? 
ATOM   976  O OE1  . GLU A 1 62 ? -10.047 17.080  -1.926  1.000 88.311  0 62  GLU A OE1  1 ? 
ATOM   977  O OE2  . GLU A 1 62 ? -10.738 15.922  -3.687  1.000 109.846 0 62  GLU A OE2  1 ? 
ATOM   978  H H    . GLU A 1 62 ? -6.902  13.915  -3.160  1.000 56.305  0 62  GLU A H    1 c 
ATOM   979  H HA   . GLU A 1 62 ? -6.144  14.668  -0.633  1.000 58.772  0 62  GLU A HA   1 c 
ATOM   980  H HB2  . GLU A 1 62 ? -8.609  15.166  -0.527  1.000 70.190  0 62  GLU A HB2  1 c 
ATOM   981  H HB3  . GLU A 1 62 ? -7.613  16.169  -1.242  1.000 70.245  0 62  GLU A HB3  1 c 
ATOM   982  H HG2  . GLU A 1 62 ? -8.189  15.270  -3.334  1.000 83.340  0 62  GLU A HG2  1 c 
ATOM   983  H HG3  . GLU A 1 62 ? -9.155  14.232  -2.636  1.000 83.427  0 62  GLU A HG3  1 c 
ATOM   984  N N    . GLU A 1 63 ? -7.664  11.907  -1.086  1.000 48.276  0 63  GLU A N    1 ? 
ATOM   985  C CA   . GLU A 1 63 ? -7.858  10.596  -0.417  1.000 51.369  0 63  GLU A CA   1 ? 
ATOM   986  C C    . GLU A 1 63 ? -6.480  10.097  0.036   1.000 41.965  0 63  GLU A C    1 ? 
ATOM   987  O O    . GLU A 1 63 ? -6.346  9.640   1.176   1.000 37.431  0 63  GLU A O    1 ? 
ATOM   988  C CB   . GLU A 1 63 ? -8.551  9.589   -1.346  1.000 59.897  0 63  GLU A CB   1 ? 
ATOM   989  C CG   . GLU A 1 63 ? -10.053 9.454   -1.101  1.000 73.809  0 63  GLU A CG   1 ? 
ATOM   990  C CD   . GLU A 1 63 ? -10.439 8.958   0.293   1.000 80.969  0 63  GLU A CD   1 ? 
ATOM   991  O OE1  . GLU A 1 63 ? -9.917  7.906   0.726   1.000 88.218  0 63  GLU A OE1  1 ? 
ATOM   992  O OE2  . GLU A 1 63 ? -11.239 9.641   0.962   1.000 85.898  0 63  GLU A OE2  1 ? 
ATOM   993  H H    . GLU A 1 63 ? -7.808  11.908  -1.985  1.000 50.360  0 63  GLU A H    1 c 
ATOM   994  H HA   . GLU A 1 63 ? -8.421  10.735  0.379   1.000 50.390  0 63  GLU A HA   1 c 
ATOM   995  H HB2  . GLU A 1 63 ? -8.402  9.865   -2.270  1.000 60.559  0 63  GLU A HB2  1 c 
ATOM   996  H HB3  . GLU A 1 63 ? -8.130  8.712   -1.224  1.000 60.620  0 63  GLU A HB3  1 c 
ATOM   997  H HG2  . GLU A 1 63 ? -10.474 10.327  -1.244  1.000 71.825  0 63  GLU A HG2  1 c 
ATOM   998  H HG3  . GLU A 1 63 ? -10.427 8.837   -1.764  1.000 71.755  0 63  GLU A HG3  1 c 
ATOM   999  N N    . ALA A 1 64 ? -5.502  10.199  -0.853  1.000 37.313  0 64  ALA A N    1 ? 
ATOM   1000 C CA   . ALA A 1 64 ? -4.133  9.687   -0.653  1.000 37.171  0 64  ALA A CA   1 ? 
ATOM   1001 C C    . ALA A 1 64 ? -3.527  10.309  0.611   1.000 34.800  0 64  ALA A C    1 ? 
ATOM   1002 O O    . ALA A 1 64 ? -2.826  9.613   1.296   1.000 32.829  0 64  ALA A O    1 ? 
ATOM   1003 C CB   . ALA A 1 64 ? -3.303  9.924   -1.893  1.000 38.886  0 64  ALA A CB   1 ? 
ATOM   1004 H H    . ALA A 1 64 ? -5.608  10.591  -1.670  1.000 38.376  0 64  ALA A H    1 c 
ATOM   1005 H HA   . ALA A 1 64 ? -4.196  8.714   -0.508  1.000 37.044  0 64  ALA A HA   1 c 
ATOM   1006 H HB1  . ALA A 1 64 ? -2.404  9.581   -1.752  1.000 38.360  0 64  ALA A HB1  1 c 
ATOM   1007 H HB2  . ALA A 1 64 ? -3.708  9.466   -2.648  1.000 38.374  0 64  ALA A HB2  1 c 
ATOM   1008 H HB3  . ALA A 1 64 ? -3.259  10.876  -2.079  1.000 38.378  0 64  ALA A HB3  1 c 
ATOM   1009 N N    . GLU A 1 65 ? -3.819  11.570  0.927   1.000 37.954  0 65  GLU A N    1 ? 
ATOM   1010 C CA   . GLU A 1 65 ? -3.368  12.275  2.158   1.000 38.594  0 65  GLU A CA   1 ? 
ATOM   1011 C C    . GLU A 1 65 ? -3.792  11.527  3.423   1.000 34.729  0 65  GLU A C    1 ? 
ATOM   1012 O O    . GLU A 1 65 ? -3.034  11.519  4.364   1.000 37.395  0 65  GLU A O    1 ? 
ATOM   1013 C CB   . GLU A 1 65 ? -3.991  13.668  2.255   1.000 45.020  0 65  GLU A CB   1 ? 
ATOM   1014 C CG   . GLU A 1 65 ? -3.307  14.709  1.397   1.000 53.904  0 65  GLU A CG   1 ? 
ATOM   1015 C CD   . GLU A 1 65 ? -3.129  16.008  2.162   1.000 58.610  0 65  GLU A CD   1 ? 
ATOM   1016 O OE1  . GLU A 1 65 ? -4.158  16.588  2.574   1.000 66.939  0 65  GLU A OE1  1 ? 
ATOM   1017 O OE2  . GLU A 1 65 ? -1.963  16.394  2.409   1.000 58.800  0 65  GLU A OE2  1 ? 
ATOM   1018 H H    . GLU A 1 65 ? -4.325  12.096  0.380   1.000 37.370  0 65  GLU A H    1 c 
ATOM   1019 H HA   . GLU A 1 65 ? -2.389  12.353  2.141   1.000 38.854  0 65  GLU A HA   1 c 
ATOM   1020 H HB2  . GLU A 1 65 ? -4.933  13.608  1.990   1.000 45.282  0 65  GLU A HB2  1 c 
ATOM   1021 H HB3  . GLU A 1 65 ? -3.960  13.959  3.191   1.000 45.325  0 65  GLU A HB3  1 c 
ATOM   1022 H HG2  . GLU A 1 65 ? -2.428  14.380  1.113   1.000 52.624  0 65  GLU A HG2  1 c 
ATOM   1023 H HG3  . GLU A 1 65 ? -3.845  14.879  0.595   1.000 52.674  0 65  GLU A HG3  1 c 
ATOM   1024 N N    . LYS A 1 66 ? -4.977  10.940  3.431   1.000 38.512  0 66  LYS A N    1 ? 
ATOM   1025 C CA   . LYS A 1 66 ? -5.571  10.294  4.623   1.000 43.006  0 66  LYS A CA   1 ? 
ATOM   1026 C C    . LYS A 1 66 ? -5.091  8.839   4.749   1.000 37.712  0 66  LYS A C    1 ? 
ATOM   1027 O O    . LYS A 1 66 ? -5.332  8.258   5.799   1.000 36.086  0 66  LYS A O    1 ? 
ATOM   1028 C CB   . LYS A 1 66 ? -7.100  10.314  4.521   1.000 52.617  0 66  LYS A CB   1 ? 
ATOM   1029 C CG   . LYS A 1 66 ? -7.735  11.677  4.251   1.000 59.733  0 66  LYS A CG   1 ? 
ATOM   1030 C CD   . LYS A 1 66 ? -7.654  12.614  5.428   1.000 69.061  0 66  LYS A CD   1 ? 
ATOM   1031 C CE   . LYS A 1 66 ? -8.462  13.886  5.242   1.000 75.154  0 66  LYS A CE   1 ? 
ATOM   1032 N NZ   . LYS A 1 66 ? -8.268  14.830  6.371   1.000 74.051  0 66  LYS A NZ   1 ? 
ATOM   1033 H H    . LYS A 1 66 ? -5.502  10.891  2.690   1.000 38.682  0 66  LYS A H    1 c 
ATOM   1034 H HA   . LYS A 1 66 ? -5.296  10.793  5.425   1.000 42.657  0 66  LYS A HA   1 c 
ATOM   1035 H HB2  . LYS A 1 66 ? -7.367  9.702   3.804   1.000 51.655  0 66  LYS A HB2  1 c 
ATOM   1036 H HB3  . LYS A 1 66 ? -7.467  9.964   5.360   1.000 51.680  0 66  LYS A HB3  1 c 
ATOM   1037 H HG2  . LYS A 1 66 ? -7.289  12.090  3.482   1.000 59.862  0 66  LYS A HG2  1 c 
ATOM   1038 H HG3  . LYS A 1 66 ? -8.678  11.543  4.013   1.000 59.960  0 66  LYS A HG3  1 c 
ATOM   1039 H HD2  . LYS A 1 66 ? -7.979  12.149  6.228   1.000 68.065  0 66  LYS A HD2  1 c 
ATOM   1040 H HD3  . LYS A 1 66 ? -6.716  12.855  5.580   1.000 68.065  0 66  LYS A HD3  1 c 
ATOM   1041 H HE2  . LYS A 1 66 ? -8.195  14.325  4.412   1.000 73.395  0 66  LYS A HE2  1 c 
ATOM   1042 H HE3  . LYS A 1 66 ? -9.411  13.664  5.175   1.000 73.395  0 66  LYS A HE3  1 c 
ATOM   1043 H HZ1  . LYS A 1 66 ? -8.535  14.442  7.147   1.000 74.360  0 66  LYS A HZ1  1 c 
ATOM   1044 H HZ2  . LYS A 1 66 ? -8.754  15.582  6.233   1.000 74.360  0 66  LYS A HZ2  1 c 
ATOM   1045 H HZ3  . LYS A 1 66 ? -7.390  15.051  6.439   1.000 74.360  0 66  LYS A HZ3  1 c 
ATOM   1046 N N    . ILE A 1 67 ? -4.458  8.262   3.730   1.000 31.719  0 67  ILE A N    1 ? 
ATOM   1047 C CA   . ILE A 1 67 ? -4.048  6.827   3.727   1.000 30.749  0 67  ILE A CA   1 ? 
ATOM   1048 C C    . ILE A 1 67 ? -2.638  6.730   4.339   1.000 31.456  0 67  ILE A C    1 ? 
ATOM   1049 O O    . ILE A 1 67 ? -1.649  6.603   3.604   1.000 32.031  0 67  ILE A O    1 ? 
ATOM   1050 C CB   . ILE A 1 67 ? -4.158  6.241   2.305   1.000 31.506  0 67  ILE A CB   1 ? 
ATOM   1051 C CG1  . ILE A 1 67 ? -5.590  6.364   1.767   1.000 34.283  0 67  ILE A CG1  1 ? 
ATOM   1052 C CG2  . ILE A 1 67 ? -3.681  4.802   2.263   1.000 30.806  0 67  ILE A CG2  1 ? 
ATOM   1053 C CD1  . ILE A 1 67 ? -5.729  5.994   0.315   1.000 40.401  0 67  ILE A CD1  1 ? 
ATOM   1054 H H    . ILE A 1 67 ? -4.234  8.706   2.968   1.000 32.812  0 67  ILE A H    1 c 
ATOM   1055 H HA   . ILE A 1 67 ? -4.662  6.335   4.301   1.000 31.227  0 67  ILE A HA   1 c 
ATOM   1056 H HB   . ILE A 1 67 ? -3.570  6.773   1.714   1.000 31.734  0 67  ILE A HB   1 c 
ATOM   1057 H HG12 . ILE A 1 67 ? -6.177  5.783   2.298   1.000 34.932  0 67  ILE A HG12 1 c 
ATOM   1058 H HG13 . ILE A 1 67 ? -5.896  7.287   1.886   1.000 34.931  0 67  ILE A HG13 1 c 
ATOM   1059 H HG21 . ILE A 1 67 ? -2.749  4.755   2.536   1.000 31.024  0 67  ILE A HG21 1 c 
ATOM   1060 H HG22 . ILE A 1 67 ? -3.765  4.455   1.358   1.000 31.049  0 67  ILE A HG22 1 c 
ATOM   1061 H HG23 . ILE A 1 67 ? -4.220  4.263   2.865   1.000 31.012  0 67  ILE A HG23 1 c 
ATOM   1062 H HD11 . ILE A 1 67 ? -5.126  6.539   -0.219  1.000 38.391  0 67  ILE A HD11 1 c 
ATOM   1063 H HD12 . ILE A 1 67 ? -6.645  6.150   0.027   1.000 38.394  0 67  ILE A HD12 1 c 
ATOM   1064 H HD13 . ILE A 1 67 ? -5.510  5.055   0.192   1.000 38.364  0 67  ILE A HD13 1 c 
ATOM   1065 N N    . THR A 1 68 ? -2.552  6.828   5.657   1.000 30.628  0 68  THR A N    1 ? 
ATOM   1066 C CA   . THR A 1 68 ? -1.274  6.998   6.393   1.000 28.323  0 68  THR A CA   1 ? 
ATOM   1067 C C    . THR A 1 68 ? -0.735  5.657   6.868   1.000 30.358  0 68  THR A C    1 ? 
ATOM   1068 O O    . THR A 1 68 ? 0.428   5.621   7.324   1.000 34.267  0 68  THR A O    1 ? 
ATOM   1069 C CB   . THR A 1 68 ? -1.423  7.982   7.556   1.000 29.728  0 68  THR A CB   1 ? 
ATOM   1070 O OG1  . THR A 1 68 ? -2.269  7.378   8.547   1.000 28.443  0 68  THR A OG1  1 ? 
ATOM   1071 C CG2  . THR A 1 68 ? -1.932  9.336   7.089   1.000 33.437  0 68  THR A CG2  1 ? 
ATOM   1072 H H    . THR A 1 68 ? -3.275  6.799   6.211   1.000 30.255  0 68  THR A H    1 c 
ATOM   1073 H HA   . THR A 1 68 ? -0.620  7.378   5.762   1.000 29.408  0 68  THR A HA   1 c 
ATOM   1074 H HB   . THR A 1 68 ? -0.528  8.112   7.953   1.000 29.870  0 68  THR A HB   1 c 
ATOM   1075 H HG1  . THR A 1 68 ? -2.369  7.905   9.199   0.000 28.310  0 68  THR A HG1  1 c 
ATOM   1076 H HG21 . THR A 1 68 ? -1.317  9.706   6.432   1.000 32.250  0 68  THR A HG21 1 c 
ATOM   1077 H HG22 . THR A 1 68 ? -1.995  9.940   7.850   1.000 32.250  0 68  THR A HG22 1 c 
ATOM   1078 H HG23 . THR A 1 68 ? -2.812  9.231   6.685   1.000 32.247  0 68  THR A HG23 1 c 
ATOM   1079 N N    . THR A 1 69 ? -1.531  4.595   6.760   1.000 31.312  0 69  THR A N    1 ? 
ATOM   1080 C CA   . THR A 1 69 ? -1.152  3.262   7.290   1.000 28.836  0 69  THR A CA   1 ? 
ATOM   1081 C C    . THR A 1 69 ? -1.435  2.187   6.238   1.000 30.036  0 69  THR A C    1 ? 
ATOM   1082 O O    . THR A 1 69 ? -2.310  2.362   5.361   1.000 28.391  0 69  THR A O    1 ? 
ATOM   1083 C CB   . THR A 1 69 ? -1.905  2.921   8.587   1.000 28.017  0 69  THR A CB   1 ? 
ATOM   1084 O OG1  . THR A 1 69 ? -3.313  2.915   8.270   1.000 26.121  0 69  THR A OG1  1 ? 
ATOM   1085 C CG2  . THR A 1 69 ? -1.593  3.877   9.731   1.000 27.028  0 69  THR A CG2  1 ? 
ATOM   1086 H H    . THR A 1 69 ? -2.352  4.603   6.366   1.000 30.484  0 69  THR A H    1 c 
ATOM   1087 H HA   . THR A 1 69 ? -0.187  3.270   7.479   1.000 29.372  0 69  THR A HA   1 c 
ATOM   1088 H HB   . THR A 1 69 ? -1.642  2.011   8.861   1.000 27.611  0 69  THR A HB   1 c 
ATOM   1089 H HG1  . THR A 1 69 ? -3.762  2.734   8.967   0.000 26.300  0 69  THR A HG1  1 c 
ATOM   1090 H HG21 . THR A 1 69 ? -0.640  3.844   9.931   1.000 27.328  0 69  THR A HG21 1 c 
ATOM   1091 H HG22 . THR A 1 69 ? -2.098  3.615   10.521  1.000 27.328  0 69  THR A HG22 1 c 
ATOM   1092 H HG23 . THR A 1 69 ? -1.838  4.783   9.476   1.000 27.333  0 69  THR A HG23 1 c 
ATOM   1093 N N    . VAL A 1 70 ? -0.750  1.071   6.383   1.000 28.551  0 70  VAL A N    1 ? 
ATOM   1094 C CA   . VAL A 1 70 ? -0.995  -0.144  5.571   1.000 27.959  0 70  VAL A CA   1 ? 
ATOM   1095 C C    . VAL A 1 70 ? -2.490  -0.480  5.648   1.000 30.286  0 70  VAL A C    1 ? 
ATOM   1096 O O    . VAL A 1 70 ? -3.120  -0.681  4.571   1.000 30.227  0 70  VAL A O    1 ? 
ATOM   1097 C CB   . VAL A 1 70 ? -0.051  -1.257  6.044   1.000 31.938  0 70  VAL A CB   1 ? 
ATOM   1098 C CG1  . VAL A 1 70 ? -0.381  -2.587  5.384   1.000 32.494  0 70  VAL A CG1  1 ? 
ATOM   1099 C CG2  . VAL A 1 70 ? 1.391   -0.839  5.804   1.000 31.218  0 70  VAL A CG2  1 ? 
ATOM   1100 H H    . VAL A 1 70 ? -0.102  0.973   7.013   1.000 28.780  0 70  VAL A H    1 c 
ATOM   1101 H HA   . VAL A 1 70 ? -0.778  0.065   4.644   1.000 29.233  0 70  VAL A HA   1 c 
ATOM   1102 H HB   . VAL A 1 70 ? -0.179  -1.361  7.018   1.000 31.110  0 70  VAL A HB   1 c 
ATOM   1103 H HG11 . VAL A 1 70 ? -1.281  -2.861  5.631   1.000 32.317  0 70  VAL A HG11 1 c 
ATOM   1104 H HG12 . VAL A 1 70 ? 0.253   -3.263  5.681   1.000 32.317  0 70  VAL A HG12 1 c 
ATOM   1105 H HG13 . VAL A 1 70 ? -0.325  -2.494  4.418   1.000 32.317  0 70  VAL A HG13 1 c 
ATOM   1106 H HG21 . VAL A 1 70 ? 1.519   -0.639  4.861   1.000 31.431  0 70  VAL A HG21 1 c 
ATOM   1107 H HG22 . VAL A 1 70 ? 1.986   -1.565  6.063   1.000 31.431  0 70  VAL A HG22 1 c 
ATOM   1108 H HG23 . VAL A 1 70 ? 1.599   -0.051  6.333   1.000 31.419  0 70  VAL A HG23 1 c 
ATOM   1109 N N    . GLN A 1 71 ? -3.079  -0.470  6.850   1.000 30.389  0 71  GLN A N    1 ? 
ATOM   1110 C CA   . GLN A 1 71 ? -4.529  -0.778  7.002   1.000 32.417  0 71  GLN A CA   1 ? 
ATOM   1111 C C    . GLN A 1 71 ? -5.357  0.144   6.117   1.000 30.910  0 71  GLN A C    1 ? 
ATOM   1112 O O    . GLN A 1 71 ? -6.325  -0.350  5.546   1.000 30.653  0 71  GLN A O    1 ? 
ATOM   1113 C CB   . GLN A 1 71 ? -5.031  -0.649  8.444   1.000 31.648  0 71  GLN A CB   1 ? 
ATOM   1114 C CG   . GLN A 1 71 ? -6.482  -1.096  8.647   1.000 33.837  0 71  GLN A CG   1 ? 
ATOM   1115 C CD   . GLN A 1 71 ? -6.684  -2.590  8.492   1.000 38.727  0 71  GLN A CD   1 ? 
ATOM   1116 O OE1  . GLN A 1 71 ? -5.946  -3.395  9.045   1.000 36.744  0 71  GLN A OE1  1 ? 
ATOM   1117 N NE2  . GLN A 1 71 ? -7.663  -2.977  7.694   1.000 37.597  0 71  GLN A NE2  1 ? 
ATOM   1118 H H    . GLN A 1 71 ? -2.640  -0.287  7.627   1.000 30.823  0 71  GLN A H    1 c 
ATOM   1119 H HA   . GLN A 1 71 ? -4.674  -1.705  6.704   1.000 31.592  0 71  GLN A HA   1 c 
ATOM   1120 H HB2  . GLN A 1 71 ? -4.452  -1.183  9.023   1.000 32.345  0 71  GLN A HB2  1 c 
ATOM   1121 H HB3  . GLN A 1 71 ? -4.945  0.289   8.720   1.000 32.330  0 71  GLN A HB3  1 c 
ATOM   1122 H HG2  . GLN A 1 71 ? -6.770  -0.834  9.547   1.000 34.383  0 71  GLN A HG2  1 c 
ATOM   1123 H HG3  . GLN A 1 71 ? -7.056  -0.627  8.006   1.000 34.384  0 71  GLN A HG3  1 c 
ATOM   1124 H HE21 . GLN A 1 71 ? -7.775  -3.835  7.515   1.000 37.935  0 71  GLN A HE21 1 c 
ATOM   1125 H HE22 . GLN A 1 71 ? -8.208  -2.381  7.340   1.000 37.930  0 71  GLN A HE22 1 c 
ATOM   1126 N N    . ALA A 1 72 ? -5.069  1.448   6.081   1.000 29.894  0 72  ALA A N    1 ? 
ATOM   1127 C CA   . ALA A 1 72 ? -5.917  2.392   5.315   1.000 30.812  0 72  ALA A CA   1 ? 
ATOM   1128 C C    . ALA A 1 72 ? -5.823  2.049   3.820   1.000 27.868  0 72  ALA A C    1 ? 
ATOM   1129 O O    . ALA A 1 72 ? -6.820  2.216   3.104   1.000 30.019  0 72  ALA A O    1 ? 
ATOM   1130 C CB   . ALA A 1 72 ? -5.565  3.847   5.600   1.000 30.107  0 72  ALA A CB   1 ? 
ATOM   1131 H H    . ALA A 1 72 ? -4.365  1.844   6.502   1.000 30.342  0 72  ALA A H    1 c 
ATOM   1132 H HA   . ALA A 1 72 ? -6.852  2.248   5.595   1.000 29.924  0 72  ALA A HA   1 c 
ATOM   1133 H HB1  . ALA A 1 72 ? -6.143  4.429   5.079   1.000 30.320  0 72  ALA A HB1  1 c 
ATOM   1134 H HB2  . ALA A 1 72 ? -5.689  4.032   6.546   1.000 30.324  0 72  ALA A HB2  1 c 
ATOM   1135 H HB3  . ALA A 1 72 ? -4.639  4.010   5.356   1.000 30.320  0 72  ALA A HB3  1 c 
ATOM   1136 N N    . ALA A 1 73 ? -4.677  1.598   3.352   1.000 26.990  0 73  ALA A N    1 ? 
ATOM   1137 C CA   . ALA A 1 73 ? -4.436  1.306   1.917   1.000 30.048  0 73  ALA A CA   1 ? 
ATOM   1138 C C    . ALA A 1 73 ? -5.257  0.064   1.534   1.000 31.880  0 73  ALA A C    1 ? 
ATOM   1139 O O    . ALA A 1 73 ? -5.973  0.085   0.492   1.000 32.646  0 73  ALA A O    1 ? 
ATOM   1140 C CB   . ALA A 1 73 ? -2.963  1.135   1.699   1.000 30.610  0 73  ALA A CB   1 ? 
ATOM   1141 H H    . ALA A 1 73 ? -3.948  1.434   3.871   1.000 27.912  0 73  ALA A H    1 c 
ATOM   1142 H HA   . ALA A 1 73 ? -4.751  2.072   1.382   1.000 29.877  0 73  ALA A HA   1 c 
ATOM   1143 H HB1  . ALA A 1 73 ? -2.791  0.961   0.759   1.000 30.432  0 73  ALA A HB1  1 c 
ATOM   1144 H HB2  . ALA A 1 73 ? -2.498  1.944   1.968   1.000 30.432  0 73  ALA A HB2  1 c 
ATOM   1145 H HB3  . ALA A 1 73 ? -2.641  0.386   2.229   1.000 30.426  0 73  ALA A HB3  1 c 
ATOM   1146 N N    . ILE A 1 74 ? -5.262  -0.934  2.417   1.000 33.901  0 74  ILE A N    1 ? 
ATOM   1147 C CA   . ILE A 1 74 ? -6.084  -2.171  2.270   1.000 34.476  0 74  ILE A CA   1 ? 
ATOM   1148 C C    . ILE A 1 74 ? -7.555  -1.767  2.225   1.000 33.926  0 74  ILE A C    1 ? 
ATOM   1149 O O    . ILE A 1 74 ? -8.223  -2.170  1.241   1.000 33.033  0 74  ILE A O    1 ? 
ATOM   1150 C CB   . ILE A 1 74 ? -5.773  -3.204  3.372   1.000 33.858  0 74  ILE A CB   1 ? 
ATOM   1151 C CG1  . ILE A 1 74 ? -4.324  -3.672  3.266   1.000 30.893  0 74  ILE A CG1  1 ? 
ATOM   1152 C CG2  . ILE A 1 74 ? -6.753  -4.381  3.356   1.000 36.716  0 74  ILE A CG2  1 ? 
ATOM   1153 C CD1  . ILE A 1 74 ? -3.817  -4.264  4.548   1.000 31.240  0 74  ILE A CD1  1 ? 
ATOM   1154 H H    . ILE A 1 74 ? -4.762  -0.917  3.177   1.000 33.507  0 74  ILE A H    1 c 
ATOM   1155 H HA   . ILE A 1 74 ? -5.859  -2.577  1.415   1.000 34.138  0 74  ILE A HA   1 c 
ATOM   1156 H HB   . ILE A 1 74 ? -5.873  -2.745  4.242   1.000 33.896  0 74  ILE A HB   1 c 
ATOM   1157 H HG12 . ILE A 1 74 ? -4.259  -4.344  2.556   1.000 31.677  0 74  ILE A HG12 1 c 
ATOM   1158 H HG13 . ILE A 1 74 ? -3.756  -2.912  3.021   1.000 31.671  0 74  ILE A HG13 1 c 
ATOM   1159 H HG21 . ILE A 1 74 ? -7.653  -4.060  3.538   1.000 35.851  0 74  ILE A HG21 1 c 
ATOM   1160 H HG22 . ILE A 1 74 ? -6.501  -5.026  4.039   1.000 35.802  0 74  ILE A HG22 1 c 
ATOM   1161 H HG23 . ILE A 1 74 ? -6.734  -4.810  2.484   1.000 35.819  0 74  ILE A HG23 1 c 
ATOM   1162 H HD11 . ILE A 1 74 ? -3.882  -3.605  5.261   1.000 31.139  0 74  ILE A HD11 1 c 
ATOM   1163 H HD12 . ILE A 1 74 ? -2.887  -4.529  4.438   1.000 31.136  0 74  ILE A HD12 1 c 
ATOM   1164 H HD13 . ILE A 1 74 ? -4.349  -5.046  4.781   1.000 31.152  0 74  ILE A HD13 1 c 
ATOM   1165 N N    . ASP A 1 75 ? -8.043  -0.974  3.193   1.000 34.539  0 75  ASP A N    1 ? 
ATOM   1166 C CA   . ASP A 1 75 ? -9.485  -0.604  3.272   1.000 36.500  0 75  ASP A CA   1 ? 
ATOM   1167 C C    . ASP A 1 75 ? -9.892  0.243   2.071   1.000 36.232  0 75  ASP A C    1 ? 
ATOM   1168 O O    . ASP A 1 75 ? -11.028 0.063   1.597   1.000 39.080  0 75  ASP A O    1 ? 
ATOM   1169 C CB   . ASP A 1 75 ? -9.883  0.098   4.584   1.000 38.016  0 75  ASP A CB   1 ? 
ATOM   1170 C CG   . ASP A 1 75 ? -9.759  -0.811  5.797   1.000 45.093  0 75  ASP A CG   1 ? 
ATOM   1171 O OD1  . ASP A 1 75 ? -9.621  -2.056  5.615   1.000 43.238  0 75  ASP A OD1  1 ? 
ATOM   1172 O OD2  . ASP A 1 75 ? -9.791  -0.276  6.916   1.000 53.280  0 75  ASP A OD2  1 ? 
ATOM   1173 H H    . ASP A 1 75 ? -7.525  -0.620  3.854   1.000 34.846  0 75  ASP A H    1 c 
ATOM   1174 H HA   . ASP A 1 75 ? -10.000 -1.442  3.226   1.000 36.363  0 75  ASP A HA   1 c 
ATOM   1175 H HB2  . ASP A 1 75 ? -9.310  0.879   4.719   1.000 39.195  0 75  ASP A HB2  1 c 
ATOM   1176 H HB3  . ASP A 1 75 ? -10.811 0.403   4.518   1.000 39.190  0 75  ASP A HB3  1 c 
ATOM   1177 N N    . TYR A 1 76 ? -9.046  1.156   1.601   1.000 36.159  0 76  TYR A N    1 ? 
ATOM   1178 C CA   . TYR A 1 76 ? -9.349  1.961   0.390   1.000 38.125  0 76  TYR A CA   1 ? 
ATOM   1179 C C    . TYR A 1 76 ? -9.495  1.037   -0.838  1.000 40.434  0 76  TYR A C    1 ? 
ATOM   1180 O O    . TYR A 1 76 ? -10.431 1.218   -1.643  1.000 39.718  0 76  TYR A O    1 ? 
ATOM   1181 C CB   . TYR A 1 76 ? -8.281  3.015   0.097   1.000 38.579  0 76  TYR A CB   1 ? 
ATOM   1182 C CG   . TYR A 1 76 ? -8.701  3.959   -1.002  1.000 41.954  0 76  TYR A CG   1 ? 
ATOM   1183 C CD1  . TYR A 1 76 ? -8.417  3.690   -2.330  1.000 44.381  0 76  TYR A CD1  1 ? 
ATOM   1184 C CD2  . TYR A 1 76 ? -9.475  5.081   -0.724  1.000 55.860  0 76  TYR A CD2  1 ? 
ATOM   1185 C CE1  . TYR A 1 76 ? -8.840  4.532   -3.349  1.000 46.378  0 76  TYR A CE1  1 ? 
ATOM   1186 C CE2  . TYR A 1 76 ? -9.911  5.929   -1.735  1.000 55.361  0 76  TYR A CE2  1 ? 
ATOM   1187 C CZ   . TYR A 1 76 ? -9.577  5.661   -3.052  1.000 51.080  0 76  TYR A CZ   1 ? 
ATOM   1188 O OH   . TYR A 1 76 ? -9.993  6.489   -4.055  1.000 67.843  0 76  TYR A OH   1 ? 
ATOM   1189 H H    . TYR A 1 76 ? -8.239  1.355   1.975   1.000 36.625  0 76  TYR A H    1 c 
ATOM   1190 H HA   . TYR A 1 76 ? -10.213 2.424   0.533   1.000 38.251  0 76  TYR A HA   1 c 
ATOM   1191 H HB2  . TYR A 1 76 ? -8.106  3.526   0.915   1.000 39.234  0 76  TYR A HB2  1 c 
ATOM   1192 H HB3  . TYR A 1 76 ? -7.452  2.562   -0.165  1.000 39.236  0 76  TYR A HB3  1 c 
ATOM   1193 H HD1  . TYR A 1 76 ? -7.907  2.928   -2.546  1.000 44.837  0 76  TYR A HD1  1 c 
ATOM   1194 H HD2  . TYR A 1 76 ? -9.702  5.275   0.170   1.000 51.864  0 76  TYR A HD2  1 c 
ATOM   1195 H HE1  . TYR A 1 76 ? -8.612  4.342   -4.243  1.000 47.226  0 76  TYR A HE1  1 c 
ATOM   1196 H HE2  . TYR A 1 76 ? -10.414 6.696   -1.525  1.000 53.992  0 76  TYR A HE2  1 c 
ATOM   1197 H HH   . TYR A 1 76 ? -9.732  6.189   -4.814  0.000 67.800  0 76  TYR A HH   1 c 
ATOM   1198 N N    . VAL A 1 77 ? -8.568  0.101   -1.014  1.000 38.088  0 77  VAL A N    1 ? 
ATOM   1199 C CA   . VAL A 1 77 ? -8.537  -0.792  -2.211  1.000 46.236  0 77  VAL A CA   1 ? 
ATOM   1200 C C    . VAL A 1 77 ? -9.759  -1.710  -2.165  1.000 44.848  0 77  VAL A C    1 ? 
ATOM   1201 O O    . VAL A 1 77 ? -10.423 -1.833  -3.187  1.000 45.255  0 77  VAL A O    1 ? 
ATOM   1202 C CB   . VAL A 1 77 ? -7.212  -1.566  -2.322  1.000 51.151  0 77  VAL A CB   1 ? 
ATOM   1203 C CG1  . VAL A 1 77 ? -7.303  -2.707  -3.325  1.000 59.326  0 77  VAL A CG1  1 ? 
ATOM   1204 C CG2  . VAL A 1 77 ? -6.070  -0.624  -2.680  1.000 51.349  0 77  VAL A CG2  1 ? 
ATOM   1205 H H    . VAL A 1 77 ? -7.893  -0.050  -0.421  1.000 40.470  0 77  VAL A H    1 c 
ATOM   1206 H HA   . VAL A 1 77 ? -8.618  -0.228  -3.002  1.000 45.157  0 77  VAL A HA   1 c 
ATOM   1207 H HB   . VAL A 1 77 ? -7.018  -1.957  -1.434  1.000 51.621  0 77  VAL A HB   1 c 
ATOM   1208 H HG11 . VAL A 1 77 ? -7.984  -3.342  -3.042  1.000 56.619  0 77  VAL A HG11 1 c 
ATOM   1209 H HG12 . VAL A 1 77 ? -6.445  -3.159  -3.376  1.000 56.569  0 77  VAL A HG12 1 c 
ATOM   1210 H HG13 . VAL A 1 77 ? -7.535  -2.353  -4.202  1.000 56.640  0 77  VAL A HG13 1 c 
ATOM   1211 H HG21 . VAL A 1 77 ? -6.242  -0.221  -3.550  1.000 51.272  0 77  VAL A HG21 1 c 
ATOM   1212 H HG22 . VAL A 1 77 ? -5.235  -1.122  -2.716  1.000 51.272  0 77  VAL A HG22 1 c 
ATOM   1213 H HG23 . VAL A 1 77 ? -6.002  0.076   -2.009  1.000 51.231  0 77  VAL A HG23 1 c 
ATOM   1214 N N    . LYS A 1 78 ? -10.054 -2.294  -1.008  1.000 47.254  0 78  LYS A N    1 ? 
ATOM   1215 C CA   . LYS A 1 78 ? -11.213 -3.203  -0.794  1.000 50.641  0 78  LYS A CA   1 ? 
ATOM   1216 C C    . LYS A 1 78 ? -12.525 -2.481  -1.109  1.000 54.884  0 78  LYS A C    1 ? 
ATOM   1217 O O    . LYS A 1 78 ? -13.427 -3.161  -1.616  1.000 58.232  0 78  LYS A O    1 ? 
ATOM   1218 C CB   . LYS A 1 78 ? -11.269 -3.696  0.654   1.000 49.997  0 78  LYS A CB   1 ? 
ATOM   1219 C CG   . LYS A 1 78 ? -10.361 -4.878  0.954   1.000 56.940  0 78  LYS A CG   1 ? 
ATOM   1220 C CD   . LYS A 1 78 ? -10.343 -5.244  2.422   1.000 56.052  0 78  LYS A CD   1 ? 
ATOM   1221 C CE   . LYS A 1 78 ? -9.830  -6.647  2.664   1.000 57.854  0 78  LYS A CE   1 ? 
ATOM   1222 N NZ   . LYS A 1 78 ? -9.674  -6.909  4.115   1.000 61.563  0 78  LYS A NZ   1 ? 
ATOM   1223 H H    . LYS A 1 78 ? -9.543  -2.178  -0.263  1.000 47.431  0 78  LYS A H    1 c 
ATOM   1224 H HA   . LYS A 1 78 ? -11.122 -3.978  -1.396  1.000 50.636  0 78  LYS A HA   1 c 
ATOM   1225 H HB2  . LYS A 1 78 ? -11.025 -2.955  1.246   1.000 51.691  0 78  LYS A HB2  1 c 
ATOM   1226 H HB3  . LYS A 1 78 ? -12.192 -3.953  0.861   1.000 51.706  0 78  LYS A HB3  1 c 
ATOM   1227 H HG2  . LYS A 1 78 ? -10.665 -5.653  0.433   1.000 55.018  0 78  LYS A HG2  1 c 
ATOM   1228 H HG3  . LYS A 1 78 ? -9.450  -4.660  0.666   1.000 55.014  0 78  LYS A HG3  1 c 
ATOM   1229 H HD2  . LYS A 1 78 ? -9.773  -4.609  2.905   1.000 56.605  0 78  LYS A HD2  1 c 
ATOM   1230 H HD3  . LYS A 1 78 ? -11.252 -5.172  2.784   1.000 56.649  0 78  LYS A HD3  1 c 
ATOM   1231 H HE2  . LYS A 1 78 ? -10.454 -7.296  2.288   1.000 58.270  0 78  LYS A HE2  1 c 
ATOM   1232 H HE3  . LYS A 1 78 ? -8.967  -6.763  2.223   1.000 58.270  0 78  LYS A HE3  1 c 
ATOM   1233 H HZ1  . LYS A 1 78 ? -9.081  -6.322  4.471   1.000 60.395  0 78  LYS A HZ1  1 c 
ATOM   1234 H HZ2  . LYS A 1 78 ? -9.368  -7.754  4.243   1.000 60.395  0 78  LYS A HZ2  1 c 
ATOM   1235 H HZ3  . LYS A 1 78 ? -10.473 -6.815  4.532   1.000 60.395  0 78  LYS A HZ3  1 c 
ATOM   1236 N N    . ALA A 1 79 ? -12.637 -1.182  -0.782  1.000 53.211  0 79  ALA A N    1 ? 
ATOM   1237 C CA   . ALA A 1 79 ? -13.870 -0.364  -0.954  1.000 58.484  0 79  ALA A CA   1 ? 
ATOM   1238 C C    . ALA A 1 79 ? -14.098 -0.034  -2.438  1.000 62.440  0 79  ALA A C    1 ? 
ATOM   1239 O O    . ALA A 1 79 ? -15.279 0.036   -2.843  1.000 62.192  0 79  ALA A O    1 ? 
ATOM   1240 C CB   . ALA A 1 79 ? -13.809 0.895   -0.119  1.000 57.555  0 79  ALA A CB   1 ? 
ATOM   1241 H H    . ALA A 1 79 ? -11.952 -0.701  -0.422  1.000 54.791  0 79  ALA A H    1 c 
ATOM   1242 H HA   . ALA A 1 79 ? -14.635 -0.902  -0.643  1.000 57.976  0 79  ALA A HA   1 c 
ATOM   1243 H HB1  . ALA A 1 79 ? -14.621 1.412   -0.251  1.000 57.823  0 79  ALA A HB1  1 c 
ATOM   1244 H HB2  . ALA A 1 79 ? -13.725 0.659   0.820   1.000 57.823  0 79  ALA A HB2  1 c 
ATOM   1245 H HB3  . ALA A 1 79 ? -13.040 1.427   -0.388  1.000 57.818  0 79  ALA A HB3  1 c 
ATOM   1246 N N    . HIS A 1 80 ? -13.011 0.130   -3.204  1.000 67.864  0 80  HIS A N    1 ? 
ATOM   1247 C CA   . HIS A 1 80 ? -12.990 0.360   -4.675  1.000 71.536  0 80  HIS A CA   1 ? 
ATOM   1248 C C    . HIS A 1 80 ? -12.860 -0.981  -5.415  1.000 81.649  0 80  HIS A C    1 ? 
ATOM   1249 O O    . HIS A 1 80 ? -12.305 -0.988  -6.539  1.000 87.229  0 80  HIS A O    1 ? 
ATOM   1250 C CB   . HIS A 1 80 ? -11.875 1.358   -5.028  1.000 70.879  0 80  HIS A CB   1 ? 
ATOM   1251 C CG   . HIS A 1 80 ? -12.179 2.756   -4.598  1.000 73.603  0 80  HIS A CG   1 ? 
ATOM   1252 N ND1  . HIS A 1 80 ? -12.760 3.042   -3.377  1.000 82.054  0 80  HIS A ND1  1 ? 
ATOM   1253 C CD2  . HIS A 1 80 ? -11.994 3.943   -5.214  1.000 80.377  0 80  HIS A CD2  1 ? 
ATOM   1254 C CE1  . HIS A 1 80 ? -12.922 4.341   -3.260  1.000 84.116  0 80  HIS A CE1  1 ? 
ATOM   1255 N NE2  . HIS A 1 80 ? -12.462 4.920   -4.378  1.000 86.256  0 80  HIS A NE2  1 ? 
ATOM   1256 H H    . HIS A 1 80 ? -12.169 0.115   -2.855  1.000 67.341  0 80  HIS A H    1 c 
ATOM   1257 H HA   . HIS A 1 80 ? -13.853 0.762   -4.929  1.000 72.461  0 80  HIS A HA   1 c 
ATOM   1258 H HB2  . HIS A 1 80 ? -11.037 1.068   -4.602  1.000 71.660  0 80  HIS A HB2  1 c 
ATOM   1259 H HB3  . HIS A 1 80 ? -11.734 1.349   -6.000  1.000 71.693  0 80  HIS A HB3  1 c 
ATOM   1260 H HD1  . HIS A 1 80 ? -12.999 2.425   -2.780  0.000 81.440  0 80  HIS A HD1  1 c 
ATOM   1261 H HD2  . HIS A 1 80 ? -11.617 4.080   -6.062  1.000 80.051  0 80  HIS A HD2  1 c 
ATOM   1262 H HE1  . HIS A 1 80 ? -13.294 4.785   -2.517  1.000 83.781  0 80  HIS A HE1  1 c 
ATOM   1263 H HE2  . HIS A 1 80 ? -12.450 5.760   -4.534  0.000 86.200  0 80  HIS A HE2  1 c 
ATOM   1264 N N    . GLN A 1 81 ? -13.333 -2.070  -4.793  1.000 94.231  0 81  GLN A N    1 ? 
ATOM   1265 C CA   . GLN A 1 81 ? -13.488 -3.424  -5.398  1.000 104.184 0 81  GLN A CA   1 ? 
ATOM   1266 C C    . GLN A 1 81 ? -14.840 -4.016  -4.971  1.000 114.922 0 81  GLN A C    1 ? 
ATOM   1267 O O    . GLN A 1 81 ? -15.393 -4.813  -5.751  1.000 131.230 0 81  GLN A O    1 ? 
ATOM   1268 C CB   . GLN A 1 81 ? -12.357 -4.380  -4.991  1.000 100.695 0 81  GLN A CB   1 ? 
ATOM   1269 C CG   . GLN A 1 81 ? -10.943 -3.893  -5.309  1.000 100.488 0 81  GLN A CG   1 ? 
ATOM   1270 C CD   . GLN A 1 81 ? -10.416 -4.205  -6.691  1.000 94.700  0 81  GLN A CD   1 ? 
ATOM   1271 O OE1  . GLN A 1 81 ? -9.469  -4.977  -6.856  1.000 83.586  0 81  GLN A OE1  1 ? 
ATOM   1272 N NE2  . GLN A 1 81 ? -10.975 -3.547  -7.696  1.000 94.761  0 81  GLN A NE2  1 ? 
ATOM   1273 H H    . GLN A 1 81 ? -13.556 -2.052  -3.917  1.000 93.217  0 81  GLN A H    1 c 
ATOM   1274 H HA   . GLN A 1 81 ? -13.484 -3.328  -6.379  1.000 103.375 0 81  GLN A HA   1 c 
ATOM   1275 H HB2  . GLN A 1 81 ? -12.425 -4.537  -4.025  1.000 101.471 0 81  GLN A HB2  1 c 
ATOM   1276 H HB3  . GLN A 1 81 ? -12.505 -5.239  -5.440  1.000 101.451 0 81  GLN A HB3  1 c 
ATOM   1277 H HG2  . GLN A 1 81 ? -10.915 -2.923  -5.189  1.000 98.879  0 81  GLN A HG2  1 c 
ATOM   1278 H HG3  . GLN A 1 81 ? -10.327 -4.281  -4.651  1.000 99.080  0 81  GLN A HG3  1 c 
ATOM   1279 H HE21 . GLN A 1 81 ? -10.801 -3.781  -8.531  1.000 94.731  0 81  GLN A HE21 1 c 
ATOM   1280 H HE22 . GLN A 1 81 ? -11.515 -2.865  -7.533  1.000 94.782  0 81  GLN A HE22 1 c 
ATOM   1281 N N    . ALA A 1 82 ? -15.346 -3.655  -3.782  1.000 112.255 0 82  ALA A N    1 ? 
ATOM   1282 C CA   . ALA A 1 82 ? -16.610 -4.168  -3.201  1.000 106.769 0 82  ALA A CA   1 ? 
ATOM   1283 C C    . ALA A 1 82 ? -17.320 -3.040  -2.438  1.000 101.362 0 82  ALA A C    1 ? 
ATOM   1284 O O    . ALA A 1 82 ? -17.457 -3.065  -1.218  1.000 97.639  0 82  ALA A O    1 ? 
ATOM   1285 C CB   . ALA A 1 82 ? -16.315 -5.365  -2.323  1.000 100.682 0 82  ALA A CB   1 ? 
ATOM   1286 H H    . ALA A 1 82 ? -14.931 -3.070  -3.223  1.000 111.415 0 82  ALA A H    1 c 
ATOM   1287 H HA   . ALA A 1 82 ? -17.196 -4.455  -3.939  1.000 105.649 0 82  ALA A HA   1 c 
ATOM   1288 H HB1  . ALA A 1 82 ? -17.141 -5.697  -1.935  1.000 102.587 0 82  ALA A HB1  1 c 
ATOM   1289 H HB2  . ALA A 1 82 ? -15.905 -6.066  -2.859  1.000 102.587 0 82  ALA A HB2  1 c 
ATOM   1290 H HB3  . ALA A 1 82 ? -15.704 -5.105  -1.613  1.000 102.583 0 82  ALA A HB3  1 c 
HETATM 1291 O O    . HOH B 2 .  ? 11.779  7.965   -9.158  1.000 48.453  0 101 HOH A O    1 ? 
HETATM 1292 O O    . HOH B 2 .  ? 9.064   17.278  -0.253  1.000 49.899  0 102 HOH A O    1 ? 
HETATM 1293 O O    . HOH B 2 .  ? -4.240  -12.012 3.147   1.000 45.777  0 103 HOH A O    1 ? 
HETATM 1294 O O    . HOH B 2 .  ? 10.951  4.184   -2.870  1.000 38.312  0 104 HOH A O    1 ? 
HETATM 1295 O O    . HOH B 2 .  ? -6.362  -10.495 -4.584  1.000 40.995  0 105 HOH A O    1 ? 
HETATM 1296 O O    . HOH B 2 .  ? -1.283  5.884   -11.386 1.000 46.718  0 106 HOH A O    1 ? 
HETATM 1297 O O    . HOH B 2 .  ? -11.334 -0.952  8.746   1.000 38.448  0 107 HOH A O    1 ? 
HETATM 1298 O O    . HOH B 2 .  ? -7.663  -5.582  -8.558  1.000 62.994  0 108 HOH A O    1 ? 
HETATM 1299 O O    . HOH B 2 .  ? 13.153  8.665   -1.952  1.000 54.006  0 109 HOH A O    1 ? 
HETATM 1300 O O    . HOH B 2 .  ? 12.516  4.829   1.753   1.000 49.425  0 110 HOH A O    1 ? 
HETATM 1301 O O    . HOH B 2 .  ? -1.710  16.862  -0.193  1.000 65.333  0 111 HOH A O    1 ? 
HETATM 1302 O O    . HOH B 2 .  ? 11.732  3.106   3.454   1.000 44.804  0 112 HOH A O    1 ? 
HETATM 1303 O O    . HOH B 2 .  ? -4.280  5.394   8.423   1.000 33.759  0 113 HOH A O    1 ? 
HETATM 1304 O O    . HOH B 2 .  ? -1.313  -18.903 -10.776 1.000 35.214  0 114 HOH A O    1 ? 
HETATM 1305 O O    . HOH B 2 .  ? 1.810   -3.803  -9.880  1.000 46.885  0 115 HOH A O    1 ? 
HETATM 1306 O O    . HOH B 2 .  ? 2.488   -1.548  -9.126  1.000 45.544  0 116 HOH A O    1 ? 
HETATM 1307 O O    . HOH B 2 .  ? 11.285  6.651   -4.319  1.000 53.906  0 117 HOH A O    1 ? 
HETATM 1308 O O    . HOH B 2 .  ? -0.508  -7.528  9.464   1.000 36.124  0 118 HOH A O    1 ? 
HETATM 1309 O O    . HOH B 2 .  ? -13.089 -1.384  2.818   1.000 53.648  0 119 HOH A O    1 ? 
HETATM 1310 O O    . HOH B 2 .  ? -7.213  -8.958  2.109   1.000 41.095  0 120 HOH A O    1 ? 
HETATM 1311 O O    . HOH B 2 .  ? 3.279   -8.921  6.625   1.000 52.549  0 121 HOH A O    1 ? 
HETATM 1312 O O    . HOH B 2 .  ? -1.510  12.993  -2.722  1.000 57.367  0 122 HOH A O    1 ? 
HETATM 1313 O O    . HOH B 2 .  ? 0.970   10.050  -6.536  1.000 43.289  0 123 HOH A O    1 ? 
HETATM 1314 O O    . HOH B 2 .  ? 5.721   3.918   -9.052  1.000 49.865  0 124 HOH A O    1 ? 
HETATM 1315 O O    . HOH B 2 .  ? -8.736  -10.424 -0.833  1.000 44.302  0 125 HOH A O    1 ? 
HETATM 1316 O O    . HOH B 2 .  ? 5.909   -7.864  -6.592  1.000 57.046  0 126 HOH A O    1 ? 
HETATM 1317 O O    . HOH B 2 .  ? 10.371  7.858   12.660  1.000 65.808  0 127 HOH A O    1 ? 
HETATM 1318 O O    . HOH B 2 .  ? 13.267  -4.343  6.601   1.000 59.635  0 128 HOH A O    1 ? 
HETATM 1319 O O    . HOH B 2 .  ? -13.473 7.743   -0.597  0.500 67.559  0 129 HOH A O    1 ? 
HETATM 1320 O O    . HOH B 2 .  ? 4.695   1.279   -15.730 1.000 64.055  0 130 HOH A O    1 ? 
HETATM 1321 O O    . HOH B 2 .  ? -0.892  11.115  -4.378  1.000 41.322  0 131 HOH A O    1 ? 
HETATM 1322 O O    . HOH B 2 .  ? 12.434  2.545   -4.679  1.000 60.301  0 132 HOH A O    1 ? 
HETATM 1323 O O    . HOH B 2 .  ? -7.551  -2.510  -17.797 0.500 67.371  0 133 HOH A O    1 ? 
HETATM 1324 O O    . HOH B 2 .  ? -12.353 3.539   2.597   1.000 53.950  0 134 HOH A O    1 ? 
HETATM 1325 O O    . HOH B 2 .  ? 8.220   5.126   -10.291 1.000 55.347  0 135 HOH A O    1 ? 
HETATM 1326 O O    . HOH B 2 .  ? 3.810   -14.915 2.221   1.000 60.856  0 136 HOH A O    1 ? 
HETATM 1327 O O    . HOH B 2 .  ? 7.024   3.018   -12.725 1.000 60.641  0 137 HOH A O    1 ? 
# 
